data_3ILC
# 
_entry.id   3ILC 
# 
_audit_conform.dict_name       mmcif_pdbx.dic 
_audit_conform.dict_version    5.380 
_audit_conform.dict_location   http://mmcif.pdb.org/dictionaries/ascii/mmcif_pdbx.dic 
# 
loop_
_database_2.database_id 
_database_2.database_code 
_database_2.pdbx_database_accession 
_database_2.pdbx_DOI 
PDB   3ILC         pdb_00003ilc 10.2210/pdb3ilc/pdb 
RCSB  RCSB054554   ?            ?                   
WWPDB D_1000054554 ?            ?                   
# 
loop_
_pdbx_database_related.db_name 
_pdbx_database_related.db_id 
_pdbx_database_related.details 
_pdbx_database_related.content_type 
PDB 3IHC wild   unspecified 
PDB 3IIH wild   unspecified 
PDB 3IHD mutant unspecified 
PDB 3IHE mutant unspecified 
PDB 3IIG mutant unspecified 
PDB 3IHF mutant unspecified 
PDB 3ILB mutant unspecified 
# 
_pdbx_database_status.status_code                     REL 
_pdbx_database_status.entry_id                        3ILC 
_pdbx_database_status.recvd_initial_deposition_date   2009-08-07 
_pdbx_database_status.deposit_site                    RCSB 
_pdbx_database_status.process_site                    PDBJ 
_pdbx_database_status.status_code_sf                  REL 
_pdbx_database_status.status_code_mr                  ? 
_pdbx_database_status.SG_entry                        ? 
_pdbx_database_status.pdb_format_compatible           Y 
_pdbx_database_status.status_code_cs                  ? 
_pdbx_database_status.status_code_nmr_data            ? 
_pdbx_database_status.methods_development_category    ? 
# 
loop_
_audit_author.name 
_audit_author.pdbx_ordinal 
'Priyadarshi, A.' 1 
'Hwang, K.Y.'     2 
# 
_citation.id                        primary 
_citation.title                     
'Structural insights into mouse anti-apoptotic Bcl-xl reveal affinity for Beclin 1 and gossypol.' 
_citation.journal_abbrev            Biochem.Biophys.Res.Commun. 
_citation.journal_volume            ? 
_citation.page_first                ? 
_citation.page_last                 ? 
_citation.year                      2010 
_citation.journal_id_ASTM           BBRCA9 
_citation.country                   US 
_citation.journal_id_ISSN           1090-2104 
_citation.journal_id_CSD            0146 
_citation.book_publisher            ? 
_citation.pdbx_database_id_PubMed   20206602 
_citation.pdbx_database_id_DOI      10.1016/j.bbrc.2010.03.002 
# 
loop_
_citation_author.citation_id 
_citation_author.name 
_citation_author.ordinal 
_citation_author.identifier_ORCID 
primary 'Priyadarshi, A.' 1 ? 
primary 'Roy, A.'         2 ? 
primary 'Kim, K.S.'       3 ? 
primary 'Kim, E.E.'       4 ? 
primary 'Hwang, K.Y.'     5 ? 
# 
_cell.entry_id           3ILC 
_cell.length_a           62.860 
_cell.length_b           62.860 
_cell.length_c           110.267 
_cell.angle_alpha        90.00 
_cell.angle_beta         90.00 
_cell.angle_gamma        90.00 
_cell.Z_PDB              8 
_cell.pdbx_unique_axis   ? 
_cell.length_a_esd       ? 
_cell.length_b_esd       ? 
_cell.length_c_esd       ? 
_cell.angle_alpha_esd    ? 
_cell.angle_beta_esd     ? 
_cell.angle_gamma_esd    ? 
# 
_symmetry.entry_id                         3ILC 
_symmetry.space_group_name_H-M             'P 41 21 2' 
_symmetry.pdbx_full_space_group_name_H-M   ? 
_symmetry.cell_setting                     ? 
_symmetry.Int_Tables_number                92 
_symmetry.space_group_name_Hall            ? 
# 
loop_
_entity.id 
_entity.type 
_entity.src_method 
_entity.pdbx_description 
_entity.formula_weight 
_entity.pdbx_number_of_molecules 
_entity.pdbx_ec 
_entity.pdbx_mutation 
_entity.pdbx_fragment 
_entity.details 
1 polymer man 'Bcl-2-like protein 1' 22102.260 1  ? Y101A 'UNP residues 1-196' ? 
2 water   nat water                  18.015    86 ? ?     ?                    ? 
# 
_entity_poly.entity_id                      1 
_entity_poly.type                           'polypeptide(L)' 
_entity_poly.nstd_linkage                   no 
_entity_poly.nstd_monomer                   no 
_entity_poly.pdbx_seq_one_letter_code       
;HMSQSNRELVVDFLSYKLSQKGYSWSQFSDVEENRTEAPEETEAERETPSAINGNPSWHLADSPAVNGATGHSSSLDARE
VIPMAAVKQALREAGDEFELRARRAFSDLTSQLHITPGTAYQSFEQVVNELFRDGVNWGRIVAFFSFGGALCVESVDKEM
QVLVSRIASWMATYLNDHLEPWIQENGGWDTFVDLYG
;
_entity_poly.pdbx_seq_one_letter_code_can   
;HMSQSNRELVVDFLSYKLSQKGYSWSQFSDVEENRTEAPEETEAERETPSAINGNPSWHLADSPAVNGATGHSSSLDARE
VIPMAAVKQALREAGDEFELRARRAFSDLTSQLHITPGTAYQSFEQVVNELFRDGVNWGRIVAFFSFGGALCVESVDKEM
QVLVSRIASWMATYLNDHLEPWIQENGGWDTFVDLYG
;
_entity_poly.pdbx_strand_id                 A 
_entity_poly.pdbx_target_identifier         ? 
# 
loop_
_entity_poly_seq.entity_id 
_entity_poly_seq.num 
_entity_poly_seq.mon_id 
_entity_poly_seq.hetero 
1 1   HIS n 
1 2   MET n 
1 3   SER n 
1 4   GLN n 
1 5   SER n 
1 6   ASN n 
1 7   ARG n 
1 8   GLU n 
1 9   LEU n 
1 10  VAL n 
1 11  VAL n 
1 12  ASP n 
1 13  PHE n 
1 14  LEU n 
1 15  SER n 
1 16  TYR n 
1 17  LYS n 
1 18  LEU n 
1 19  SER n 
1 20  GLN n 
1 21  LYS n 
1 22  GLY n 
1 23  TYR n 
1 24  SER n 
1 25  TRP n 
1 26  SER n 
1 27  GLN n 
1 28  PHE n 
1 29  SER n 
1 30  ASP n 
1 31  VAL n 
1 32  GLU n 
1 33  GLU n 
1 34  ASN n 
1 35  ARG n 
1 36  THR n 
1 37  GLU n 
1 38  ALA n 
1 39  PRO n 
1 40  GLU n 
1 41  GLU n 
1 42  THR n 
1 43  GLU n 
1 44  ALA n 
1 45  GLU n 
1 46  ARG n 
1 47  GLU n 
1 48  THR n 
1 49  PRO n 
1 50  SER n 
1 51  ALA n 
1 52  ILE n 
1 53  ASN n 
1 54  GLY n 
1 55  ASN n 
1 56  PRO n 
1 57  SER n 
1 58  TRP n 
1 59  HIS n 
1 60  LEU n 
1 61  ALA n 
1 62  ASP n 
1 63  SER n 
1 64  PRO n 
1 65  ALA n 
1 66  VAL n 
1 67  ASN n 
1 68  GLY n 
1 69  ALA n 
1 70  THR n 
1 71  GLY n 
1 72  HIS n 
1 73  SER n 
1 74  SER n 
1 75  SER n 
1 76  LEU n 
1 77  ASP n 
1 78  ALA n 
1 79  ARG n 
1 80  GLU n 
1 81  VAL n 
1 82  ILE n 
1 83  PRO n 
1 84  MET n 
1 85  ALA n 
1 86  ALA n 
1 87  VAL n 
1 88  LYS n 
1 89  GLN n 
1 90  ALA n 
1 91  LEU n 
1 92  ARG n 
1 93  GLU n 
1 94  ALA n 
1 95  GLY n 
1 96  ASP n 
1 97  GLU n 
1 98  PHE n 
1 99  GLU n 
1 100 LEU n 
1 101 ARG n 
1 102 ALA n 
1 103 ARG n 
1 104 ARG n 
1 105 ALA n 
1 106 PHE n 
1 107 SER n 
1 108 ASP n 
1 109 LEU n 
1 110 THR n 
1 111 SER n 
1 112 GLN n 
1 113 LEU n 
1 114 HIS n 
1 115 ILE n 
1 116 THR n 
1 117 PRO n 
1 118 GLY n 
1 119 THR n 
1 120 ALA n 
1 121 TYR n 
1 122 GLN n 
1 123 SER n 
1 124 PHE n 
1 125 GLU n 
1 126 GLN n 
1 127 VAL n 
1 128 VAL n 
1 129 ASN n 
1 130 GLU n 
1 131 LEU n 
1 132 PHE n 
1 133 ARG n 
1 134 ASP n 
1 135 GLY n 
1 136 VAL n 
1 137 ASN n 
1 138 TRP n 
1 139 GLY n 
1 140 ARG n 
1 141 ILE n 
1 142 VAL n 
1 143 ALA n 
1 144 PHE n 
1 145 PHE n 
1 146 SER n 
1 147 PHE n 
1 148 GLY n 
1 149 GLY n 
1 150 ALA n 
1 151 LEU n 
1 152 CYS n 
1 153 VAL n 
1 154 GLU n 
1 155 SER n 
1 156 VAL n 
1 157 ASP n 
1 158 LYS n 
1 159 GLU n 
1 160 MET n 
1 161 GLN n 
1 162 VAL n 
1 163 LEU n 
1 164 VAL n 
1 165 SER n 
1 166 ARG n 
1 167 ILE n 
1 168 ALA n 
1 169 SER n 
1 170 TRP n 
1 171 MET n 
1 172 ALA n 
1 173 THR n 
1 174 TYR n 
1 175 LEU n 
1 176 ASN n 
1 177 ASP n 
1 178 HIS n 
1 179 LEU n 
1 180 GLU n 
1 181 PRO n 
1 182 TRP n 
1 183 ILE n 
1 184 GLN n 
1 185 GLU n 
1 186 ASN n 
1 187 GLY n 
1 188 GLY n 
1 189 TRP n 
1 190 ASP n 
1 191 THR n 
1 192 PHE n 
1 193 VAL n 
1 194 ASP n 
1 195 LEU n 
1 196 TYR n 
1 197 GLY n 
# 
_entity_src_gen.entity_id                          1 
_entity_src_gen.pdbx_src_id                        1 
_entity_src_gen.pdbx_alt_source_flag               sample 
_entity_src_gen.pdbx_seq_type                      ? 
_entity_src_gen.pdbx_beg_seq_num                   ? 
_entity_src_gen.pdbx_end_seq_num                   ? 
_entity_src_gen.gene_src_common_name               mouse 
_entity_src_gen.gene_src_genus                     ? 
_entity_src_gen.pdbx_gene_src_gene                 'Bcl-xl, Bcl2l, Bcl2l1, Bclx' 
_entity_src_gen.gene_src_species                   ? 
_entity_src_gen.gene_src_strain                    ? 
_entity_src_gen.gene_src_tissue                    ? 
_entity_src_gen.gene_src_tissue_fraction           ? 
_entity_src_gen.gene_src_details                   ? 
_entity_src_gen.pdbx_gene_src_fragment             ? 
_entity_src_gen.pdbx_gene_src_scientific_name      'Mus musculus' 
_entity_src_gen.pdbx_gene_src_ncbi_taxonomy_id     10090 
_entity_src_gen.pdbx_gene_src_variant              ? 
_entity_src_gen.pdbx_gene_src_cell_line            ? 
_entity_src_gen.pdbx_gene_src_atcc                 ? 
_entity_src_gen.pdbx_gene_src_organ                ? 
_entity_src_gen.pdbx_gene_src_organelle            ? 
_entity_src_gen.pdbx_gene_src_cell                 ? 
_entity_src_gen.pdbx_gene_src_cellular_location    ? 
_entity_src_gen.host_org_common_name               ? 
_entity_src_gen.pdbx_host_org_scientific_name      'Escherichia coli' 
_entity_src_gen.pdbx_host_org_ncbi_taxonomy_id     562 
_entity_src_gen.host_org_genus                     ? 
_entity_src_gen.pdbx_host_org_gene                 ? 
_entity_src_gen.pdbx_host_org_organ                ? 
_entity_src_gen.host_org_species                   ? 
_entity_src_gen.pdbx_host_org_tissue               ? 
_entity_src_gen.pdbx_host_org_tissue_fraction      ? 
_entity_src_gen.pdbx_host_org_strain               'BL21(DE3)' 
_entity_src_gen.pdbx_host_org_variant              ? 
_entity_src_gen.pdbx_host_org_cell_line            ? 
_entity_src_gen.pdbx_host_org_atcc                 ? 
_entity_src_gen.pdbx_host_org_culture_collection   ? 
_entity_src_gen.pdbx_host_org_cell                 ? 
_entity_src_gen.pdbx_host_org_organelle            ? 
_entity_src_gen.pdbx_host_org_cellular_location    ? 
_entity_src_gen.pdbx_host_org_vector_type          Plasmid 
_entity_src_gen.pdbx_host_org_vector               ? 
_entity_src_gen.host_org_details                   ? 
_entity_src_gen.expression_system_id               ? 
_entity_src_gen.plasmid_name                       pET28a 
_entity_src_gen.plasmid_details                    ? 
_entity_src_gen.pdbx_description                   ? 
# 
_struct_ref.id                         1 
_struct_ref.db_name                    UNP 
_struct_ref.db_code                    B2CL1_MOUSE 
_struct_ref.pdbx_db_accession          Q64373 
_struct_ref.entity_id                  1 
_struct_ref.pdbx_seq_one_letter_code   
;MSQSNRELVVDFLSYKLSQKGYSWSQFSDVEENRTEAPEETEAERETPSAINGNPSWHLADSPAVNGATGHSSSLDAREV
IPMAAVKQALREAGDEFELRYRRAFSDLTSQLHITPGTAYQSFEQVVNELFRDGVNWGRIVAFFSFGGALCVESVDKEMQ
VLVSRIASWMATYLNDHLEPWIQENGGWDTFVDLYG
;
_struct_ref.pdbx_align_begin           1 
_struct_ref.pdbx_db_isoform            ? 
# 
_struct_ref_seq.align_id                      1 
_struct_ref_seq.ref_id                        1 
_struct_ref_seq.pdbx_PDB_id_code              3ILC 
_struct_ref_seq.pdbx_strand_id                A 
_struct_ref_seq.seq_align_beg                 2 
_struct_ref_seq.pdbx_seq_align_beg_ins_code   ? 
_struct_ref_seq.seq_align_end                 197 
_struct_ref_seq.pdbx_seq_align_end_ins_code   ? 
_struct_ref_seq.pdbx_db_accession             Q64373 
_struct_ref_seq.db_align_beg                  1 
_struct_ref_seq.pdbx_db_align_beg_ins_code    ? 
_struct_ref_seq.db_align_end                  196 
_struct_ref_seq.pdbx_db_align_end_ins_code    ? 
_struct_ref_seq.pdbx_auth_seq_align_beg       1 
_struct_ref_seq.pdbx_auth_seq_align_end       196 
# 
loop_
_struct_ref_seq_dif.align_id 
_struct_ref_seq_dif.pdbx_pdb_id_code 
_struct_ref_seq_dif.mon_id 
_struct_ref_seq_dif.pdbx_pdb_strand_id 
_struct_ref_seq_dif.seq_num 
_struct_ref_seq_dif.pdbx_pdb_ins_code 
_struct_ref_seq_dif.pdbx_seq_db_name 
_struct_ref_seq_dif.pdbx_seq_db_accession_code 
_struct_ref_seq_dif.db_mon_id 
_struct_ref_seq_dif.pdbx_seq_db_seq_num 
_struct_ref_seq_dif.details 
_struct_ref_seq_dif.pdbx_auth_seq_num 
_struct_ref_seq_dif.pdbx_ordinal 
1 3ILC HIS A 1   ? UNP Q64373 ?   ?   'expression tag'      0   1 
1 3ILC ALA A 102 ? UNP Q64373 TYR 101 'engineered mutation' 101 2 
# 
loop_
_chem_comp.id 
_chem_comp.type 
_chem_comp.mon_nstd_flag 
_chem_comp.name 
_chem_comp.pdbx_synonyms 
_chem_comp.formula 
_chem_comp.formula_weight 
ALA 'L-peptide linking' y ALANINE         ? 'C3 H7 N O2'     89.093  
ARG 'L-peptide linking' y ARGININE        ? 'C6 H15 N4 O2 1' 175.209 
ASN 'L-peptide linking' y ASPARAGINE      ? 'C4 H8 N2 O3'    132.118 
ASP 'L-peptide linking' y 'ASPARTIC ACID' ? 'C4 H7 N O4'     133.103 
CYS 'L-peptide linking' y CYSTEINE        ? 'C3 H7 N O2 S'   121.158 
GLN 'L-peptide linking' y GLUTAMINE       ? 'C5 H10 N2 O3'   146.144 
GLU 'L-peptide linking' y 'GLUTAMIC ACID' ? 'C5 H9 N O4'     147.129 
GLY 'peptide linking'   y GLYCINE         ? 'C2 H5 N O2'     75.067  
HIS 'L-peptide linking' y HISTIDINE       ? 'C6 H10 N3 O2 1' 156.162 
HOH non-polymer         . WATER           ? 'H2 O'           18.015  
ILE 'L-peptide linking' y ISOLEUCINE      ? 'C6 H13 N O2'    131.173 
LEU 'L-peptide linking' y LEUCINE         ? 'C6 H13 N O2'    131.173 
LYS 'L-peptide linking' y LYSINE          ? 'C6 H15 N2 O2 1' 147.195 
MET 'L-peptide linking' y METHIONINE      ? 'C5 H11 N O2 S'  149.211 
PHE 'L-peptide linking' y PHENYLALANINE   ? 'C9 H11 N O2'    165.189 
PRO 'L-peptide linking' y PROLINE         ? 'C5 H9 N O2'     115.130 
SER 'L-peptide linking' y SERINE          ? 'C3 H7 N O3'     105.093 
THR 'L-peptide linking' y THREONINE       ? 'C4 H9 N O3'     119.119 
TRP 'L-peptide linking' y TRYPTOPHAN      ? 'C11 H12 N2 O2'  204.225 
TYR 'L-peptide linking' y TYROSINE        ? 'C9 H11 N O3'    181.189 
VAL 'L-peptide linking' y VALINE          ? 'C5 H11 N O2'    117.146 
# 
_exptl.entry_id          3ILC 
_exptl.method            'X-RAY DIFFRACTION' 
_exptl.crystals_number   1 
# 
_exptl_crystal.id                    1 
_exptl_crystal.density_meas          ? 
_exptl_crystal.density_Matthews      2.46 
_exptl_crystal.density_percent_sol   50.08 
_exptl_crystal.description           ? 
_exptl_crystal.F_000                 ? 
_exptl_crystal.preparation           ? 
# 
_exptl_crystal_grow.crystal_id      1 
_exptl_crystal_grow.method          'VAPOR DIFFUSION, HANGING DROP' 
_exptl_crystal_grow.temp            295 
_exptl_crystal_grow.temp_details    ? 
_exptl_crystal_grow.pH              6.0 
_exptl_crystal_grow.pdbx_details    '1.6M Ammonium sulphate, MES, pH 6.0, VAPOR DIFFUSION, HANGING DROP, temperature 295K' 
_exptl_crystal_grow.pdbx_pH_range   . 
# 
_diffrn.id                     1 
_diffrn.ambient_temp           100 
_diffrn.ambient_temp_details   ? 
_diffrn.crystal_id             1 
# 
_diffrn_detector.diffrn_id              1 
_diffrn_detector.detector               CCD 
_diffrn_detector.type                   'ADSC QUANTUM 315' 
_diffrn_detector.pdbx_collection_date   2009-07-27 
_diffrn_detector.details                mirrors 
# 
_diffrn_radiation.diffrn_id                        1 
_diffrn_radiation.wavelength_id                    1 
_diffrn_radiation.pdbx_monochromatic_or_laue_m_l   M 
_diffrn_radiation.monochromator                    Graphite 
_diffrn_radiation.pdbx_diffrn_protocol             'SINGLE WAVELENGTH' 
_diffrn_radiation.pdbx_scattering_type             x-ray 
# 
_diffrn_radiation_wavelength.id           1 
_diffrn_radiation_wavelength.wavelength   1.0000 
_diffrn_radiation_wavelength.wt           1.0 
# 
_diffrn_source.diffrn_id                   1 
_diffrn_source.source                      SYNCHROTRON 
_diffrn_source.type                        'PAL/PLS BEAMLINE 4A' 
_diffrn_source.pdbx_synchrotron_site       PAL/PLS 
_diffrn_source.pdbx_synchrotron_beamline   4A 
_diffrn_source.pdbx_wavelength             ? 
_diffrn_source.pdbx_wavelength_list        1.0000 
# 
_reflns.entry_id                     3ILC 
_reflns.observed_criterion_sigma_I   0 
_reflns.observed_criterion_sigma_F   0 
_reflns.d_resolution_low             50 
_reflns.d_resolution_high            1.64 
_reflns.number_obs                   24986 
_reflns.number_all                   26338 
_reflns.percent_possible_obs         94.4 
_reflns.pdbx_Rmerge_I_obs            0.06 
_reflns.pdbx_Rsym_value              0.33 
_reflns.pdbx_netI_over_sigmaI        31.6 
_reflns.B_iso_Wilson_estimate        31.3 
_reflns.pdbx_redundancy              9.1 
_reflns.R_free_details               ? 
_reflns.limit_h_max                  ? 
_reflns.limit_h_min                  ? 
_reflns.limit_k_max                  ? 
_reflns.limit_k_min                  ? 
_reflns.limit_l_max                  ? 
_reflns.limit_l_min                  ? 
_reflns.observed_criterion_F_max     ? 
_reflns.observed_criterion_F_min     ? 
_reflns.pdbx_chi_squared             ? 
_reflns.pdbx_scaling_rejects         ? 
_reflns.pdbx_diffrn_id               1 
_reflns.pdbx_ordinal                 1 
# 
_reflns_shell.d_res_high             1.64 
_reflns_shell.d_res_low              1.70 
_reflns_shell.percent_possible_all   64.3 
_reflns_shell.Rmerge_I_obs           0.06 
_reflns_shell.pdbx_Rsym_value        0.33 
_reflns_shell.meanI_over_sigI_obs    1.7 
_reflns_shell.pdbx_redundancy        2.6 
_reflns_shell.percent_possible_obs   ? 
_reflns_shell.number_unique_all      1758 
_reflns_shell.number_measured_all    ? 
_reflns_shell.number_measured_obs    ? 
_reflns_shell.number_unique_obs      ? 
_reflns_shell.pdbx_chi_squared       ? 
_reflns_shell.pdbx_diffrn_id         ? 
_reflns_shell.pdbx_ordinal           1 
# 
_refine.entry_id                                 3ILC 
_refine.ls_number_reflns_obs                     24986 
_refine.ls_number_reflns_all                     26338 
_refine.pdbx_ls_sigma_I                          0 
_refine.pdbx_ls_sigma_F                          . 
_refine.pdbx_data_cutoff_high_absF               ? 
_refine.pdbx_data_cutoff_low_absF                ? 
_refine.pdbx_data_cutoff_high_rms_absF           ? 
_refine.ls_d_res_low                             44.45 
_refine.ls_d_res_high                            1.64 
_refine.ls_percent_reflns_obs                    94.46 
_refine.ls_R_factor_obs                          0.20827 
_refine.ls_R_factor_all                          0.20827 
_refine.ls_R_factor_R_work                       0.20635 
_refine.ls_R_factor_R_free                       0.24361 
_refine.ls_R_factor_R_free_error                 ? 
_refine.ls_R_factor_R_free_error_details         ? 
_refine.ls_percent_reflns_R_free                 5.1 
_refine.ls_number_reflns_R_free                  1330 
_refine.ls_number_parameters                     ? 
_refine.ls_number_restraints                     ? 
_refine.occupancy_min                            ? 
_refine.occupancy_max                            ? 
_refine.correlation_coeff_Fo_to_Fc               0.955 
_refine.correlation_coeff_Fo_to_Fc_free          0.942 
_refine.B_iso_mean                               31.323 
_refine.aniso_B[1][1]                            0.01 
_refine.aniso_B[2][2]                            0.01 
_refine.aniso_B[3][3]                            -0.03 
_refine.aniso_B[1][2]                            0.00 
_refine.aniso_B[1][3]                            0.00 
_refine.aniso_B[2][3]                            0.00 
_refine.solvent_model_details                    MASK 
_refine.solvent_model_param_ksol                 ? 
_refine.solvent_model_param_bsol                 ? 
_refine.pdbx_solvent_vdw_probe_radii             1.40 
_refine.pdbx_solvent_ion_probe_radii             0.80 
_refine.pdbx_solvent_shrinkage_radii             0.80 
_refine.pdbx_ls_cross_valid_method               THROUGHOUT 
_refine.details                                  'HYDROGENS HAVE BEEN ADDED IN THE RIDING POSITIONS' 
_refine.pdbx_starting_model                      1PQ0 
_refine.pdbx_method_to_determine_struct          'MOLECULAR REPLACEMENT' 
_refine.pdbx_isotropic_thermal_model             ? 
_refine.pdbx_stereochemistry_target_values       'MAXIMUM LIKELIHOOD' 
_refine.pdbx_stereochem_target_val_spec_case     ? 
_refine.pdbx_R_Free_selection_details            RANDOM 
_refine.pdbx_overall_ESU_R                       0.088 
_refine.pdbx_overall_ESU_R_Free                  0.093 
_refine.overall_SU_ML                            0.072 
_refine.overall_SU_B                             2.177 
_refine.ls_redundancy_reflns_obs                 ? 
_refine.B_iso_min                                ? 
_refine.B_iso_max                                ? 
_refine.overall_SU_R_Cruickshank_DPI             ? 
_refine.overall_SU_R_free                        ? 
_refine.ls_wR_factor_R_free                      ? 
_refine.ls_wR_factor_R_work                      ? 
_refine.overall_FOM_free_R_set                   ? 
_refine.overall_FOM_work_R_set                   ? 
_refine.pdbx_refine_id                           'X-RAY DIFFRACTION' 
_refine.pdbx_overall_phase_error                 ? 
_refine.pdbx_diffrn_id                           1 
_refine.pdbx_TLS_residual_ADP_flag               ? 
_refine.pdbx_overall_SU_R_free_Cruickshank_DPI   ? 
_refine.pdbx_overall_SU_R_Blow_DPI               ? 
_refine.pdbx_overall_SU_R_free_Blow_DPI          ? 
# 
_refine_hist.pdbx_refine_id                   'X-RAY DIFFRACTION' 
_refine_hist.cycle_id                         LAST 
_refine_hist.pdbx_number_atoms_protein        1163 
_refine_hist.pdbx_number_atoms_nucleic_acid   0 
_refine_hist.pdbx_number_atoms_ligand         0 
_refine_hist.number_atoms_solvent             86 
_refine_hist.number_atoms_total               1249 
_refine_hist.d_res_high                       1.64 
_refine_hist.d_res_low                        44.45 
# 
loop_
_refine_ls_restr.type 
_refine_ls_restr.dev_ideal 
_refine_ls_restr.dev_ideal_target 
_refine_ls_restr.weight 
_refine_ls_restr.number 
_refine_ls_restr.pdbx_refine_id 
_refine_ls_restr.pdbx_restraint_function 
r_bond_refined_d       0.026  0.022  ? 1192 'X-RAY DIFFRACTION' ? 
r_angle_refined_deg    1.916  1.915  ? 1612 'X-RAY DIFFRACTION' ? 
r_dihedral_angle_1_deg 6.291  5.000  ? 142  'X-RAY DIFFRACTION' ? 
r_dihedral_angle_2_deg 33.916 23.810 ? 63   'X-RAY DIFFRACTION' ? 
r_dihedral_angle_3_deg 16.647 15.000 ? 192  'X-RAY DIFFRACTION' ? 
r_dihedral_angle_4_deg 22.728 15.000 ? 8    'X-RAY DIFFRACTION' ? 
r_chiral_restr         0.174  0.200  ? 168  'X-RAY DIFFRACTION' ? 
r_gen_planes_refined   0.013  0.020  ? 926  'X-RAY DIFFRACTION' ? 
r_mcbond_it            1.476  1.500  ? 712  'X-RAY DIFFRACTION' ? 
r_mcangle_it           2.556  2.000  ? 1136 'X-RAY DIFFRACTION' ? 
r_scbond_it            3.985  3.000  ? 480  'X-RAY DIFFRACTION' ? 
r_scangle_it           6.101  4.500  ? 476  'X-RAY DIFFRACTION' ? 
# 
_refine_ls_shell.pdbx_total_number_of_bins_used   20 
_refine_ls_shell.d_res_high                       1.640 
_refine_ls_shell.d_res_low                        1.682 
_refine_ls_shell.number_reflns_R_work             1143 
_refine_ls_shell.R_factor_R_work                  0.344 
_refine_ls_shell.percent_reflns_obs               59.91 
_refine_ls_shell.R_factor_R_free                  0.311 
_refine_ls_shell.R_factor_R_free_error            ? 
_refine_ls_shell.percent_reflns_R_free            ? 
_refine_ls_shell.number_reflns_R_free             54 
_refine_ls_shell.number_reflns_all                ? 
_refine_ls_shell.R_factor_all                     ? 
_refine_ls_shell.number_reflns_obs                ? 
_refine_ls_shell.redundancy_reflns_obs            ? 
_refine_ls_shell.pdbx_refine_id                   'X-RAY DIFFRACTION' 
# 
_struct.entry_id                  3ILC 
_struct.title                     'Crystal structure of mouse Bcl-xl mutant (Y101A) at pH 6.0' 
_struct.pdbx_model_details        ? 
_struct.pdbx_CASP_flag            ? 
_struct.pdbx_model_type_details   ? 
# 
_struct_keywords.entry_id        3ILC 
_struct_keywords.pdbx_keywords   APOPTOSIS 
_struct_keywords.text            
'Apoptosis, BH3 domain, Bcl-2, Alternative splicing, Cytoplasm, Membrane, Mitochondrion, Transmembrane' 
# 
loop_
_struct_asym.id 
_struct_asym.pdbx_blank_PDB_chainid_flag 
_struct_asym.pdbx_modified 
_struct_asym.entity_id 
_struct_asym.details 
A N N 1 ? 
B N N 2 ? 
# 
_struct_biol.id        1 
_struct_biol.details   ? 
# 
loop_
_struct_conf.conf_type_id 
_struct_conf.id 
_struct_conf.pdbx_PDB_helix_id 
_struct_conf.beg_label_comp_id 
_struct_conf.beg_label_asym_id 
_struct_conf.beg_label_seq_id 
_struct_conf.pdbx_beg_PDB_ins_code 
_struct_conf.end_label_comp_id 
_struct_conf.end_label_asym_id 
_struct_conf.end_label_seq_id 
_struct_conf.pdbx_end_PDB_ins_code 
_struct_conf.beg_auth_comp_id 
_struct_conf.beg_auth_asym_id 
_struct_conf.beg_auth_seq_id 
_struct_conf.end_auth_comp_id 
_struct_conf.end_auth_asym_id 
_struct_conf.end_auth_seq_id 
_struct_conf.pdbx_PDB_helix_class 
_struct_conf.details 
_struct_conf.pdbx_PDB_helix_length 
HELX_P HELX_P1 1 HIS A 1   ? GLY A 22  ? HIS A 0   GLY A 21  1 ? 22 
HELX_P HELX_P2 2 PRO A 83  ? ARG A 103 ? PRO A 82  ARG A 102 1 ? 21 
HELX_P HELX_P3 3 PHE A 106 ? HIS A 114 ? PHE A 105 HIS A 113 1 ? 9  
HELX_P HELX_P4 4 ALA A 120 ? ASN A 129 ? ALA A 119 ASN A 128 1 ? 10 
HELX_P HELX_P5 5 GLU A 130 ? ARG A 133 ? GLU A 129 ARG A 132 5 ? 4  
HELX_P HELX_P6 6 ASN A 137 ? LYS A 158 ? ASN A 136 LYS A 157 1 ? 22 
HELX_P HELX_P7 7 VAL A 162 ? LEU A 179 ? VAL A 161 LEU A 178 1 ? 18 
HELX_P HELX_P8 8 LEU A 179 ? ASN A 186 ? LEU A 178 ASN A 185 1 ? 8  
HELX_P HELX_P9 9 GLY A 187 ? GLY A 197 ? GLY A 186 GLY A 196 1 ? 11 
# 
_struct_conf_type.id          HELX_P 
_struct_conf_type.criteria    ? 
_struct_conf_type.reference   ? 
# 
_atom_sites.entry_id                    3ILC 
_atom_sites.fract_transf_matrix[1][1]   0.00605516 
_atom_sites.fract_transf_matrix[1][2]   -0.01462500 
_atom_sites.fract_transf_matrix[1][3]   0.00158393 
_atom_sites.fract_transf_matrix[2][1]   0.00448783 
_atom_sites.fract_transf_matrix[2][2]   0.00020533 
_atom_sites.fract_transf_matrix[2][3]   -0.01526046 
_atom_sites.fract_transf_matrix[3][1]   0.00798654 
_atom_sites.fract_transf_matrix[3][2]   0.00356622 
_atom_sites.fract_transf_matrix[3][3]   0.00239668 
_atom_sites.fract_transf_vector[1]      0.044946 
_atom_sites.fract_transf_vector[2]      -0.355753 
_atom_sites.fract_transf_vector[3]      -0.110906 
# 
loop_
_atom_type.symbol 
C 
N 
O 
S 
# 
loop_
_atom_site.group_PDB 
_atom_site.id 
_atom_site.type_symbol 
_atom_site.label_atom_id 
_atom_site.label_alt_id 
_atom_site.label_comp_id 
_atom_site.label_asym_id 
_atom_site.label_entity_id 
_atom_site.label_seq_id 
_atom_site.pdbx_PDB_ins_code 
_atom_site.Cartn_x 
_atom_site.Cartn_y 
_atom_site.Cartn_z 
_atom_site.occupancy 
_atom_site.B_iso_or_equiv 
_atom_site.pdbx_formal_charge 
_atom_site.auth_seq_id 
_atom_site.auth_comp_id 
_atom_site.auth_asym_id 
_atom_site.auth_atom_id 
_atom_site.pdbx_PDB_model_num 
ATOM   1    N N   . HIS A 1 1   ? -5.607  7.256   17.321  1.00 55.94  ? 0   HIS A N   1 
ATOM   2    C CA  . HIS A 1 1   ? -4.414  7.803   16.607  1.00 56.00  ? 0   HIS A CA  1 
ATOM   3    C C   . HIS A 1 1   ? -4.604  7.901   15.102  1.00 55.14  ? 0   HIS A C   1 
ATOM   4    O O   . HIS A 1 1   ? -5.311  7.062   14.476  1.00 54.27  ? 0   HIS A O   1 
ATOM   5    C CB  . HIS A 1 1   ? -3.143  6.958   16.851  1.00 56.34  ? 0   HIS A CB  1 
ATOM   6    C CG  . HIS A 1 1   ? -1.866  7.744   16.723  1.00 59.54  ? 0   HIS A CG  1 
ATOM   7    N ND1 . HIS A 1 1   ? -0.673  7.334   17.287  1.00 62.46  ? 0   HIS A ND1 1 
ATOM   8    C CD2 . HIS A 1 1   ? -1.605  8.938   16.125  1.00 59.95  ? 0   HIS A CD2 1 
ATOM   9    C CE1 . HIS A 1 1   ? 0.273   8.217   17.001  1.00 63.17  ? 0   HIS A CE1 1 
ATOM   10   N NE2 . HIS A 1 1   ? -0.268  9.198   16.297  1.00 60.57  ? 0   HIS A NE2 1 
ATOM   11   N N   . MET A 1 2   ? -3.945  8.918   14.529  1.00 53.36  ? 1   MET A N   1 
ATOM   12   C CA  . MET A 1 2   ? -3.680  8.970   13.083  1.00 51.83  ? 1   MET A CA  1 
ATOM   13   C C   . MET A 1 2   ? -2.852  7.753   12.639  1.00 49.57  ? 1   MET A C   1 
ATOM   14   O O   . MET A 1 2   ? -3.059  7.217   11.553  1.00 48.42  ? 1   MET A O   1 
ATOM   15   C CB  . MET A 1 2   ? -2.980  10.262  12.706  1.00 52.66  ? 1   MET A CB  1 
ATOM   16   C CG  . MET A 1 2   ? -2.966  10.553  11.194  1.00 55.85  ? 1   MET A CG  1 
ATOM   17   S SD  . MET A 1 2   ? -4.579  10.501  10.328  1.00 65.92  ? 1   MET A SD  1 
ATOM   18   C CE  . MET A 1 2   ? -5.543  11.677  11.317  1.00 64.48  ? 1   MET A CE  1 
ATOM   19   N N   . SER A 1 3   ? -1.952  7.300   13.503  1.00 47.25  ? 2   SER A N   1 
ATOM   20   C CA  . SER A 1 3   ? -1.165  6.097   13.251  1.00 46.12  ? 2   SER A CA  1 
ATOM   21   C C   . SER A 1 3   ? -2.018  4.850   13.175  1.00 44.48  ? 2   SER A C   1 
ATOM   22   O O   . SER A 1 3   ? -1.776  3.974   12.344  1.00 42.73  ? 2   SER A O   1 
ATOM   23   C CB  . SER A 1 3   ? -0.124  5.903   14.348  1.00 46.44  ? 2   SER A CB  1 
ATOM   24   O OG  . SER A 1 3   ? 0.887   6.906   14.226  1.00 49.73  ? 2   SER A OG  1 
ATOM   25   N N   . GLN A 1 4   ? -2.987  4.757   14.085  1.00 42.98  ? 3   GLN A N   1 
ATOM   26   C CA  . GLN A 1 4   ? -3.940  3.666   14.102  1.00 42.13  ? 3   GLN A CA  1 
ATOM   27   C C   . GLN A 1 4   ? -4.824  3.685   12.854  1.00 39.87  ? 3   GLN A C   1 
ATOM   28   O O   . GLN A 1 4   ? -5.106  2.629   12.253  1.00 40.05  ? 3   GLN A O   1 
ATOM   29   C CB  . GLN A 1 4   ? -4.839  3.783   15.347  1.00 43.21  ? 3   GLN A CB  1 
ATOM   30   C CG  . GLN A 1 4   ? -5.882  2.674   15.448  1.00 47.26  ? 3   GLN A CG  1 
ATOM   31   C CD  . GLN A 1 4   ? -5.294  1.259   15.251  1.00 55.39  ? 3   GLN A CD  1 
ATOM   32   O OE1 . GLN A 1 4   ? -4.111  0.995   15.568  1.00 57.32  ? 3   GLN A OE1 1 
ATOM   33   N NE2 . GLN A 1 4   ? -6.127  0.336   14.712  1.00 57.76  ? 3   GLN A NE2 1 
ATOM   34   N N   . SER A 1 5   ? -5.286  4.876   12.506  1.00 38.81  ? 4   SER A N   1 
ATOM   35   C CA  . SER A 1 5   ? -6.118  5.075   11.340  1.00 37.44  ? 4   SER A CA  1 
ATOM   36   C C   . SER A 1 5   ? -5.364  4.584   10.122  1.00 36.09  ? 4   SER A C   1 
ATOM   37   O O   . SER A 1 5   ? -5.949  3.933   9.274   1.00 34.61  ? 4   SER A O   1 
ATOM   38   C CB  . SER A 1 5   ? -6.438  6.547   11.106  1.00 38.49  ? 4   SER A CB  1 
ATOM   39   O OG  . SER A 1 5   ? -7.593  6.899   11.846  1.00 43.21  ? 4   SER A OG  1 
ATOM   40   N N   . ASN A 1 6   ? -4.074  4.916   10.057  1.00 33.96  ? 5   ASN A N   1 
ATOM   41   C CA  . ASN A 1 6   ? -3.276  4.603   8.892   1.00 32.61  ? 5   ASN A CA  1 
ATOM   42   C C   . ASN A 1 6   ? -3.052  3.075   8.766   1.00 31.91  ? 5   ASN A C   1 
ATOM   43   O O   . ASN A 1 6   ? -3.150  2.524   7.661   1.00 28.82  ? 5   ASN A O   1 
ATOM   44   C CB  . ASN A 1 6   ? -1.978  5.427   8.865   1.00 32.11  ? 5   ASN A CB  1 
ATOM   45   C CG  . ASN A 1 6   ? -2.204  6.826   8.264   1.00 30.59  ? 5   ASN A CG  1 
ATOM   46   O OD1 . ASN A 1 6   ? -3.166  7.044   7.560   1.00 34.08  ? 5   ASN A OD1 1 
ATOM   47   N ND2 . ASN A 1 6   ? -1.332  7.772   8.562   1.00 31.55  ? 5   ASN A ND2 1 
ATOM   48   N N   . ARG A 1 7   ? -2.869  2.398   9.891   1.00 29.23  ? 6   ARG A N   1 
ATOM   49   C CA  . ARG A 1 7   ? -2.658  0.932   9.879   1.00 31.37  ? 6   ARG A CA  1 
ATOM   50   C C   . ARG A 1 7   ? -3.941  0.241   9.414   1.00 32.12  ? 6   ARG A C   1 
ATOM   51   O O   . ARG A 1 7   ? -3.908  -0.770  8.704   1.00 30.61  ? 6   ARG A O   1 
ATOM   52   C CB  . ARG A 1 7   ? -2.390  0.501   11.292  1.00 31.38  ? 6   ARG A CB  1 
ATOM   53   C CG  . ARG A 1 7   ? -2.693  -0.965  11.580  1.00 37.44  ? 6   ARG A CG  1 
ATOM   54   C CD  . ARG A 1 7   ? -1.553  -1.892  11.164  1.00 40.69  ? 6   ARG A CD  1 
ATOM   55   N NE  . ARG A 1 7   ? -1.884  -3.332  11.234  1.00 44.00  ? 6   ARG A NE  1 
ATOM   56   C CZ  . ARG A 1 7   ? -1.047  -4.324  10.922  1.00 44.96  ? 6   ARG A CZ  1 
ATOM   57   N NH1 . ARG A 1 7   ? 0.202   -4.051  10.548  1.00 43.51  ? 6   ARG A NH1 1 
ATOM   58   N NH2 . ARG A 1 7   ? -1.442  -5.604  11.013  1.00 44.74  ? 6   ARG A NH2 1 
ATOM   59   N N   . GLU A 1 8   ? -5.070  0.771   9.861   1.00 31.05  ? 7   GLU A N   1 
ATOM   60   C CA  . GLU A 1 8   ? -6.384  0.273   9.397   1.00 31.46  ? 7   GLU A CA  1 
ATOM   61   C C   . GLU A 1 8   ? -6.625  0.454   7.917   1.00 28.33  ? 7   GLU A C   1 
ATOM   62   O O   . GLU A 1 8   ? -7.231  -0.433  7.333   1.00 27.36  ? 7   GLU A O   1 
ATOM   63   C CB  . GLU A 1 8   ? -7.540  1.003   10.101  1.00 33.19  ? 7   GLU A CB  1 
ATOM   64   C CG  . GLU A 1 8   ? -7.809  0.625   11.520  1.00 41.19  ? 7   GLU A CG  1 
ATOM   65   C CD  . GLU A 1 8   ? -9.216  1.115   11.909  1.00 48.66  ? 7   GLU A CD  1 
ATOM   66   O OE1 . GLU A 1 8   ? -9.254  2.161   12.608  1.00 52.76  ? 7   GLU A OE1 1 
ATOM   67   O OE2 . GLU A 1 8   ? -10.246 0.543   11.408  1.00 50.53  ? 7   GLU A OE2 1 
ATOM   68   N N   . LEU A 1 9   ? -6.269  1.620   7.335   1.00 27.66  ? 8   LEU A N   1 
ATOM   69   C CA  . LEU A 1 9   ? -6.329  1.814   5.855   1.00 27.67  ? 8   LEU A CA  1 
ATOM   70   C C   . LEU A 1 9   ? -5.530  0.750   5.163   1.00 25.34  ? 8   LEU A C   1 
ATOM   71   O O   . LEU A 1 9   ? -5.983  0.169   4.157   1.00 24.87  ? 8   LEU A O   1 
ATOM   72   C CB  . LEU A 1 9   ? -5.790  3.152   5.377   1.00 27.99  ? 8   LEU A CB  1 
ATOM   73   C CG  . LEU A 1 9   ? -6.756  4.305   5.638   1.00 34.47  ? 8   LEU A CG  1 
ATOM   74   C CD1 . LEU A 1 9   ? -6.158  5.636   5.278   1.00 32.59  ? 8   LEU A CD1 1 
ATOM   75   C CD2 . LEU A 1 9   ? -8.129  4.060   4.890   1.00 38.90  ? 8   LEU A CD2 1 
ATOM   76   N N   . VAL A 1 10  ? -4.291  0.586   5.619   1.00 24.82  ? 9   VAL A N   1 
ATOM   77   C CA  . VAL A 1 10  ? -3.422  -0.473  5.075   1.00 22.16  ? 9   VAL A CA  1 
ATOM   78   C C   . VAL A 1 10  ? -4.058  -1.863  5.088   1.00 23.34  ? 9   VAL A C   1 
ATOM   79   O O   . VAL A 1 10  ? -4.168  -2.532  4.068   1.00 19.15  ? 9   VAL A O   1 
ATOM   80   C CB  . VAL A 1 10  ? -2.081  -0.500  5.815   1.00 22.65  ? 9   VAL A CB  1 
ATOM   81   C CG1 . VAL A 1 10  ? -1.215  -1.681  5.352   1.00 21.04  ? 9   VAL A CG1 1 
ATOM   82   C CG2 . VAL A 1 10  ? -1.319  0.820   5.566   1.00 21.87  ? 9   VAL A CG2 1 
ATOM   83   N N   . VAL A 1 11  ? -4.498  -2.328  6.263   1.00 20.83  ? 10  VAL A N   1 
ATOM   84   C CA  . VAL A 1 11  ? -5.195  -3.611  6.334   1.00 23.60  ? 10  VAL A CA  1 
ATOM   85   C C   . VAL A 1 11  ? -6.448  -3.660  5.507   1.00 21.97  ? 10  VAL A C   1 
ATOM   86   O O   . VAL A 1 11  ? -6.620  -4.575  4.785   1.00 24.03  ? 10  VAL A O   1 
ATOM   87   C CB  . VAL A 1 11  ? -5.433  -3.967  7.865   1.00 23.61  ? 10  VAL A CB  1 
ATOM   88   C CG1 . VAL A 1 11  ? -6.348  -5.196  7.923   1.00 28.06  ? 10  VAL A CG1 1 
ATOM   89   C CG2 . VAL A 1 11  ? -4.047  -4.313  8.504   1.00 29.81  ? 10  VAL A CG2 1 
ATOM   90   N N   . ASP A 1 12  ? -7.207  -2.560  5.359   1.00 24.04  ? 11  ASP A N   1 
ATOM   91   C CA  . ASP A 1 12  ? -8.405  -2.657  4.611   1.00 24.97  ? 11  ASP A CA  1 
ATOM   92   C C   . ASP A 1 12  ? -8.026  -2.846  3.132   1.00 23.40  ? 11  ASP A C   1 
ATOM   93   O O   . ASP A 1 12  ? -8.607  -3.691  2.418   1.00 23.77  ? 11  ASP A O   1 
ATOM   94   C CB  . ASP A 1 12  ? -9.200  -1.347  4.707   1.00 25.38  ? 11  ASP A CB  1 
ATOM   95   C CG  . ASP A 1 12  ? -10.471 -1.433  3.907   1.00 30.26  ? 11  ASP A CG  1 
ATOM   96   O OD1 . ASP A 1 12  ? -11.373 -2.160  4.375   1.00 29.15  ? 11  ASP A OD1 1 
ATOM   97   O OD2 . ASP A 1 12  ? -10.494 -0.938  2.756   1.00 27.11  ? 11  ASP A OD2 1 
ATOM   98   N N   . PHE A 1 13  ? -7.014  -2.105  2.709   1.00 22.08  ? 12  PHE A N   1 
ATOM   99   C CA  . PHE A 1 13  ? -6.682  -2.015  1.281   1.00 21.91  ? 12  PHE A CA  1 
ATOM   100  C C   . PHE A 1 13  ? -6.088  -3.388  0.892   1.00 20.74  ? 12  PHE A C   1 
ATOM   101  O O   . PHE A 1 13  ? -6.516  -3.965  -0.117  1.00 21.72  ? 12  PHE A O   1 
ATOM   102  C CB  . PHE A 1 13  ? -5.721  -0.847  0.949   1.00 21.08  ? 12  PHE A CB  1 
ATOM   103  C CG  . PHE A 1 13  ? -5.344  -0.829  -0.517  1.00 23.12  ? 12  PHE A CG  1 
ATOM   104  C CD1 . PHE A 1 13  ? -4.423  -1.721  -1.022  1.00 21.35  ? 12  PHE A CD1 1 
ATOM   105  C CD2 . PHE A 1 13  ? -5.958  0.070   -1.370  1.00 23.32  ? 12  PHE A CD2 1 
ATOM   106  C CE1 . PHE A 1 13  ? -4.120  -1.775  -2.468  1.00 20.19  ? 12  PHE A CE1 1 
ATOM   107  C CE2 . PHE A 1 13  ? -5.620  0.094   -2.783  1.00 23.96  ? 12  PHE A CE2 1 
ATOM   108  C CZ  . PHE A 1 13  ? -4.755  -0.774  -3.304  1.00 23.97  ? 12  PHE A CZ  1 
ATOM   109  N N   . LEU A 1 14  ? -5.192  -3.924  1.685   1.00 19.78  ? 13  LEU A N   1 
ATOM   110  C CA  . LEU A 1 14  ? -4.605  -5.248  1.364   1.00 21.30  ? 13  LEU A CA  1 
ATOM   111  C C   . LEU A 1 14  ? -5.667  -6.374  1.430   1.00 23.93  ? 13  LEU A C   1 
ATOM   112  O O   . LEU A 1 14  ? -5.665  -7.279  0.606   1.00 22.54  ? 13  LEU A O   1 
ATOM   113  C CB  . LEU A 1 14  ? -3.438  -5.642  2.270   1.00 20.37  ? 13  LEU A CB  1 
ATOM   114  C CG  . LEU A 1 14  ? -2.229  -4.669  2.252   1.00 22.19  ? 13  LEU A CG  1 
ATOM   115  C CD1 . LEU A 1 14  ? -1.106  -5.019  3.295   1.00 24.39  ? 13  LEU A CD1 1 
ATOM   116  C CD2 . LEU A 1 14  ? -1.604  -4.488  0.789   1.00 21.00  ? 13  LEU A CD2 1 
ATOM   117  N N   . SER A 1 15  ? -6.528  -6.366  2.460   1.00 23.25  ? 14  SER A N   1 
ATOM   118  C CA  . SER A 1 15  ? -7.605  -7.370  2.469   1.00 23.83  ? 14  SER A CA  1 
ATOM   119  C C   . SER A 1 15  ? -8.505  -7.308  1.245   1.00 22.16  ? 14  SER A C   1 
ATOM   120  O O   . SER A 1 15  ? -8.956  -8.361  0.729   1.00 23.35  ? 14  SER A O   1 
ATOM   121  C CB  . SER A 1 15  ? -8.456  -7.231  3.769   1.00 24.10  ? 14  SER A CB  1 
ATOM   122  O OG  . SER A 1 15  ? -7.591  -7.452  4.867   1.00 25.21  ? 14  SER A OG  1 
ATOM   123  N N   . TYR A 1 16  ? -8.853  -6.096  0.800   1.00 21.33  ? 15  TYR A N   1 
ATOM   124  C CA  . TYR A 1 16  ? -9.674  -5.895  -0.323  1.00 23.67  ? 15  TYR A CA  1 
ATOM   125  C C   . TYR A 1 16  ? -8.983  -6.476  -1.531  1.00 22.95  ? 15  TYR A C   1 
ATOM   126  O O   . TYR A 1 16  ? -9.656  -7.170  -2.331  1.00 24.04  ? 15  TYR A O   1 
ATOM   127  C CB  . TYR A 1 16  ? -9.834  -4.393  -0.534  1.00 21.01  ? 15  TYR A CB  1 
ATOM   128  C CG  . TYR A 1 16  ? -10.530 -4.017  -1.811  1.00 24.44  ? 15  TYR A CG  1 
ATOM   129  C CD1 . TYR A 1 16  ? -11.924 -4.098  -1.931  1.00 26.13  ? 15  TYR A CD1 1 
ATOM   130  C CD2 . TYR A 1 16  ? -9.780  -3.585  -2.950  1.00 23.77  ? 15  TYR A CD2 1 
ATOM   131  C CE1 . TYR A 1 16  ? -12.594 -3.753  -3.137  1.00 25.11  ? 15  TYR A CE1 1 
ATOM   132  C CE2 . TYR A 1 16  ? -10.423 -3.212  -4.090  1.00 24.22  ? 15  TYR A CE2 1 
ATOM   133  C CZ  . TYR A 1 16  ? -11.828 -3.302  -4.214  1.00 26.07  ? 15  TYR A CZ  1 
ATOM   134  O OH  . TYR A 1 16  ? -12.469 -2.887  -5.391  1.00 24.50  ? 15  TYR A OH  1 
ATOM   135  N N   . LYS A 1 17  ? -7.682  -6.172  -1.717  1.00 21.85  ? 16  LYS A N   1 
ATOM   136  C CA  . LYS A 1 17  ? -6.950  -6.639  -2.884  1.00 22.44  ? 16  LYS A CA  1 
ATOM   137  C C   . LYS A 1 17  ? -6.837  -8.172  -2.896  1.00 21.99  ? 16  LYS A C   1 
ATOM   138  O O   . LYS A 1 17  ? -6.965  -8.808  -3.958  1.00 21.72  ? 16  LYS A O   1 
ATOM   139  C CB  . LYS A 1 17  ? -5.523  -5.984  -2.963  1.00 20.50  ? 16  LYS A CB  1 
ATOM   140  C CG  . LYS A 1 17  ? -4.810  -6.118  -4.380  1.00 23.60  ? 16  LYS A CG  1 
ATOM   141  C CD  . LYS A 1 17  ? -5.646  -5.483  -5.514  1.00 22.47  ? 16  LYS A CD  1 
ATOM   142  C CE  . LYS A 1 17  ? -6.303  -4.156  -5.216  1.00 25.74  ? 16  LYS A CE  1 
ATOM   143  N NZ  . LYS A 1 17  ? -6.991  -3.738  -6.476  1.00 26.33  ? 16  LYS A NZ  1 
ATOM   144  N N   . LEU A 1 18  ? -6.512  -8.758  -1.772  1.00 21.62  ? 17  LEU A N   1 
ATOM   145  C CA  . LEU A 1 18  ? -6.362  -10.232 -1.712  1.00 20.96  ? 17  LEU A CA  1 
ATOM   146  C C   . LEU A 1 18  ? -7.765  -10.839 -2.056  1.00 21.74  ? 17  LEU A C   1 
ATOM   147  O O   . LEU A 1 18  ? -7.865  -11.812 -2.805  1.00 24.30  ? 17  LEU A O   1 
ATOM   148  C CB  . LEU A 1 18  ? -5.984  -10.605 -0.250  1.00 21.18  ? 17  LEU A CB  1 
ATOM   149  C CG  . LEU A 1 18  ? -4.494  -10.258 0.029   1.00 25.94  ? 17  LEU A CG  1 
ATOM   150  C CD1 . LEU A 1 18  ? -4.046  -10.316 1.467   1.00 23.02  ? 17  LEU A CD1 1 
ATOM   151  C CD2 . LEU A 1 18  ? -3.574  -11.125 -0.766  1.00 21.73  ? 17  LEU A CD2 1 
ATOM   152  N N   . SER A 1 19  ? -8.819  -10.333 -1.430  1.00 21.22  ? 18  SER A N   1 
ATOM   153  C CA  . SER A 1 19  ? -10.196 -10.895 -1.628  1.00 22.09  ? 18  SER A CA  1 
ATOM   154  C C   . SER A 1 19  ? -10.527 -10.849 -3.130  1.00 24.13  ? 18  SER A C   1 
ATOM   155  O O   . SER A 1 19  ? -10.836 -11.880 -3.762  1.00 23.07  ? 18  SER A O   1 
ATOM   156  C CB  . SER A 1 19  ? -11.241 -10.075 -0.914  1.00 21.85  ? 18  SER A CB  1 
ATOM   157  O OG  . SER A 1 19  ? -12.517 -10.461 -1.476  1.00 22.98  ? 18  SER A OG  1 
ATOM   158  N N   . GLN A 1 20  ? -10.334 -9.649  -3.686  1.00 21.41  ? 19  GLN A N   1 
ATOM   159  C CA  . GLN A 1 20  ? -10.590 -9.363  -5.082  1.00 24.71  ? 19  GLN A CA  1 
ATOM   160  C C   . GLN A 1 20  ? -9.891  -10.293 -6.012  1.00 22.41  ? 19  GLN A C   1 
ATOM   161  O O   . GLN A 1 20  ? -10.501 -10.704 -7.032  1.00 23.05  ? 19  GLN A O   1 
ATOM   162  C CB  . GLN A 1 20  ? -10.195 -7.917  -5.435  1.00 24.00  ? 19  GLN A CB  1 
ATOM   163  C CG  . GLN A 1 20  ? -10.380 -7.484  -6.897  1.00 27.18  ? 19  GLN A CG  1 
ATOM   164  C CD  . GLN A 1 20  ? -9.841  -6.061  -7.088  1.00 26.87  ? 19  GLN A CD  1 
ATOM   165  O OE1 . GLN A 1 20  ? -8.625  -5.865  -7.115  1.00 25.54  ? 19  GLN A OE1 1 
ATOM   166  N NE2 . GLN A 1 20  ? -10.722 -5.080  -7.143  1.00 23.39  ? 19  GLN A NE2 1 
ATOM   167  N N   . LYS A 1 21  ? -8.646  -10.611 -5.727  1.00 24.01  ? 20  LYS A N   1 
ATOM   168  C CA  . LYS A 1 21  ? -7.822  -11.409 -6.652  1.00 23.25  ? 20  LYS A CA  1 
ATOM   169  C C   . LYS A 1 21  ? -7.882  -12.900 -6.367  1.00 24.90  ? 20  LYS A C   1 
ATOM   170  O O   . LYS A 1 21  ? -7.202  -13.646 -7.041  1.00 25.87  ? 20  LYS A O   1 
ATOM   171  C CB  . LYS A 1 21  ? -6.324  -10.975 -6.611  1.00 24.13  ? 20  LYS A CB  1 
ATOM   172  C CG  . LYS A 1 21  ? -6.140  -9.520  -6.965  1.00 25.93  ? 20  LYS A CG  1 
ATOM   173  C CD  . LYS A 1 21  ? -6.581  -9.252  -8.356  1.00 28.12  ? 20  LYS A CD  1 
ATOM   174  C CE  . LYS A 1 21  ? -6.104  -7.848  -8.700  1.00 33.53  ? 20  LYS A CE  1 
ATOM   175  N NZ  . LYS A 1 21  ? -6.855  -7.408  -9.927  1.00 39.78  ? 20  LYS A NZ  1 
ATOM   176  N N   . GLY A 1 22  ? -8.736  -13.358 -5.420  1.00 23.65  ? 21  GLY A N   1 
ATOM   177  C CA  . GLY A 1 22  ? -8.875  -14.851 -5.270  1.00 21.71  ? 21  GLY A CA  1 
ATOM   178  C C   . GLY A 1 22  ? -8.081  -15.414 -4.116  1.00 23.14  ? 21  GLY A C   1 
ATOM   179  O O   . GLY A 1 22  ? -8.011  -16.666 -3.999  1.00 23.51  ? 21  GLY A O   1 
ATOM   180  N N   . TYR A 1 23  ? -7.486  -14.541 -3.260  1.00 21.57  ? 22  TYR A N   1 
ATOM   181  C CA  . TYR A 1 23  ? -6.606  -14.974 -2.174  1.00 21.59  ? 22  TYR A CA  1 
ATOM   182  C C   . TYR A 1 23  ? -7.312  -14.873 -0.829  1.00 21.01  ? 22  TYR A C   1 
ATOM   183  O O   . TYR A 1 23  ? -8.320  -14.161 -0.717  1.00 21.68  ? 22  TYR A O   1 
ATOM   184  C CB  . TYR A 1 23  ? -5.324  -14.098 -2.119  1.00 22.60  ? 22  TYR A CB  1 
ATOM   185  C CG  . TYR A 1 23  ? -4.514  -14.298 -3.392  1.00 22.12  ? 22  TYR A CG  1 
ATOM   186  C CD1 . TYR A 1 23  ? -3.587  -15.352 -3.467  1.00 27.95  ? 22  TYR A CD1 1 
ATOM   187  C CD2 . TYR A 1 23  ? -4.701  -13.532 -4.501  1.00 24.88  ? 22  TYR A CD2 1 
ATOM   188  C CE1 . TYR A 1 23  ? -2.818  -15.599 -4.640  1.00 24.72  ? 22  TYR A CE1 1 
ATOM   189  C CE2 . TYR A 1 23  ? -3.937  -13.764 -5.665  1.00 22.21  ? 22  TYR A CE2 1 
ATOM   190  C CZ  . TYR A 1 23  ? -3.023  -14.838 -5.722  1.00 25.04  ? 22  TYR A CZ  1 
ATOM   191  O OH  . TYR A 1 23  ? -2.247  -15.003 -6.870  1.00 23.12  ? 22  TYR A OH  1 
ATOM   192  N N   . SER A 1 24  ? -6.672  -15.416 0.185   1.00 23.49  ? 23  SER A N   1 
ATOM   193  C CA  . SER A 1 24  ? -7.173  -15.343 1.589   1.00 23.72  ? 23  SER A CA  1 
ATOM   194  C C   . SER A 1 24  ? -6.642  -14.017 2.158   1.00 25.60  ? 23  SER A C   1 
ATOM   195  O O   . SER A 1 24  ? -5.528  -13.538 1.777   1.00 24.28  ? 23  SER A O   1 
ATOM   196  C CB  . SER A 1 24  ? -6.538  -16.465 2.423   1.00 26.02  ? 23  SER A CB  1 
ATOM   197  O OG  . SER A 1 24  ? -6.945  -16.305 3.797   1.00 29.95  ? 23  SER A OG  1 
ATOM   198  N N   . TRP A 1 25  ? -7.406  -13.449 3.077   1.00 24.15  ? 24  TRP A N   1 
ATOM   199  C CA  . TRP A 1 25  ? -7.016  -12.233 3.864   1.00 24.57  ? 24  TRP A CA  1 
ATOM   200  C C   . TRP A 1 25  ? -6.956  -12.594 5.356   1.00 26.92  ? 24  TRP A C   1 
ATOM   201  O O   . TRP A 1 25  ? -6.944  -11.713 6.206   1.00 27.09  ? 24  TRP A O   1 
ATOM   202  C CB  . TRP A 1 25  ? -8.059  -11.165 3.635   1.00 21.81  ? 24  TRP A CB  1 
ATOM   203  C CG  . TRP A 1 25  ? -9.445  -11.686 4.040   1.00 23.46  ? 24  TRP A CG  1 
ATOM   204  C CD1 . TRP A 1 25  ? -10.018 -11.722 5.349   1.00 18.30  ? 24  TRP A CD1 1 
ATOM   205  C CD2 . TRP A 1 25  ? -10.349 -12.363 3.204   1.00 20.06  ? 24  TRP A CD2 1 
ATOM   206  N NE1 . TRP A 1 25  ? -11.207 -12.340 5.289   1.00 19.58  ? 24  TRP A NE1 1 
ATOM   207  C CE2 . TRP A 1 25  ? -11.467 -12.722 3.997   1.00 20.51  ? 24  TRP A CE2 1 
ATOM   208  C CE3 . TRP A 1 25  ? -10.386 -12.603 1.810   1.00 23.45  ? 24  TRP A CE3 1 
ATOM   209  C CZ2 . TRP A 1 25  ? -12.581 -13.385 3.494   1.00 22.34  ? 24  TRP A CZ2 1 
ATOM   210  C CZ3 . TRP A 1 25  ? -11.515 -13.278 1.293   1.00 23.25  ? 24  TRP A CZ3 1 
ATOM   211  C CH2 . TRP A 1 25  ? -12.605 -13.667 2.150   1.00 21.02  ? 24  TRP A CH2 1 
ATOM   212  N N   . SER A 1 26  ? -6.872  -13.896 5.652   1.00 27.57  ? 25  SER A N   1 
ATOM   213  C CA  . SER A 1 26  ? -7.100  -14.399 7.029   1.00 33.29  ? 25  SER A CA  1 
ATOM   214  C C   . SER A 1 26  ? -6.002  -14.015 8.021   1.00 35.89  ? 25  SER A C   1 
ATOM   215  O O   . SER A 1 26  ? -6.271  -14.008 9.225   1.00 37.13  ? 25  SER A O   1 
ATOM   216  C CB  . SER A 1 26  ? -7.273  -15.943 6.996   1.00 31.75  ? 25  SER A CB  1 
ATOM   217  O OG  . SER A 1 26  ? -8.578  -16.189 6.457   1.00 38.15  ? 25  SER A OG  1 
ATOM   218  N N   . GLN A 1 27  ? -4.809  -13.652 7.548   1.00 37.56  ? 26  GLN A N   1 
ATOM   219  C CA  . GLN A 1 27  ? -3.805  -12.959 8.422   1.00 42.08  ? 26  GLN A CA  1 
ATOM   220  C C   . GLN A 1 27  ? -4.334  -11.686 9.106   1.00 43.34  ? 26  GLN A C   1 
ATOM   221  O O   . GLN A 1 27  ? -3.788  -11.229 10.107  1.00 45.85  ? 26  GLN A O   1 
ATOM   222  C CB  . GLN A 1 27  ? -2.575  -12.580 7.619   1.00 42.21  ? 26  GLN A CB  1 
ATOM   223  C CG  . GLN A 1 27  ? -2.005  -13.738 6.839   1.00 46.76  ? 26  GLN A CG  1 
ATOM   224  C CD  . GLN A 1 27  ? -2.465  -13.807 5.386   1.00 51.93  ? 26  GLN A CD  1 
ATOM   225  O OE1 . GLN A 1 27  ? -3.677  -13.606 5.004   1.00 51.64  ? 26  GLN A OE1 1 
ATOM   226  N NE2 . GLN A 1 27  ? -1.508  -14.140 4.551   1.00 54.58  ? 26  GLN A NE2 1 
ATOM   227  N N   . PHE A 1 28  ? -5.403  -11.128 8.549   1.00 44.00  ? 27  PHE A N   1 
ATOM   228  C CA  . PHE A 1 28  ? -6.010  -9.920  9.096   1.00 44.62  ? 27  PHE A CA  1 
ATOM   229  C C   . PHE A 1 28  ? -7.425  -10.192 9.594   1.00 47.27  ? 27  PHE A C   1 
ATOM   230  O O   . PHE A 1 28  ? -8.213  -10.857 8.922   1.00 48.68  ? 27  PHE A O   1 
ATOM   231  C CB  . PHE A 1 28  ? -6.027  -8.807  8.045   1.00 43.57  ? 27  PHE A CB  1 
ATOM   232  C CG  . PHE A 1 28  ? -4.715  -8.621  7.337   1.00 40.96  ? 27  PHE A CG  1 
ATOM   233  C CD1 . PHE A 1 28  ? -3.593  -8.198  8.028   1.00 36.98  ? 27  PHE A CD1 1 
ATOM   234  C CD2 . PHE A 1 28  ? -4.606  -8.870  5.979   1.00 36.52  ? 27  PHE A CD2 1 
ATOM   235  C CE1 . PHE A 1 28  ? -2.385  -8.027  7.379   1.00 34.91  ? 27  PHE A CE1 1 
ATOM   236  C CE2 . PHE A 1 28  ? -3.401  -8.701  5.324   1.00 37.93  ? 27  PHE A CE2 1 
ATOM   237  C CZ  . PHE A 1 28  ? -2.289  -8.279  6.026   1.00 33.37  ? 27  PHE A CZ  1 
ATOM   238  N N   . SER A 1 29  ? -7.741  -9.672  10.776  1.00 47.64  ? 28  SER A N   1 
ATOM   239  C CA  . SER A 1 29  ? -9.061  -9.858  11.366  1.00 48.60  ? 28  SER A CA  1 
ATOM   240  C C   . SER A 1 29  ? -9.301  -8.869  12.501  1.00 49.13  ? 28  SER A C   1 
ATOM   241  O O   . SER A 1 29  ? -10.440 -8.494  12.781  1.00 48.55  ? 28  SER A O   1 
ATOM   242  C CB  . SER A 1 29  ? -9.224  -11.292 11.875  1.00 47.87  ? 28  SER A CB  1 
ATOM   243  O OG  . SER A 1 29  ? -8.142  -11.660 12.714  1.00 49.69  ? 28  SER A OG  1 
ATOM   244  N N   . PRO A 1 83  ? -13.764 10.621  7.749   1.00 57.31  ? 82  PRO A N   1 
ATOM   245  C CA  . PRO A 1 83  ? -14.665 9.471   8.040   1.00 56.47  ? 82  PRO A CA  1 
ATOM   246  C C   . PRO A 1 83  ? -14.084 8.216   7.401   1.00 54.63  ? 82  PRO A C   1 
ATOM   247  O O   . PRO A 1 83  ? -14.029 8.142   6.157   1.00 55.07  ? 82  PRO A O   1 
ATOM   248  C CB  . PRO A 1 83  ? -15.988 9.842   7.327   1.00 56.87  ? 82  PRO A CB  1 
ATOM   249  C CG  . PRO A 1 83  ? -15.843 11.324  6.934   1.00 57.25  ? 82  PRO A CG  1 
ATOM   250  C CD  . PRO A 1 83  ? -14.355 11.575  6.786   1.00 57.87  ? 82  PRO A CD  1 
ATOM   251  N N   . MET A 1 84  ? -13.640 7.263   8.218   1.00 51.87  ? 83  MET A N   1 
ATOM   252  C CA  . MET A 1 84  ? -12.830 6.155   7.703   1.00 49.01  ? 83  MET A CA  1 
ATOM   253  C C   . MET A 1 84  ? -13.464 5.409   6.509   1.00 45.81  ? 83  MET A C   1 
ATOM   254  O O   . MET A 1 84  ? -12.799 5.120   5.507   1.00 42.12  ? 83  MET A O   1 
ATOM   255  C CB  . MET A 1 84  ? -12.473 5.163   8.795   1.00 49.77  ? 83  MET A CB  1 
ATOM   256  C CG  . MET A 1 84  ? -11.247 4.340   8.433   1.00 55.00  ? 83  MET A CG  1 
ATOM   257  S SD  . MET A 1 84  ? -9.627  5.019   8.908   1.00 66.28  ? 83  MET A SD  1 
ATOM   258  C CE  . MET A 1 84  ? -9.648  6.757   8.362   1.00 59.71  ? 83  MET A CE  1 
ATOM   259  N N   . ALA A 1 85  ? -14.756 5.112   6.609   1.00 42.33  ? 84  ALA A N   1 
ATOM   260  C CA  . ALA A 1 85  ? -15.411 4.336   5.570   1.00 40.09  ? 84  ALA A CA  1 
ATOM   261  C C   . ALA A 1 85  ? -15.254 4.995   4.213   1.00 37.74  ? 84  ALA A C   1 
ATOM   262  O O   . ALA A 1 85  ? -15.073 4.328   3.205   1.00 37.06  ? 84  ALA A O   1 
ATOM   263  C CB  . ALA A 1 85  ? -16.909 4.148   5.894   1.00 41.31  ? 84  ALA A CB  1 
ATOM   264  N N   . ALA A 1 86  ? -15.382 6.300   4.152   1.00 34.34  ? 85  ALA A N   1 
ATOM   265  C CA  . ALA A 1 86  ? -15.399 6.921   2.849   1.00 33.81  ? 85  ALA A CA  1 
ATOM   266  C C   . ALA A 1 86  ? -13.959 6.921   2.266   1.00 32.01  ? 85  ALA A C   1 
ATOM   267  O O   . ALA A 1 86  ? -13.754 7.007   1.036   1.00 32.21  ? 85  ALA A O   1 
ATOM   268  C CB  . ALA A 1 86  ? -15.881 8.349   2.963   1.00 34.26  ? 85  ALA A CB  1 
ATOM   269  N N   . VAL A 1 87  ? -12.984 6.985   3.159   1.00 32.19  ? 86  VAL A N   1 
ATOM   270  C CA  . VAL A 1 87  ? -11.513 6.969   2.739   1.00 30.93  ? 86  VAL A CA  1 
ATOM   271  C C   . VAL A 1 87  ? -11.128 5.570   2.203   1.00 30.78  ? 86  VAL A C   1 
ATOM   272  O O   . VAL A 1 87  ? -10.559 5.452   1.064   1.00 29.42  ? 86  VAL A O   1 
ATOM   273  C CB  . VAL A 1 87  ? -10.602 7.384   3.901   1.00 31.11  ? 86  VAL A CB  1 
ATOM   274  C CG1 . VAL A 1 87  ? -9.125  7.254   3.474   1.00 30.83  ? 86  VAL A CG1 1 
ATOM   275  C CG2 . VAL A 1 87  ? -10.944 8.909   4.347   1.00 31.98  ? 86  VAL A CG2 1 
ATOM   276  N N   . LYS A 1 88  ? -11.501 4.536   2.958   1.00 29.63  ? 87  LYS A N   1 
ATOM   277  C CA  . LYS A 1 88  ? -11.305 3.133   2.527   1.00 31.42  ? 87  LYS A CA  1 
ATOM   278  C C   . LYS A 1 88  ? -11.889 2.882   1.148   1.00 32.04  ? 87  LYS A C   1 
ATOM   279  O O   . LYS A 1 88  ? -11.210 2.308   0.275   1.00 30.46  ? 87  LYS A O   1 
ATOM   280  C CB  . LYS A 1 88  ? -11.879 2.143   3.529   1.00 32.94  ? 87  LYS A CB  1 
ATOM   281  C CG  . LYS A 1 88  ? -11.170 2.152   4.855   1.00 33.72  ? 87  LYS A CG  1 
ATOM   282  C CD  . LYS A 1 88  ? -11.991 1.314   5.857   1.00 34.30  ? 87  LYS A CD  1 
ATOM   283  C CE  . LYS A 1 88  ? -11.283 1.219   7.166   1.00 37.83  ? 87  LYS A CE  1 
ATOM   284  N NZ  . LYS A 1 88  ? -12.093 0.348   8.079   1.00 39.58  ? 87  LYS A NZ  1 
ATOM   285  N N   . GLN A 1 89  ? -13.129 3.366   0.930   1.00 31.03  ? 88  GLN A N   1 
ATOM   286  C CA  . GLN A 1 89  ? -13.822 3.137   -0.325  1.00 29.21  ? 88  GLN A CA  1 
ATOM   287  C C   . GLN A 1 89  ? -13.135 3.883   -1.436  1.00 28.56  ? 88  GLN A C   1 
ATOM   288  O O   . GLN A 1 89  ? -12.992 3.363   -2.538  1.00 27.58  ? 88  GLN A O   1 
ATOM   289  C CB  . GLN A 1 89  ? -15.338 3.555   -0.263  1.00 30.45  ? 88  GLN A CB  1 
ATOM   290  C CG  . GLN A 1 89  ? -16.098 3.195   -1.596  1.00 34.49  ? 88  GLN A CG  1 
ATOM   291  C CD  . GLN A 1 89  ? -16.199 1.644   -1.872  1.00 44.67  ? 88  GLN A CD  1 
ATOM   292  O OE1 . GLN A 1 89  ? -16.120 0.815   -0.945  1.00 48.82  ? 88  GLN A OE1 1 
ATOM   293  N NE2 . GLN A 1 89  ? -16.376 1.260   -3.177  1.00 48.03  ? 88  GLN A NE2 1 
ATOM   294  N N   . ALA A 1 90  ? -12.759 5.115   -1.195  1.00 27.97  ? 89  ALA A N   1 
ATOM   295  C CA  . ALA A 1 90  ? -12.113 5.884   -2.224  1.00 28.78  ? 89  ALA A CA  1 
ATOM   296  C C   . ALA A 1 90  ? -10.745 5.285   -2.600  1.00 27.43  ? 89  ALA A C   1 
ATOM   297  O O   . ALA A 1 90  ? -10.385 5.238   -3.739  1.00 28.88  ? 89  ALA A O   1 
ATOM   298  C CB  . ALA A 1 90  ? -11.992 7.321   -1.789  1.00 26.63  ? 89  ALA A CB  1 
ATOM   299  N N   . LEU A 1 91  ? -10.026 4.812   -1.605  1.00 26.93  ? 90  LEU A N   1 
ATOM   300  C CA  . LEU A 1 91  ? -8.733  4.194   -1.803  1.00 26.80  ? 90  LEU A CA  1 
ATOM   301  C C   . LEU A 1 91  ? -8.854  2.862   -2.528  1.00 24.44  ? 90  LEU A C   1 
ATOM   302  O O   . LEU A 1 91  ? -8.126  2.605   -3.428  1.00 23.06  ? 90  LEU A O   1 
ATOM   303  C CB  . LEU A 1 91  ? -8.002  4.061   -0.480  1.00 26.67  ? 90  LEU A CB  1 
ATOM   304  C CG  . LEU A 1 91  ? -6.522  3.719   -0.416  1.00 31.32  ? 90  LEU A CG  1 
ATOM   305  C CD1 . LEU A 1 91  ? -5.713  4.643   -1.222  1.00 25.43  ? 90  LEU A CD1 1 
ATOM   306  C CD2 . LEU A 1 91  ? -6.112  3.763   1.012   1.00 30.99  ? 90  LEU A CD2 1 
ATOM   307  N N   . ARG A 1 92  ? -9.832  2.063   -2.172  1.00 24.30  ? 91  ARG A N   1 
ATOM   308  C CA  . ARG A 1 92  ? -10.071 0.821   -2.904  1.00 24.51  ? 91  ARG A CA  1 
ATOM   309  C C   . ARG A 1 92  ? -10.294 1.126   -4.385  1.00 25.15  ? 91  ARG A C   1 
ATOM   310  O O   . ARG A 1 92  ? -9.702  0.556   -5.231  1.00 25.05  ? 91  ARG A O   1 
ATOM   311  C CB  . ARG A 1 92  ? -11.281 0.047   -2.374  1.00 23.48  ? 91  ARG A CB  1 
ATOM   312  C CG  . ARG A 1 92  ? -11.213 -0.451  -0.947  1.00 25.80  ? 91  ARG A CG  1 
ATOM   313  C CD  . ARG A 1 92  ? -12.539 -1.089  -0.536  1.00 30.47  ? 91  ARG A CD  1 
ATOM   314  N NE  . ARG A 1 92  ? -12.497 -1.713  0.771   1.00 37.96  ? 91  ARG A NE  1 
ATOM   315  C CZ  . ARG A 1 92  ? -13.232 -2.752  1.168   1.00 44.49  ? 91  ARG A CZ  1 
ATOM   316  N NH1 . ARG A 1 92  ? -14.110 -3.328  0.368   1.00 47.17  ? 91  ARG A NH1 1 
ATOM   317  N NH2 . ARG A 1 92  ? -13.096 -3.234  2.386   1.00 40.72  ? 91  ARG A NH2 1 
ATOM   318  N N   . GLU A 1 93  ? -11.182 2.052   -4.654  1.00 24.39  ? 92  GLU A N   1 
ATOM   319  C CA  . GLU A 1 93  ? -11.521 2.417   -6.003  1.00 26.03  ? 92  GLU A CA  1 
ATOM   320  C C   . GLU A 1 93  ? -10.324 3.039   -6.708  1.00 23.66  ? 92  GLU A C   1 
ATOM   321  O O   . GLU A 1 93  ? -10.138 2.768   -7.881  1.00 23.26  ? 92  GLU A O   1 
ATOM   322  C CB  . GLU A 1 93  ? -12.707 3.376   -6.026  1.00 26.47  ? 92  GLU A CB  1 
ATOM   323  C CG  . GLU A 1 93  ? -14.088 2.675   -5.695  1.00 34.67  ? 92  GLU A CG  1 
ATOM   324  C CD  . GLU A 1 93  ? -15.254 3.628   -5.385  1.00 45.23  ? 92  GLU A CD  1 
ATOM   325  O OE1 . GLU A 1 93  ? -15.193 4.855   -5.714  1.00 49.83  ? 92  GLU A OE1 1 
ATOM   326  O OE2 . GLU A 1 93  ? -16.227 3.151   -4.744  1.00 48.15  ? 92  GLU A OE2 1 
ATOM   327  N N   . ALA A 1 94  ? -9.527  3.882   -6.009  1.00 23.19  ? 93  ALA A N   1 
ATOM   328  C CA  . ALA A 1 94  ? -8.377  4.536   -6.673  1.00 22.64  ? 93  ALA A CA  1 
ATOM   329  C C   . ALA A 1 94  ? -7.347  3.485   -7.079  1.00 22.08  ? 93  ALA A C   1 
ATOM   330  O O   . ALA A 1 94  ? -6.768  3.579   -8.178  1.00 22.77  ? 93  ALA A O   1 
ATOM   331  C CB  . ALA A 1 94  ? -7.733  5.650   -5.752  1.00 22.32  ? 93  ALA A CB  1 
ATOM   332  N N   . GLY A 1 95  ? -7.176  2.466   -6.229  1.00 20.45  ? 94  GLY A N   1 
ATOM   333  C CA  . GLY A 1 95  ? -6.208  1.346   -6.519  1.00 22.42  ? 94  GLY A CA  1 
ATOM   334  C C   . GLY A 1 95  ? -6.656  0.612   -7.798  1.00 20.78  ? 94  GLY A C   1 
ATOM   335  O O   . GLY A 1 95  ? -5.846  0.368   -8.751  1.00 20.85  ? 94  GLY A O   1 
ATOM   336  N N   . ASP A 1 96  ? -7.960  0.306   -7.887  1.00 22.51  ? 95  ASP A N   1 
ATOM   337  C CA  . ASP A 1 96  ? -8.529  -0.402  -9.075  1.00 21.87  ? 95  ASP A CA  1 
ATOM   338  C C   . ASP A 1 96  ? -8.322  0.419   -10.332 1.00 23.02  ? 95  ASP A C   1 
ATOM   339  O O   . ASP A 1 96  ? -7.903  -0.084  -11.390 1.00 23.37  ? 95  ASP A O   1 
ATOM   340  C CB  . ASP A 1 96  ? -10.009 -0.695  -8.891  1.00 22.29  ? 95  ASP A CB  1 
ATOM   341  C CG  . ASP A 1 96  ? -10.274 -1.755  -7.795  1.00 24.21  ? 95  ASP A CG  1 
ATOM   342  O OD1 . ASP A 1 96  ? -9.345  -2.547  -7.472  1.00 23.33  ? 95  ASP A OD1 1 
ATOM   343  O OD2 . ASP A 1 96  ? -11.425 -1.851  -7.333  1.00 26.93  ? 95  ASP A OD2 1 
ATOM   344  N N   . GLU A 1 97  ? -8.586  1.734   -10.229 1.00 23.51  ? 96  GLU A N   1 
ATOM   345  C CA  . GLU A 1 97  ? -8.464  2.611   -11.410 1.00 25.36  ? 96  GLU A CA  1 
ATOM   346  C C   . GLU A 1 97  ? -7.017  2.709   -11.902 1.00 25.13  ? 96  GLU A C   1 
ATOM   347  O O   . GLU A 1 97  ? -6.740  2.632   -13.113 1.00 27.25  ? 96  GLU A O   1 
ATOM   348  C CB  . GLU A 1 97  ? -9.048  4.021   -11.043 1.00 24.13  ? 96  GLU A CB  1 
ATOM   349  C CG  . GLU A 1 97  ? -9.209  5.028   -12.221 1.00 29.68  ? 96  GLU A CG  1 
ATOM   350  C CD  . GLU A 1 97  ? -7.902  5.540   -12.748 1.00 36.41  ? 96  GLU A CD  1 
ATOM   351  O OE1 . GLU A 1 97  ? -6.934  5.638   -11.944 1.00 32.97  ? 96  GLU A OE1 1 
ATOM   352  O OE2 . GLU A 1 97  ? -7.834  5.833   -13.983 1.00 33.38  ? 96  GLU A OE2 1 
ATOM   353  N N   . PHE A 1 98  ? -6.079  2.847   -10.956 1.00 25.34  ? 97  PHE A N   1 
ATOM   354  C CA  . PHE A 1 98  ? -4.678  2.927   -11.251 1.00 25.99  ? 97  PHE A CA  1 
ATOM   355  C C   . PHE A 1 98  ? -4.203  1.631   -11.867 1.00 25.05  ? 97  PHE A C   1 
ATOM   356  O O   . PHE A 1 98  ? -3.450  1.599   -12.893 1.00 24.68  ? 97  PHE A O   1 
ATOM   357  C CB  . PHE A 1 98  ? -3.934  3.154   -9.958  1.00 26.22  ? 97  PHE A CB  1 
ATOM   358  C CG  . PHE A 1 98  ? -2.447  2.963   -10.073 1.00 26.96  ? 97  PHE A CG  1 
ATOM   359  C CD1 . PHE A 1 98  ? -1.852  1.872   -9.517  1.00 27.82  ? 97  PHE A CD1 1 
ATOM   360  C CD2 . PHE A 1 98  ? -1.638  3.897   -10.767 1.00 26.78  ? 97  PHE A CD2 1 
ATOM   361  C CE1 . PHE A 1 98  ? -0.460  1.681   -9.583  1.00 30.79  ? 97  PHE A CE1 1 
ATOM   362  C CE2 . PHE A 1 98  ? -0.258  3.735   -10.821 1.00 29.82  ? 97  PHE A CE2 1 
ATOM   363  C CZ  . PHE A 1 98  ? 0.330   2.620   -10.220 1.00 30.45  ? 97  PHE A CZ  1 
ATOM   364  N N   . GLU A 1 99  ? -4.699  0.539   -11.313 1.00 25.26  ? 98  GLU A N   1 
ATOM   365  C CA  . GLU A 1 99  ? -4.189  -0.749  -11.835 1.00 25.54  ? 98  GLU A CA  1 
ATOM   366  C C   . GLU A 1 99  ? -4.764  -1.034  -13.258 1.00 29.20  ? 98  GLU A C   1 
ATOM   367  O O   . GLU A 1 99  ? -4.060  -1.562  -14.085 1.00 29.74  ? 98  GLU A O   1 
ATOM   368  C CB  . GLU A 1 99  ? -4.533  -1.901  -10.862 1.00 24.21  ? 98  GLU A CB  1 
ATOM   369  C CG  . GLU A 1 99  ? -3.667  -1.824  -9.579  1.00 22.99  ? 98  GLU A CG  1 
ATOM   370  C CD  . GLU A 1 99  ? -4.279  -2.636  -8.395  1.00 23.26  ? 98  GLU A CD  1 
ATOM   371  O OE1 . GLU A 1 99  ? -5.188  -3.506  -8.667  1.00 22.77  ? 98  GLU A OE1 1 
ATOM   372  O OE2 . GLU A 1 99  ? -3.854  -2.339  -7.261  1.00 25.15  ? 98  GLU A OE2 1 
ATOM   373  N N   . LEU A 1 100 ? -6.032  -0.669  -13.526 1.00 31.56  ? 99  LEU A N   1 
ATOM   374  C CA  . LEU A 1 100 ? -6.652  -0.955  -14.844 1.00 35.27  ? 99  LEU A CA  1 
ATOM   375  C C   . LEU A 1 100 ? -5.975  -0.140  -15.901 1.00 36.70  ? 99  LEU A C   1 
ATOM   376  O O   . LEU A 1 100 ? -5.708  -0.592  -17.045 1.00 36.30  ? 99  LEU A O   1 
ATOM   377  C CB  . LEU A 1 100 ? -8.135  -0.589  -14.820 1.00 37.31  ? 99  LEU A CB  1 
ATOM   378  C CG  . LEU A 1 100 ? -9.093  -1.681  -14.413 1.00 39.26  ? 99  LEU A CG  1 
ATOM   379  C CD1 . LEU A 1 100 ? -10.517 -1.130  -14.551 1.00 47.06  ? 99  LEU A CD1 1 
ATOM   380  C CD2 . LEU A 1 100 ? -8.912  -2.935  -15.282 1.00 46.93  ? 99  LEU A CD2 1 
ATOM   381  N N   . ARG A 1 101 ? -5.702  1.098   -15.525 1.00 37.10  ? 100 ARG A N   1 
ATOM   382  C CA  . ARG A 1 101 ? -5.185  2.066   -16.482 1.00 38.73  ? 100 ARG A CA  1 
ATOM   383  C C   . ARG A 1 101 ? -3.708  1.939   -16.692 1.00 40.15  ? 100 ARG A C   1 
ATOM   384  O O   . ARG A 1 101 ? -3.261  1.830   -17.826 1.00 39.81  ? 100 ARG A O   1 
ATOM   385  C CB  . ARG A 1 101 ? -5.530  3.499   -16.050 1.00 38.08  ? 100 ARG A CB  1 
ATOM   386  C CG  . ARG A 1 101 ? -4.825  4.561   -16.895 1.00 36.09  ? 100 ARG A CG  1 
ATOM   387  C CD  . ARG A 1 101 ? -5.236  5.987   -16.464 1.00 34.67  ? 100 ARG A CD  1 
ATOM   388  N NE  . ARG A 1 101 ? -5.273  6.115   -14.991 1.00 32.14  ? 100 ARG A NE  1 
ATOM   389  C CZ  . ARG A 1 101 ? -4.194  6.339   -14.247 1.00 34.36  ? 100 ARG A CZ  1 
ATOM   390  N NH1 . ARG A 1 101 ? -4.299  6.415   -12.911 1.00 34.14  ? 100 ARG A NH1 1 
ATOM   391  N NH2 . ARG A 1 101 ? -3.009  6.494   -14.850 1.00 35.23  ? 100 ARG A NH2 1 
ATOM   392  N N   . ALA A 1 102 ? -2.929  1.963   -15.618 1.00 41.59  ? 101 ALA A N   1 
ATOM   393  C CA  . ALA A 1 102 ? -1.470  1.979   -15.778 1.00 44.05  ? 101 ALA A CA  1 
ATOM   394  C C   . ALA A 1 102 ? -0.856  0.589   -16.040 1.00 46.02  ? 101 ALA A C   1 
ATOM   395  O O   . ALA A 1 102 ? 0.246   0.458   -16.660 1.00 46.44  ? 101 ALA A O   1 
ATOM   396  C CB  . ALA A 1 102 ? -0.818  2.635   -14.556 1.00 43.72  ? 101 ALA A CB  1 
ATOM   397  N N   . ARG A 1 103 ? -1.568  -0.443  -15.585 1.00 48.19  ? 102 ARG A N   1 
ATOM   398  C CA  . ARG A 1 103 ? -1.122  -1.833  -15.677 1.00 49.96  ? 102 ARG A CA  1 
ATOM   399  C C   . ARG A 1 103 ? 0.363   -2.014  -15.290 1.00 50.10  ? 102 ARG A C   1 
ATOM   400  O O   . ARG A 1 103 ? 1.115   -2.753  -15.970 1.00 48.70  ? 102 ARG A O   1 
ATOM   401  C CB  . ARG A 1 103 ? -1.418  -2.400  -17.075 1.00 51.63  ? 102 ARG A CB  1 
ATOM   402  C CG  . ARG A 1 103 ? -2.646  -3.315  -17.100 1.00 57.01  ? 102 ARG A CG  1 
ATOM   403  C CD  . ARG A 1 103 ? -3.694  -2.755  -18.066 1.00 67.78  ? 102 ARG A CD  1 
ATOM   404  N NE  . ARG A 1 103 ? -3.376  -2.977  -19.485 1.00 74.78  ? 102 ARG A NE  1 
ATOM   405  C CZ  . ARG A 1 103 ? -3.996  -3.873  -20.276 1.00 79.92  ? 102 ARG A CZ  1 
ATOM   406  N NH1 . ARG A 1 103 ? -4.979  -4.645  -19.790 1.00 80.65  ? 102 ARG A NH1 1 
ATOM   407  N NH2 . ARG A 1 103 ? -3.640  -4.001  -21.564 1.00 80.17  ? 102 ARG A NH2 1 
ATOM   408  N N   . ARG A 1 104 ? 0.793   -1.329  -14.215 1.00 48.83  ? 103 ARG A N   1 
ATOM   409  C CA  . ARG A 1 104 ? 2.208   -1.438  -13.803 1.00 49.21  ? 103 ARG A CA  1 
ATOM   410  C C   . ARG A 1 104 ? 2.519   -2.823  -13.170 1.00 48.19  ? 103 ARG A C   1 
ATOM   411  O O   . ARG A 1 104 ? 1.821   -3.263  -12.242 1.00 48.74  ? 103 ARG A O   1 
ATOM   412  C CB  . ARG A 1 104 ? 2.654   -0.259  -12.903 1.00 49.67  ? 103 ARG A CB  1 
ATOM   413  C CG  . ARG A 1 104 ? 4.145   -0.387  -12.407 1.00 54.04  ? 103 ARG A CG  1 
ATOM   414  C CD  . ARG A 1 104 ? 5.220   0.003   -13.456 1.00 56.70  ? 103 ARG A CD  1 
ATOM   415  N NE  . ARG A 1 104 ? 6.251   -1.026  -13.619 1.00 53.50  ? 103 ARG A NE  1 
ATOM   416  C CZ  . ARG A 1 104 ? 6.437   -1.750  -14.727 1.00 48.22  ? 103 ARG A CZ  1 
ATOM   417  N NH1 . ARG A 1 104 ? 7.382   -2.660  -14.762 1.00 48.17  ? 103 ARG A NH1 1 
ATOM   418  N NH2 . ARG A 1 104 ? 5.658   -1.598  -15.772 1.00 49.29  ? 103 ARG A NH2 1 
ATOM   419  N N   . ALA A 1 105 ? 3.530   -3.520  -13.676 1.00 47.41  ? 104 ALA A N   1 
ATOM   420  C CA  . ALA A 1 105 ? 4.020   -4.703  -12.961 1.00 46.88  ? 104 ALA A CA  1 
ATOM   421  C C   . ALA A 1 105 ? 4.993   -4.333  -11.784 1.00 46.51  ? 104 ALA A C   1 
ATOM   422  O O   . ALA A 1 105 ? 5.306   -5.205  -10.923 1.00 45.93  ? 104 ALA A O   1 
ATOM   423  C CB  . ALA A 1 105 ? 4.670   -5.658  -13.920 1.00 48.00  ? 104 ALA A CB  1 
ATOM   424  N N   . PHE A 1 106 ? 5.460   -3.068  -11.749 1.00 43.59  ? 105 PHE A N   1 
ATOM   425  C CA  . PHE A 1 106 ? 6.436   -2.571  -10.748 1.00 42.75  ? 105 PHE A CA  1 
ATOM   426  C C   . PHE A 1 106 ? 7.622   -3.538  -10.829 1.00 41.89  ? 105 PHE A C   1 
ATOM   427  O O   . PHE A 1 106 ? 8.227   -3.896  -9.823  1.00 39.16  ? 105 PHE A O   1 
ATOM   428  C CB  . PHE A 1 106 ? 5.848   -2.586  -9.337  1.00 40.93  ? 105 PHE A CB  1 
ATOM   429  C CG  . PHE A 1 106 ? 4.707   -1.618  -9.114  1.00 40.08  ? 105 PHE A CG  1 
ATOM   430  C CD1 . PHE A 1 106 ? 4.942   -0.239  -9.033  1.00 37.40  ? 105 PHE A CD1 1 
ATOM   431  C CD2 . PHE A 1 106 ? 3.411   -2.094  -8.873  1.00 34.59  ? 105 PHE A CD2 1 
ATOM   432  C CE1 . PHE A 1 106 ? 3.887   0.687   -8.760  1.00 35.35  ? 105 PHE A CE1 1 
ATOM   433  C CE2 . PHE A 1 106 ? 2.337   -1.179  -8.593  1.00 38.02  ? 105 PHE A CE2 1 
ATOM   434  C CZ  . PHE A 1 106 ? 2.597   0.221   -8.526  1.00 33.01  ? 105 PHE A CZ  1 
ATOM   435  N N   . SER A 1 107 ? 7.911   -3.969  -12.065 1.00 42.11  ? 106 SER A N   1 
ATOM   436  C CA  . SER A 1 107 ? 8.931   -4.961  -12.346 1.00 42.90  ? 106 SER A CA  1 
ATOM   437  C C   . SER A 1 107 ? 10.282  -4.581  -11.774 1.00 43.47  ? 106 SER A C   1 
ATOM   438  O O   . SER A 1 107 ? 11.065  -5.451  -11.308 1.00 43.84  ? 106 SER A O   1 
ATOM   439  C CB  . SER A 1 107 ? 9.075   -5.131  -13.885 1.00 43.79  ? 106 SER A CB  1 
ATOM   440  O OG  . SER A 1 107 ? 7.943   -5.790  -14.421 1.00 48.02  ? 106 SER A OG  1 
ATOM   441  N N   . ASP A 1 108 ? 10.596  -3.283  -11.843 1.00 41.92  ? 107 ASP A N   1 
ATOM   442  C CA  . ASP A 1 108 ? 11.887  -2.844  -11.397 1.00 41.04  ? 107 ASP A CA  1 
ATOM   443  C C   . ASP A 1 108 ? 11.941  -2.954  -9.926  1.00 38.52  ? 107 ASP A C   1 
ATOM   444  O O   . ASP A 1 108 ? 12.959  -3.385  -9.378  1.00 39.07  ? 107 ASP A O   1 
ATOM   445  C CB  . ASP A 1 108 ? 12.139  -1.422  -11.835 1.00 42.94  ? 107 ASP A CB  1 
ATOM   446  C CG  . ASP A 1 108 ? 12.096  -1.318  -13.322 1.00 50.04  ? 107 ASP A CG  1 
ATOM   447  O OD1 . ASP A 1 108 ? 11.074  -0.793  -13.832 1.00 58.75  ? 107 ASP A OD1 1 
ATOM   448  O OD2 . ASP A 1 108 ? 13.026  -1.897  -13.965 1.00 52.09  ? 107 ASP A OD2 1 
ATOM   449  N N   . LEU A 1 109 ? 10.831  -2.577  -9.282  1.00 36.23  ? 108 LEU A N   1 
ATOM   450  C CA  . LEU A 1 109 ? 10.798  -2.541  -7.820  1.00 33.50  ? 108 LEU A CA  1 
ATOM   451  C C   . LEU A 1 109 ? 10.779  -3.935  -7.248  1.00 31.47  ? 108 LEU A C   1 
ATOM   452  O O   . LEU A 1 109 ? 11.496  -4.224  -6.258  1.00 31.56  ? 108 LEU A O   1 
ATOM   453  C CB  . LEU A 1 109 ? 9.579   -1.764  -7.354  1.00 34.75  ? 108 LEU A CB  1 
ATOM   454  C CG  . LEU A 1 109 ? 9.642   -0.249  -7.110  1.00 39.74  ? 108 LEU A CG  1 
ATOM   455  C CD1 . LEU A 1 109 ? 10.752  0.595   -7.814  1.00 36.29  ? 108 LEU A CD1 1 
ATOM   456  C CD2 . LEU A 1 109 ? 8.254   0.364   -7.156  1.00 40.23  ? 108 LEU A CD2 1 
ATOM   457  N N   . THR A 1 110 ? 9.916   -4.804  -7.795  1.00 31.90  ? 109 THR A N   1 
ATOM   458  C CA  . THR A 1 110 ? 9.821   -6.144  -7.233  1.00 30.75  ? 109 THR A CA  1 
ATOM   459  C C   . THR A 1 110 ? 11.123  -6.894  -7.409  1.00 30.99  ? 109 THR A C   1 
ATOM   460  O O   . THR A 1 110 ? 11.547  -7.673  -6.510  1.00 32.15  ? 109 THR A O   1 
ATOM   461  C CB  . THR A 1 110 ? 8.635   -6.955  -7.827  1.00 32.33  ? 109 THR A CB  1 
ATOM   462  O OG1 . THR A 1 110 ? 8.815   -7.095  -9.252  1.00 32.32  ? 109 THR A OG1 1 
ATOM   463  C CG2 . THR A 1 110 ? 7.259   -6.310  -7.479  1.00 29.56  ? 109 THR A CG2 1 
ATOM   464  N N   . SER A 1 111 ? 11.773  -6.685  -8.548  1.00 33.04  ? 110 SER A N   1 
ATOM   465  C CA  . SER A 1 111 ? 13.065  -7.348  -8.764  1.00 34.99  ? 110 SER A CA  1 
ATOM   466  C C   . SER A 1 111 ? 14.158  -6.805  -7.888  1.00 34.27  ? 110 SER A C   1 
ATOM   467  O O   . SER A 1 111 ? 15.036  -7.588  -7.457  1.00 34.46  ? 110 SER A O   1 
ATOM   468  C CB  . SER A 1 111 ? 13.469  -7.365  -10.254 1.00 37.01  ? 110 SER A CB  1 
ATOM   469  O OG  . SER A 1 111 ? 14.300  -6.274  -10.587 1.00 43.52  ? 110 SER A OG  1 
ATOM   470  N N   . GLN A 1 112 ? 14.128  -5.514  -7.611  1.00 33.61  ? 111 GLN A N   1 
ATOM   471  C CA  . GLN A 1 112 ? 15.083  -4.953  -6.697  1.00 35.30  ? 111 GLN A CA  1 
ATOM   472  C C   . GLN A 1 112 ? 14.853  -5.479  -5.304  1.00 34.08  ? 111 GLN A C   1 
ATOM   473  O O   . GLN A 1 112 ? 15.773  -5.710  -4.583  1.00 35.48  ? 111 GLN A O   1 
ATOM   474  C CB  . GLN A 1 112 ? 14.993  -3.450  -6.643  1.00 35.96  ? 111 GLN A CB  1 
ATOM   475  C CG  . GLN A 1 112 ? 15.526  -2.734  -7.813  1.00 41.96  ? 111 GLN A CG  1 
ATOM   476  C CD  . GLN A 1 112 ? 15.369  -1.258  -7.662  1.00 48.00  ? 111 GLN A CD  1 
ATOM   477  O OE1 . GLN A 1 112 ? 14.798  -0.605  -8.502  1.00 50.13  ? 111 GLN A OE1 1 
ATOM   478  N NE2 . GLN A 1 112 ? 15.835  -0.738  -6.559  1.00 46.83  ? 111 GLN A NE2 1 
ATOM   479  N N   . LEU A 1 113 ? 13.602  -5.644  -4.925  1.00 32.09  ? 112 LEU A N   1 
ATOM   480  C CA  . LEU A 1 113 ? 13.313  -6.097  -3.597  1.00 32.17  ? 112 LEU A CA  1 
ATOM   481  C C   . LEU A 1 113 ? 13.611  -7.591  -3.485  1.00 31.92  ? 112 LEU A C   1 
ATOM   482  O O   . LEU A 1 113 ? 14.219  -8.021  -2.555  1.00 32.46  ? 112 LEU A O   1 
ATOM   483  C CB  . LEU A 1 113 ? 11.897  -5.721  -3.241  1.00 31.68  ? 112 LEU A CB  1 
ATOM   484  C CG  . LEU A 1 113 ? 11.481  -5.407  -1.829  1.00 33.98  ? 112 LEU A CG  1 
ATOM   485  C CD1 . LEU A 1 113 ? 10.167  -5.915  -1.416  1.00 30.30  ? 112 LEU A CD1 1 
ATOM   486  C CD2 . LEU A 1 113 ? 12.477  -5.314  -0.757  1.00 28.24  ? 112 LEU A CD2 1 
ATOM   487  N N   . HIS A 1 114 ? 13.122  -8.352  -4.436  1.00 31.86  ? 113 HIS A N   1 
ATOM   488  C CA  . HIS A 1 114 ? 13.104  -9.790  -4.393  1.00 32.34  ? 113 HIS A CA  1 
ATOM   489  C C   . HIS A 1 114 ? 12.781  -10.402 -3.054  1.00 32.08  ? 113 HIS A C   1 
ATOM   490  O O   . HIS A 1 114 ? 13.527  -11.160 -2.528  1.00 33.23  ? 113 HIS A O   1 
ATOM   491  C CB  . HIS A 1 114 ? 14.369  -10.362 -4.970  1.00 34.19  ? 113 HIS A CB  1 
ATOM   492  C CG  . HIS A 1 114 ? 15.614  -9.884  -4.301  1.00 38.65  ? 113 HIS A CG  1 
ATOM   493  N ND1 . HIS A 1 114 ? 16.481  -8.994  -4.888  1.00 44.20  ? 113 HIS A ND1 1 
ATOM   494  C CD2 . HIS A 1 114 ? 16.153  -10.188 -3.104  1.00 40.70  ? 113 HIS A CD2 1 
ATOM   495  C CE1 . HIS A 1 114 ? 17.497  -8.777  -4.082  1.00 42.91  ? 113 HIS A CE1 1 
ATOM   496  N NE2 . HIS A 1 114 ? 17.320  -9.486  -2.992  1.00 40.85  ? 113 HIS A NE2 1 
ATOM   497  N N   . ILE A 1 115 ? 11.622  -10.062 -2.543  1.00 28.99  ? 114 ILE A N   1 
ATOM   498  C CA  . ILE A 1 115 ? 11.261  -10.252 -1.172  1.00 29.72  ? 114 ILE A CA  1 
ATOM   499  C C   . ILE A 1 115 ? 11.327  -11.714 -0.722  1.00 29.55  ? 114 ILE A C   1 
ATOM   500  O O   . ILE A 1 115 ? 10.859  -12.564 -1.390  1.00 30.54  ? 114 ILE A O   1 
ATOM   501  C CB  . ILE A 1 115 ? 9.888   -9.670  -0.938  1.00 29.00  ? 114 ILE A CB  1 
ATOM   502  C CG1 . ILE A 1 115 ? 9.596   -9.574  0.543   1.00 31.90  ? 114 ILE A CG1 1 
ATOM   503  C CG2 . ILE A 1 115 ? 8.849   -10.461 -1.693  1.00 31.51  ? 114 ILE A CG2 1 
ATOM   504  C CD1 . ILE A 1 115 ? 8.423   -8.827  0.829   1.00 35.70  ? 114 ILE A CD1 1 
ATOM   505  N N   . THR A 1 116 ? 11.935  -11.977 0.411   1.00 28.15  ? 115 THR A N   1 
ATOM   506  C CA  . THR A 1 116 ? 11.924  -13.318 1.006   1.00 28.50  ? 115 THR A CA  1 
ATOM   507  C C   . THR A 1 116 ? 11.635  -13.109 2.478   1.00 29.41  ? 115 THR A C   1 
ATOM   508  O O   . THR A 1 116 ? 11.565  -11.953 2.891   1.00 28.93  ? 115 THR A O   1 
ATOM   509  C CB  . THR A 1 116 ? 13.302  -14.002 0.933   1.00 26.91  ? 115 THR A CB  1 
ATOM   510  O OG1 . THR A 1 116 ? 14.232  -13.286 1.759   1.00 28.41  ? 115 THR A OG1 1 
ATOM   511  C CG2 . THR A 1 116 ? 13.837  -14.062 -0.532  1.00 29.12  ? 115 THR A CG2 1 
ATOM   512  N N   . PRO A 1 117 ? 11.460  -14.207 3.263   1.00 29.94  ? 116 PRO A N   1 
ATOM   513  C CA  . PRO A 1 117 ? 11.224  -13.927 4.696   1.00 30.61  ? 116 PRO A CA  1 
ATOM   514  C C   . PRO A 1 117 ? 12.507  -13.456 5.420   1.00 30.96  ? 116 PRO A C   1 
ATOM   515  O O   . PRO A 1 117 ? 12.447  -13.144 6.593   1.00 31.89  ? 116 PRO A O   1 
ATOM   516  C CB  . PRO A 1 117 ? 10.694  -15.260 5.232   1.00 31.74  ? 116 PRO A CB  1 
ATOM   517  C CG  . PRO A 1 117 ? 10.141  -16.024 3.965   1.00 31.30  ? 116 PRO A CG  1 
ATOM   518  C CD  . PRO A 1 117 ? 11.054  -15.604 2.892   1.00 28.71  ? 116 PRO A CD  1 
ATOM   519  N N   . GLY A 1 118 ? 13.594  -13.308 4.698   1.00 29.30  ? 117 GLY A N   1 
ATOM   520  C CA  . GLY A 1 118 ? 14.821  -12.733 5.223   1.00 32.31  ? 117 GLY A CA  1 
ATOM   521  C C   . GLY A 1 118 ? 14.871  -11.225 5.027   1.00 32.81  ? 117 GLY A C   1 
ATOM   522  O O   . GLY A 1 118 ? 15.718  -10.535 5.634   1.00 33.10  ? 117 GLY A O   1 
ATOM   523  N N   . THR A 1 119 ? 13.988  -10.711 4.169   1.00 29.59  ? 118 THR A N   1 
ATOM   524  C CA  . THR A 1 119 ? 13.996  -9.247  3.850   1.00 29.34  ? 118 THR A CA  1 
ATOM   525  C C   . THR A 1 119 ? 13.628  -8.424  5.075   1.00 28.08  ? 118 THR A C   1 
ATOM   526  O O   . THR A 1 119 ? 12.753  -8.821  5.836   1.00 28.48  ? 118 THR A O   1 
ATOM   527  C CB  . THR A 1 119 ? 12.992  -8.896  2.770   1.00 29.50  ? 118 THR A CB  1 
ATOM   528  O OG1 . THR A 1 119 ? 13.261  -9.701  1.644   1.00 28.22  ? 118 THR A OG1 1 
ATOM   529  C CG2 . THR A 1 119 ? 13.164  -7.412  2.311   1.00 26.95  ? 118 THR A CG2 1 
ATOM   530  N N   . ALA A 1 120 ? 14.366  -7.325  5.279   1.00 29.90  ? 119 ALA A N   1 
ATOM   531  C CA  . ALA A 1 120 ? 14.171  -6.389  6.408   1.00 29.00  ? 119 ALA A CA  1 
ATOM   532  C C   . ALA A 1 120 ? 13.467  -5.136  5.880   1.00 28.17  ? 119 ALA A C   1 
ATOM   533  O O   . ALA A 1 120 ? 13.568  -4.806  4.707   1.00 27.59  ? 119 ALA A O   1 
ATOM   534  C CB  . ALA A 1 120 ? 15.497  -5.955  6.961   1.00 29.74  ? 119 ALA A CB  1 
ATOM   535  N N   . TYR A 1 121 ? 12.853  -4.431  6.791   1.00 26.35  ? 120 TYR A N   1 
ATOM   536  C CA  . TYR A 1 121 ? 12.133  -3.187  6.429   1.00 27.77  ? 120 TYR A CA  1 
ATOM   537  C C   . TYR A 1 121 ? 12.999  -2.200  5.678   1.00 26.24  ? 120 TYR A C   1 
ATOM   538  O O   . TYR A 1 121 ? 12.582  -1.578  4.706   1.00 26.37  ? 120 TYR A O   1 
ATOM   539  C CB  . TYR A 1 121 ? 11.618  -2.532  7.695   1.00 26.43  ? 120 TYR A CB  1 
ATOM   540  C CG  . TYR A 1 121 ? 11.040  -1.129  7.412   1.00 26.91  ? 120 TYR A CG  1 
ATOM   541  C CD1 . TYR A 1 121 ? 9.749   -0.989  6.901   1.00 25.15  ? 120 TYR A CD1 1 
ATOM   542  C CD2 . TYR A 1 121 ? 11.798  0.029   7.657   1.00 25.50  ? 120 TYR A CD2 1 
ATOM   543  C CE1 . TYR A 1 121 ? 9.205   0.292   6.633   1.00 24.27  ? 120 TYR A CE1 1 
ATOM   544  C CE2 . TYR A 1 121 ? 11.230  1.346   7.380   1.00 24.28  ? 120 TYR A CE2 1 
ATOM   545  C CZ  . TYR A 1 121 ? 9.959   1.420   6.894   1.00 26.28  ? 120 TYR A CZ  1 
ATOM   546  O OH  . TYR A 1 121 ? 9.409   2.676   6.610   1.00 25.78  ? 120 TYR A OH  1 
ATOM   547  N N   . GLN A 1 122 ? 14.239  -2.008  6.131   1.00 27.65  ? 121 GLN A N   1 
ATOM   548  C CA  . GLN A 1 122 ? 15.131  -1.067  5.439   1.00 29.39  ? 121 GLN A CA  1 
ATOM   549  C C   . GLN A 1 122 ? 15.191  -1.315  3.944   1.00 28.58  ? 121 GLN A C   1 
ATOM   550  O O   . GLN A 1 122 ? 15.289  -0.377  3.184   1.00 27.37  ? 121 GLN A O   1 
ATOM   551  C CB  . GLN A 1 122 ? 16.561  -1.058  6.060   1.00 31.72  ? 121 GLN A CB  1 
ATOM   552  C CG  . GLN A 1 122 ? 17.162  -2.507  6.267   1.00 38.35  ? 121 GLN A CG  1 
ATOM   553  C CD  . GLN A 1 122 ? 18.705  -2.543  6.605   1.00 49.02  ? 121 GLN A CD  1 
ATOM   554  O OE1 . GLN A 1 122 ? 19.346  -1.505  6.866   1.00 50.83  ? 121 GLN A OE1 1 
ATOM   555  N NE2 . GLN A 1 122 ? 19.282  -3.759  6.586   1.00 51.85  ? 121 GLN A NE2 1 
ATOM   556  N N   . SER A 1 123 ? 15.159  -2.575  3.499   1.00 27.64  ? 122 SER A N   1 
ATOM   557  C CA  . SER A 1 123 ? 15.228  -2.849  2.042   1.00 26.07  ? 122 SER A CA  1 
ATOM   558  C C   . SER A 1 123 ? 13.901  -2.424  1.372   1.00 24.86  ? 122 SER A C   1 
ATOM   559  O O   . SER A 1 123 ? 13.914  -1.850  0.259   1.00 24.26  ? 122 SER A O   1 
ATOM   560  C CB  . SER A 1 123 ? 15.421  -4.388  1.750   1.00 28.96  ? 122 SER A CB  1 
ATOM   561  O OG  . SER A 1 123 ? 16.634  -4.899  2.324   1.00 29.51  ? 122 SER A OG  1 
ATOM   562  N N   . PHE A 1 124 ? 12.785  -2.733  2.034   1.00 23.63  ? 123 PHE A N   1 
ATOM   563  C CA  . PHE A 1 124 ? 11.439  -2.270  1.524   1.00 23.22  ? 123 PHE A CA  1 
ATOM   564  C C   . PHE A 1 124 ? 11.436  -0.740  1.421   1.00 23.79  ? 123 PHE A C   1 
ATOM   565  O O   . PHE A 1 124 ? 11.015  -0.150  0.433   1.00 22.55  ? 123 PHE A O   1 
ATOM   566  C CB  . PHE A 1 124 ? 10.382  -2.700  2.514   1.00 23.84  ? 123 PHE A CB  1 
ATOM   567  C CG  . PHE A 1 124 ? 9.033   -2.155  2.251   1.00 22.06  ? 123 PHE A CG  1 
ATOM   568  C CD1 . PHE A 1 124 ? 8.167   -2.792  1.330   1.00 22.19  ? 123 PHE A CD1 1 
ATOM   569  C CD2 . PHE A 1 124 ? 8.547   -1.046  2.979   1.00 21.78  ? 123 PHE A CD2 1 
ATOM   570  C CE1 . PHE A 1 124 ? 6.839   -2.362  1.115   1.00 24.06  ? 123 PHE A CE1 1 
ATOM   571  C CE2 . PHE A 1 124 ? 7.212   -0.573  2.762   1.00 21.34  ? 123 PHE A CE2 1 
ATOM   572  C CZ  . PHE A 1 124 ? 6.334   -1.215  1.858   1.00 24.67  ? 123 PHE A CZ  1 
ATOM   573  N N   . GLU A 1 125 ? 11.921  -0.086  2.454   1.00 23.80  ? 124 GLU A N   1 
ATOM   574  C CA  . GLU A 1 125 ? 11.933  1.392   2.454   1.00 24.76  ? 124 GLU A CA  1 
ATOM   575  C C   . GLU A 1 125 ? 12.745  1.970   1.303   1.00 24.50  ? 124 GLU A C   1 
ATOM   576  O O   . GLU A 1 125 ? 12.323  2.929   0.644   1.00 25.22  ? 124 GLU A O   1 
ATOM   577  C CB  . GLU A 1 125 ? 12.449  1.882   3.791   1.00 24.89  ? 124 GLU A CB  1 
ATOM   578  C CG  . GLU A 1 125 ? 12.430  3.406   3.938   1.00 24.70  ? 124 GLU A CG  1 
ATOM   579  C CD  . GLU A 1 125 ? 13.295  3.873   5.137   1.00 32.38  ? 124 GLU A CD  1 
ATOM   580  O OE1 . GLU A 1 125 ? 14.252  3.136   5.546   1.00 27.88  ? 124 GLU A OE1 1 
ATOM   581  O OE2 . GLU A 1 125 ? 12.971  4.935   5.685   1.00 26.13  ? 124 GLU A OE2 1 
ATOM   582  N N   . GLN A 1 126 ? 13.886  1.381   0.998   1.00 24.28  ? 125 GLN A N   1 
ATOM   583  C CA  . GLN A 1 126 ? 14.729  1.926   -0.063  1.00 27.77  ? 125 GLN A CA  1 
ATOM   584  C C   . GLN A 1 126 ? 14.112  1.802   -1.429  1.00 25.75  ? 125 GLN A C   1 
ATOM   585  O O   . GLN A 1 126 ? 14.286  2.667   -2.301  1.00 24.57  ? 125 GLN A O   1 
ATOM   586  C CB  . GLN A 1 126 ? 16.060  1.152   -0.147  1.00 30.07  ? 125 GLN A CB  1 
ATOM   587  C CG  . GLN A 1 126 ? 17.215  1.897   0.338   1.00 41.66  ? 125 GLN A CG  1 
ATOM   588  C CD  . GLN A 1 126 ? 18.473  1.509   -0.450  1.00 51.62  ? 125 GLN A CD  1 
ATOM   589  O OE1 . GLN A 1 126 ? 18.672  0.320   -0.855  1.00 53.67  ? 125 GLN A OE1 1 
ATOM   590  N NE2 . GLN A 1 126 ? 19.315  2.517   -0.709  1.00 53.95  ? 125 GLN A NE2 1 
ATOM   591  N N   . VAL A 1 127 ? 13.418  0.680   -1.651  1.00 25.07  ? 126 VAL A N   1 
ATOM   592  C CA  . VAL A 1 127 ? 12.726  0.464   -2.916  1.00 23.18  ? 126 VAL A CA  1 
ATOM   593  C C   . VAL A 1 127 ? 11.530  1.380   -3.054  1.00 22.91  ? 126 VAL A C   1 
ATOM   594  O O   . VAL A 1 127 ? 11.324  1.952   -4.092  1.00 23.94  ? 126 VAL A O   1 
ATOM   595  C CB  . VAL A 1 127 ? 12.326  -1.064  -3.068  1.00 25.16  ? 126 VAL A CB  1 
ATOM   596  C CG1 . VAL A 1 127 ? 11.375  -1.244  -4.203  1.00 26.19  ? 126 VAL A CG1 1 
ATOM   597  C CG2 . VAL A 1 127 ? 13.575  -1.848  -3.366  1.00 24.99  ? 126 VAL A CG2 1 
ATOM   598  N N   . VAL A 1 128 ? 10.694  1.428   -2.005  1.00 20.25  ? 127 VAL A N   1 
ATOM   599  C CA  . VAL A 1 128 ? 9.452   2.178   -2.090  1.00 19.67  ? 127 VAL A CA  1 
ATOM   600  C C   . VAL A 1 128 ? 9.813   3.685   -2.274  1.00 18.68  ? 127 VAL A C   1 
ATOM   601  O O   . VAL A 1 128 ? 9.074   4.466   -2.933  1.00 21.04  ? 127 VAL A O   1 
ATOM   602  C CB  . VAL A 1 128 ? 8.624   1.950   -0.783  1.00 20.01  ? 127 VAL A CB  1 
ATOM   603  C CG1 . VAL A 1 128 ? 7.466   2.948   -0.754  1.00 22.12  ? 127 VAL A CG1 1 
ATOM   604  C CG2 . VAL A 1 128 ? 8.066   0.582   -0.813  1.00 20.35  ? 127 VAL A CG2 1 
ATOM   605  N N   . ASN A 1 129 ? 10.958  4.086   -1.684  1.00 19.78  ? 128 ASN A N   1 
ATOM   606  C CA  . ASN A 1 129 ? 11.449  5.479   -1.824  1.00 22.44  ? 128 ASN A CA  1 
ATOM   607  C C   . ASN A 1 129 ? 11.552  5.847   -3.289  1.00 24.50  ? 128 ASN A C   1 
ATOM   608  O O   . ASN A 1 129 ? 11.399  7.028   -3.658  1.00 23.94  ? 128 ASN A O   1 
ATOM   609  C CB  . ASN A 1 129 ? 12.827  5.766   -1.210  1.00 22.31  ? 128 ASN A CB  1 
ATOM   610  C CG  . ASN A 1 129 ? 12.816  5.961   0.291   1.00 24.37  ? 128 ASN A CG  1 
ATOM   611  O OD1 . ASN A 1 129 ? 13.910  6.027   0.916   1.00 25.83  ? 128 ASN A OD1 1 
ATOM   612  N ND2 . ASN A 1 129 ? 11.684  5.996   0.878   1.00 19.15  ? 128 ASN A ND2 1 
ATOM   613  N N   . GLU A 1 130 ? 11.864  4.875   -4.130  1.00 24.88  ? 129 GLU A N   1 
ATOM   614  C CA  . GLU A 1 130 ? 11.861  5.225   -5.562  1.00 26.62  ? 129 GLU A CA  1 
ATOM   615  C C   . GLU A 1 130 ? 10.496  5.706   -6.142  1.00 26.78  ? 129 GLU A C   1 
ATOM   616  O O   . GLU A 1 130 ? 10.472  6.480   -7.128  1.00 25.44  ? 129 GLU A O   1 
ATOM   617  C CB  . GLU A 1 130 ? 12.400  4.040   -6.378  1.00 28.05  ? 129 GLU A CB  1 
ATOM   618  C CG  . GLU A 1 130 ? 13.690  3.571   -5.823  1.00 32.70  ? 129 GLU A CG  1 
ATOM   619  C CD  . GLU A 1 130 ? 14.231  2.386   -6.549  1.00 44.52  ? 129 GLU A CD  1 
ATOM   620  O OE1 . GLU A 1 130 ? 15.014  1.630   -5.918  1.00 47.35  ? 129 GLU A OE1 1 
ATOM   621  O OE2 . GLU A 1 130 ? 13.893  2.213   -7.750  1.00 48.40  ? 129 GLU A OE2 1 
ATOM   622  N N   . LEU A 1 131 ? 9.369   5.332   -5.567  1.00 22.64  ? 130 LEU A N   1 
ATOM   623  C CA  . LEU A 1 131 ? 8.108   5.916   -6.023  1.00 23.14  ? 130 LEU A CA  1 
ATOM   624  C C   . LEU A 1 131 ? 8.023   7.405   -5.716  1.00 22.87  ? 130 LEU A C   1 
ATOM   625  O O   . LEU A 1 131 ? 7.296   8.137   -6.323  1.00 23.28  ? 130 LEU A O   1 
ATOM   626  C CB  . LEU A 1 131 ? 6.919   5.249   -5.366  1.00 20.00  ? 130 LEU A CB  1 
ATOM   627  C CG  . LEU A 1 131 ? 6.691   3.790   -5.631  1.00 20.00  ? 130 LEU A CG  1 
ATOM   628  C CD1 . LEU A 1 131 ? 5.584   3.339   -4.802  1.00 20.00  ? 130 LEU A CD1 1 
ATOM   629  C CD2 . LEU A 1 131 ? 6.349   3.608   -7.044  1.00 20.00  ? 130 LEU A CD2 1 
ATOM   630  N N   . PHE A 1 132 ? 8.768   7.815   -4.717  1.00 23.97  ? 131 PHE A N   1 
ATOM   631  C CA  . PHE A 1 132 ? 8.748   9.206   -4.256  1.00 23.38  ? 131 PHE A CA  1 
ATOM   632  C C   . PHE A 1 132 ? 10.014  10.007  -4.536  1.00 26.31  ? 131 PHE A C   1 
ATOM   633  O O   . PHE A 1 132 ? 10.350  10.972  -3.788  1.00 25.55  ? 131 PHE A O   1 
ATOM   634  C CB  . PHE A 1 132 ? 8.427   9.191   -2.718  1.00 24.33  ? 131 PHE A CB  1 
ATOM   635  C CG  . PHE A 1 132 ? 7.126   8.517   -2.429  1.00 22.74  ? 131 PHE A CG  1 
ATOM   636  C CD1 . PHE A 1 132 ? 5.914   9.149   -2.732  1.00 15.14  ? 131 PHE A CD1 1 
ATOM   637  C CD2 . PHE A 1 132 ? 7.067   7.187   -1.968  1.00 19.28  ? 131 PHE A CD2 1 
ATOM   638  C CE1 . PHE A 1 132 ? 4.687   8.446   -2.510  1.00 18.79  ? 131 PHE A CE1 1 
ATOM   639  C CE2 . PHE A 1 132 ? 5.793   6.508   -1.787  1.00 20.98  ? 131 PHE A CE2 1 
ATOM   640  C CZ  . PHE A 1 132 ? 4.631   7.127   -2.052  1.00 22.05  ? 131 PHE A CZ  1 
ATOM   641  N N   . ARG A 1 133 ? 10.713  9.686   -5.630  1.00 26.50  ? 132 ARG A N   1 
ATOM   642  C CA  . ARG A 1 133 ? 11.983  10.360  -5.906  1.00 28.90  ? 132 ARG A CA  1 
ATOM   643  C C   . ARG A 1 133 ? 11.739  11.826  -6.164  1.00 27.73  ? 132 ARG A C   1 
ATOM   644  O O   . ARG A 1 133 ? 12.647  12.675  -6.039  1.00 27.85  ? 132 ARG A O   1 
ATOM   645  C CB  . ARG A 1 133 ? 12.588  9.826   -7.214  1.00 31.53  ? 132 ARG A CB  1 
ATOM   646  C CG  . ARG A 1 133 ? 13.592  8.720   -7.073  1.00 40.21  ? 132 ARG A CG  1 
ATOM   647  C CD  . ARG A 1 133 ? 13.977  8.275   -8.514  1.00 54.55  ? 132 ARG A CD  1 
ATOM   648  N NE  . ARG A 1 133 ? 12.933  8.721   -9.461  1.00 65.42  ? 132 ARG A NE  1 
ATOM   649  C CZ  . ARG A 1 133 ? 12.430  8.004   -10.478 1.00 71.39  ? 132 ARG A CZ  1 
ATOM   650  N NH1 . ARG A 1 133 ? 12.866  6.759   -10.722 1.00 73.73  ? 132 ARG A NH1 1 
ATOM   651  N NH2 . ARG A 1 133 ? 11.477  8.540   -11.257 1.00 72.48  ? 132 ARG A NH2 1 
ATOM   652  N N   . ASP A 1 134 ? 10.529  12.130  -6.592  1.00 26.54  ? 133 ASP A N   1 
ATOM   653  C CA  . ASP A 1 134 ? 10.159  13.504  -6.847  1.00 27.35  ? 133 ASP A CA  1 
ATOM   654  C C   . ASP A 1 134 ? 9.234   14.024  -5.757  1.00 24.83  ? 133 ASP A C   1 
ATOM   655  O O   . ASP A 1 134 ? 8.526   15.028  -5.950  1.00 24.51  ? 133 ASP A O   1 
ATOM   656  C CB  . ASP A 1 134 ? 9.499   13.662  -8.236  1.00 28.98  ? 133 ASP A CB  1 
ATOM   657  C CG  . ASP A 1 134 ? 10.493  13.386  -9.412  1.00 37.76  ? 133 ASP A CG  1 
ATOM   658  O OD1 . ASP A 1 134 ? 11.742  13.585  -9.256  1.00 39.51  ? 133 ASP A OD1 1 
ATOM   659  O OD2 . ASP A 1 134 ? 10.007  12.947  -10.495 1.00 42.46  ? 133 ASP A OD2 1 
ATOM   660  N N   . GLY A 1 135 ? 9.258   13.383  -4.588  1.00 23.19  ? 134 GLY A N   1 
ATOM   661  C CA  . GLY A 1 135 ? 8.341   13.734  -3.527  1.00 23.23  ? 134 GLY A CA  1 
ATOM   662  C C   . GLY A 1 135 ? 6.935   13.102  -3.602  1.00 21.74  ? 134 GLY A C   1 
ATOM   663  O O   . GLY A 1 135 ? 6.598   12.370  -4.540  1.00 21.91  ? 134 GLY A O   1 
ATOM   664  N N   . VAL A 1 136 ? 6.091   13.363  -2.604  1.00 20.26  ? 135 VAL A N   1 
ATOM   665  C CA  . VAL A 1 136 ? 4.762   12.752  -2.486  1.00 19.38  ? 135 VAL A CA  1 
ATOM   666  C C   . VAL A 1 136 ? 3.673   13.505  -3.266  1.00 21.81  ? 135 VAL A C   1 
ATOM   667  O O   . VAL A 1 136 ? 3.724   14.740  -3.374  1.00 18.55  ? 135 VAL A O   1 
ATOM   668  C CB  . VAL A 1 136 ? 4.329   12.755  -0.974  1.00 18.82  ? 135 VAL A CB  1 
ATOM   669  C CG1 . VAL A 1 136 ? 2.956   12.092  -0.778  1.00 21.96  ? 135 VAL A CG1 1 
ATOM   670  C CG2 . VAL A 1 136 ? 5.404   11.972  -0.170  1.00 22.23  ? 135 VAL A CG2 1 
ATOM   671  N N   . ASN A 1 137 ? 2.753   12.762  -3.883  1.00 21.35  ? 136 ASN A N   1 
ATOM   672  C CA  . ASN A 1 137 ? 1.453   13.378  -4.243  1.00 20.88  ? 136 ASN A CA  1 
ATOM   673  C C   . ASN A 1 137 ? 0.403   12.230  -4.111  1.00 21.67  ? 136 ASN A C   1 
ATOM   674  O O   . ASN A 1 137 ? 0.730   11.096  -3.751  1.00 21.65  ? 136 ASN A O   1 
ATOM   675  C CB  . ASN A 1 137 ? 1.480   14.002  -5.670  1.00 20.91  ? 136 ASN A CB  1 
ATOM   676  C CG  . ASN A 1 137 ? 1.823   13.033  -6.764  1.00 21.69  ? 136 ASN A CG  1 
ATOM   677  O OD1 . ASN A 1 137 ? 2.262   13.463  -7.853  1.00 25.12  ? 136 ASN A OD1 1 
ATOM   678  N ND2 . ASN A 1 137 ? 1.543   11.793  -6.563  1.00 15.85  ? 136 ASN A ND2 1 
ATOM   679  N N   . TRP A 1 138 ? -0.866  12.544  -4.311  1.00 19.63  ? 137 TRP A N   1 
ATOM   680  C CA  . TRP A 1 138 ? -1.938  11.533  -4.199  1.00 20.63  ? 137 TRP A CA  1 
ATOM   681  C C   . TRP A 1 138 ? -1.763  10.324  -5.054  1.00 20.81  ? 137 TRP A C   1 
ATOM   682  O O   . TRP A 1 138 ? -1.971  9.196   -4.598  1.00 22.39  ? 137 TRP A O   1 
ATOM   683  C CB  . TRP A 1 138 ? -3.292  12.195  -4.497  1.00 22.03  ? 137 TRP A CB  1 
ATOM   684  C CG  . TRP A 1 138 ? -3.572  13.303  -3.544  1.00 21.76  ? 137 TRP A CG  1 
ATOM   685  C CD1 . TRP A 1 138 ? -3.783  14.598  -3.897  1.00 24.12  ? 137 TRP A CD1 1 
ATOM   686  C CD2 . TRP A 1 138 ? -3.746  13.251  -2.065  1.00 21.84  ? 137 TRP A CD2 1 
ATOM   687  N NE1 . TRP A 1 138 ? -4.015  15.371  -2.767  1.00 24.89  ? 137 TRP A NE1 1 
ATOM   688  C CE2 . TRP A 1 138 ? -4.053  14.557  -1.660  1.00 21.04  ? 137 TRP A CE2 1 
ATOM   689  C CE3 . TRP A 1 138 ? -3.685  12.231  -1.082  1.00 20.48  ? 137 TRP A CE3 1 
ATOM   690  C CZ2 . TRP A 1 138 ? -4.255  14.905  -0.320  1.00 25.78  ? 137 TRP A CZ2 1 
ATOM   691  C CZ3 . TRP A 1 138 ? -3.908  12.583  0.305   1.00 23.02  ? 137 TRP A CZ3 1 
ATOM   692  C CH2 . TRP A 1 138 ? -4.188  13.931  0.632   1.00 24.56  ? 137 TRP A CH2 1 
ATOM   693  N N   . GLY A 1 139 ? -1.348  10.526  -6.326  1.00 18.74  ? 138 GLY A N   1 
ATOM   694  C CA  . GLY A 1 139 ? -1.206  9.393   -7.296  1.00 18.25  ? 138 GLY A CA  1 
ATOM   695  C C   . GLY A 1 139 ? -0.093  8.434   -6.904  1.00 18.28  ? 138 GLY A C   1 
ATOM   696  O O   . GLY A 1 139 ? -0.222  7.194   -7.082  1.00 19.75  ? 138 GLY A O   1 
ATOM   697  N N   . ARG A 1 140 ? 0.967   8.959   -6.298  1.00 19.78  ? 139 ARG A N   1 
ATOM   698  C CA  . ARG A 1 140 ? 2.099   8.115   -5.840  1.00 18.83  ? 139 ARG A CA  1 
ATOM   699  C C   . ARG A 1 140 ? 1.701   7.427   -4.567  1.00 18.90  ? 139 ARG A C   1 
ATOM   700  O O   . ARG A 1 140 ? 2.119   6.275   -4.336  1.00 18.97  ? 139 ARG A O   1 
ATOM   701  C CB  . ARG A 1 140 ? 3.384   8.962   -5.644  1.00 21.84  ? 139 ARG A CB  1 
ATOM   702  C CG  . ARG A 1 140 ? 3.824   9.610   -6.967  1.00 22.07  ? 139 ARG A CG  1 
ATOM   703  C CD  . ARG A 1 140 ? 4.879   10.704  -6.742  1.00 22.69  ? 139 ARG A CD  1 
ATOM   704  N NE  . ARG A 1 140 ? 5.150   11.331  -8.047  1.00 23.52  ? 139 ARG A NE  1 
ATOM   705  C CZ  . ARG A 1 140 ? 5.623   12.585  -8.153  1.00 29.07  ? 139 ARG A CZ  1 
ATOM   706  N NH1 . ARG A 1 140 ? 5.988   13.278  -7.070  1.00 24.23  ? 139 ARG A NH1 1 
ATOM   707  N NH2 . ARG A 1 140 ? 5.764   13.158  -9.346  1.00 24.27  ? 139 ARG A NH2 1 
ATOM   708  N N   . ILE A 1 141 ? 0.897   8.075   -3.739  1.00 18.17  ? 140 ILE A N   1 
ATOM   709  C CA  . ILE A 1 141 ? 0.308   7.367   -2.570  1.00 20.25  ? 140 ILE A CA  1 
ATOM   710  C C   . ILE A 1 141 ? -0.568  6.171   -2.999  1.00 19.95  ? 140 ILE A C   1 
ATOM   711  O O   . ILE A 1 141 ? -0.416  5.024   -2.460  1.00 19.97  ? 140 ILE A O   1 
ATOM   712  C CB  . ILE A 1 141 ? -0.458  8.326   -1.588  1.00 20.05  ? 140 ILE A CB  1 
ATOM   713  C CG1 . ILE A 1 141 ? 0.547   9.230   -0.900  1.00 21.86  ? 140 ILE A CG1 1 
ATOM   714  C CG2 . ILE A 1 141 ? -1.241  7.477   -0.551  1.00 18.41  ? 140 ILE A CG2 1 
ATOM   715  C CD1 . ILE A 1 141 ? -0.125  10.552  -0.391  1.00 20.43  ? 140 ILE A CD1 1 
ATOM   716  N N   . VAL A 1 142 ? -1.418  6.363   -4.033  1.00 18.35  ? 141 VAL A N   1 
ATOM   717  C CA  . VAL A 1 142 ? -2.219  5.235   -4.542  1.00 19.22  ? 141 VAL A CA  1 
ATOM   718  C C   . VAL A 1 142 ? -1.265  4.209   -5.089  1.00 17.98  ? 141 VAL A C   1 
ATOM   719  O O   . VAL A 1 142 ? -1.450  2.963   -4.862  1.00 18.48  ? 141 VAL A O   1 
ATOM   720  C CB  . VAL A 1 142 ? -3.210  5.672   -5.613  1.00 20.41  ? 141 VAL A CB  1 
ATOM   721  C CG1 . VAL A 1 142 ? -3.913  4.378   -6.327  1.00 17.81  ? 141 VAL A CG1 1 
ATOM   722  C CG2 . VAL A 1 142 ? -4.228  6.599   -4.976  1.00 19.15  ? 141 VAL A CG2 1 
ATOM   723  N N   . ALA A 1 143 ? -0.218  4.643   -5.807  1.00 20.57  ? 142 ALA A N   1 
ATOM   724  C CA  . ALA A 1 143 ? 0.739   3.650   -6.280  1.00 18.16  ? 142 ALA A CA  1 
ATOM   725  C C   . ALA A 1 143 ? 1.453   2.862   -5.227  1.00 18.26  ? 142 ALA A C   1 
ATOM   726  O O   . ALA A 1 143 ? 1.609   1.627   -5.404  1.00 19.14  ? 142 ALA A O   1 
ATOM   727  C CB  . ALA A 1 143 ? 1.809   4.309   -7.298  1.00 19.98  ? 142 ALA A CB  1 
ATOM   728  N N   . PHE A 1 144 ? 1.834   3.519   -4.130  1.00 18.88  ? 143 PHE A N   1 
ATOM   729  C CA  . PHE A 1 144 ? 2.354   2.805   -2.925  1.00 19.45  ? 143 PHE A CA  1 
ATOM   730  C C   . PHE A 1 144 ? 1.332   1.763   -2.402  1.00 18.38  ? 143 PHE A C   1 
ATOM   731  O O   . PHE A 1 144 ? 1.730   0.603   -2.158  1.00 16.97  ? 143 PHE A O   1 
ATOM   732  C CB  . PHE A 1 144 ? 2.742   3.878   -1.904  1.00 18.82  ? 143 PHE A CB  1 
ATOM   733  C CG  . PHE A 1 144 ? 2.761   3.394   -0.492  1.00 17.77  ? 143 PHE A CG  1 
ATOM   734  C CD1 . PHE A 1 144 ? 3.905   2.766   -0.002  1.00 20.98  ? 143 PHE A CD1 1 
ATOM   735  C CD2 . PHE A 1 144 ? 1.650   3.553   0.307   1.00 21.68  ? 143 PHE A CD2 1 
ATOM   736  C CE1 . PHE A 1 144 ? 3.971   2.368   1.362   1.00 21.45  ? 143 PHE A CE1 1 
ATOM   737  C CE2 . PHE A 1 144 ? 1.678   3.138   1.607   1.00 17.72  ? 143 PHE A CE2 1 
ATOM   738  C CZ  . PHE A 1 144 ? 2.855   2.430   2.129   1.00 19.39  ? 143 PHE A CZ  1 
ATOM   739  N N   . PHE A 1 145 ? 0.060   2.105   -2.238  1.00 18.85  ? 144 PHE A N   1 
ATOM   740  C CA  . PHE A 1 145 ? -0.938  1.069   -1.800  1.00 19.64  ? 144 PHE A CA  1 
ATOM   741  C C   . PHE A 1 145 ? -1.028  -0.090  -2.789  1.00 18.69  ? 144 PHE A C   1 
ATOM   742  O O   . PHE A 1 145 ? -0.901  -1.254  -2.374  1.00 18.81  ? 144 PHE A O   1 
ATOM   743  C CB  . PHE A 1 145 ? -2.301  1.758   -1.586  1.00 18.63  ? 144 PHE A CB  1 
ATOM   744  C CG  . PHE A 1 145 ? -2.420  2.332   -0.222  1.00 17.67  ? 144 PHE A CG  1 
ATOM   745  C CD1 . PHE A 1 145 ? -2.877  1.538   0.807   1.00 20.64  ? 144 PHE A CD1 1 
ATOM   746  C CD2 . PHE A 1 145 ? -2.137  3.711   -0.009  1.00 22.73  ? 144 PHE A CD2 1 
ATOM   747  C CE1 . PHE A 1 145 ? -2.996  2.066   2.123   1.00 20.80  ? 144 PHE A CE1 1 
ATOM   748  C CE2 . PHE A 1 145 ? -2.256  4.269   1.239   1.00 21.81  ? 144 PHE A CE2 1 
ATOM   749  C CZ  . PHE A 1 145 ? -2.745  3.497   2.317   1.00 20.90  ? 144 PHE A CZ  1 
ATOM   750  N N   . SER A 1 146 ? -1.075  0.205   -4.107  1.00 19.63  ? 145 SER A N   1 
ATOM   751  C CA  . SER A 1 146 ? -1.169  -0.856  -5.130  1.00 19.58  ? 145 SER A CA  1 
ATOM   752  C C   . SER A 1 146 ? 0.109   -1.732  -5.137  1.00 20.40  ? 145 SER A C   1 
ATOM   753  O O   . SER A 1 146 ? -0.009  -2.975  -5.188  1.00 20.29  ? 145 SER A O   1 
ATOM   754  C CB  . SER A 1 146 ? -1.414  -0.211  -6.481  1.00 20.02  ? 145 SER A CB  1 
ATOM   755  O OG  . SER A 1 146 ? -1.379  -1.134  -7.542  1.00 26.97  ? 145 SER A OG  1 
ATOM   756  N N   . PHE A 1 147 ? 1.296   -1.086  -5.053  1.00 20.84  ? 146 PHE A N   1 
ATOM   757  C CA  . PHE A 1 147 ? 2.563   -1.816  -4.897  1.00 19.75  ? 146 PHE A CA  1 
ATOM   758  C C   . PHE A 1 147 ? 2.513   -2.758  -3.719  1.00 19.43  ? 146 PHE A C   1 
ATOM   759  O O   . PHE A 1 147 ? 2.914   -3.978  -3.826  1.00 21.61  ? 146 PHE A O   1 
ATOM   760  C CB  . PHE A 1 147 ? 3.730   -0.845  -4.726  1.00 18.95  ? 146 PHE A CB  1 
ATOM   761  C CG  . PHE A 1 147 ? 5.050   -1.550  -4.586  1.00 23.06  ? 146 PHE A CG  1 
ATOM   762  C CD1 . PHE A 1 147 ? 5.517   -2.379  -5.626  1.00 27.97  ? 146 PHE A CD1 1 
ATOM   763  C CD2 . PHE A 1 147 ? 5.810   -1.388  -3.446  1.00 28.56  ? 146 PHE A CD2 1 
ATOM   764  C CE1 . PHE A 1 147 ? 6.761   -3.046  -5.483  1.00 30.09  ? 146 PHE A CE1 1 
ATOM   765  C CE2 . PHE A 1 147 ? 7.064   -1.972  -3.307  1.00 26.61  ? 146 PHE A CE2 1 
ATOM   766  C CZ  . PHE A 1 147 ? 7.525   -2.837  -4.275  1.00 26.10  ? 146 PHE A CZ  1 
ATOM   767  N N   . GLY A 1 148 ? 2.094   -2.284  -2.540  1.00 20.51  ? 147 GLY A N   1 
ATOM   768  C CA  . GLY A 1 148 ? 2.021   -3.245  -1.481  1.00 20.55  ? 147 GLY A CA  1 
ATOM   769  C C   . GLY A 1 148 ? 0.982   -4.375  -1.677  1.00 19.37  ? 147 GLY A C   1 
ATOM   770  O O   . GLY A 1 148 ? 1.254   -5.535  -1.303  1.00 21.46  ? 147 GLY A O   1 
ATOM   771  N N   . GLY A 1 149 ? -0.174  -4.104  -2.297  1.00 17.84  ? 148 GLY A N   1 
ATOM   772  C CA  . GLY A 1 149 ? -1.109  -5.201  -2.686  1.00 20.64  ? 148 GLY A CA  1 
ATOM   773  C C   . GLY A 1 149 ? -0.391  -6.193  -3.591  1.00 21.80  ? 148 GLY A C   1 
ATOM   774  O O   . GLY A 1 149 ? -0.532  -7.436  -3.422  1.00 21.49  ? 148 GLY A O   1 
ATOM   775  N N   . ALA A 1 150 ? 0.342   -5.650  -4.550  1.00 20.96  ? 149 ALA A N   1 
ATOM   776  C CA  . ALA A 1 150 ? 1.104   -6.511  -5.466  1.00 23.88  ? 149 ALA A CA  1 
ATOM   777  C C   . ALA A 1 150 ? 2.162   -7.367  -4.780  1.00 21.36  ? 149 ALA A C   1 
ATOM   778  O O   . ALA A 1 150 ? 2.343   -8.563  -5.095  1.00 21.82  ? 149 ALA A O   1 
ATOM   779  C CB  . ALA A 1 150 ? 1.735   -5.621  -6.639  1.00 23.00  ? 149 ALA A CB  1 
ATOM   780  N N   . LEU A 1 151 ? 2.907   -6.790  -3.846  1.00 22.60  ? 150 LEU A N   1 
ATOM   781  C CA  . LEU A 1 151 ? 3.862   -7.584  -3.110  1.00 23.57  ? 150 LEU A CA  1 
ATOM   782  C C   . LEU A 1 151 ? 3.168   -8.648  -2.296  1.00 22.80  ? 150 LEU A C   1 
ATOM   783  O O   . LEU A 1 151 ? 3.739   -9.749  -2.110  1.00 22.10  ? 150 LEU A O   1 
ATOM   784  C CB  . LEU A 1 151 ? 4.579   -6.683  -2.125  1.00 23.16  ? 150 LEU A CB  1 
ATOM   785  C CG  . LEU A 1 151 ? 6.073   -6.570  -2.067  1.00 33.74  ? 150 LEU A CG  1 
ATOM   786  C CD1 . LEU A 1 151 ? 6.894   -6.695  -3.415  1.00 25.46  ? 150 LEU A CD1 1 
ATOM   787  C CD2 . LEU A 1 151 ? 6.383   -5.230  -1.281  1.00 25.28  ? 150 LEU A CD2 1 
ATOM   788  N N   . CYS A 1 152 ? 2.005   -8.338  -1.738  1.00 22.46  ? 151 CYS A N   1 
ATOM   789  C CA  . CYS A 1 152 ? 1.206   -9.360  -1.019  1.00 23.91  ? 151 CYS A CA  1 
ATOM   790  C C   . CYS A 1 152 ? 0.864   -10.553 -1.937  1.00 23.41  ? 151 CYS A C   1 
ATOM   791  O O   . CYS A 1 152 ? 1.156   -11.751 -1.633  1.00 21.54  ? 151 CYS A O   1 
ATOM   792  C CB  . CYS A 1 152 ? -0.044  -8.728  -0.400  1.00 25.11  ? 151 CYS A CB  1 
ATOM   793  S SG  . CYS A 1 152 ? 0.432   -7.897  1.155   1.00 24.11  ? 151 CYS A SG  1 
ATOM   794  N N   . VAL A 1 153 ? 0.301   -10.211 -3.083  1.00 23.39  ? 152 VAL A N   1 
ATOM   795  C CA  . VAL A 1 153 ? -0.061  -11.264 -4.045  1.00 22.80  ? 152 VAL A CA  1 
ATOM   796  C C   . VAL A 1 153 ? 1.177   -12.072 -4.486  1.00 23.78  ? 152 VAL A C   1 
ATOM   797  O O   . VAL A 1 153 ? 1.144   -13.319 -4.513  1.00 22.80  ? 152 VAL A O   1 
ATOM   798  C CB  . VAL A 1 153 ? -0.775  -10.646 -5.241  1.00 25.84  ? 152 VAL A CB  1 
ATOM   799  C CG1 . VAL A 1 153 ? -0.864  -11.669 -6.421  1.00 25.35  ? 152 VAL A CG1 1 
ATOM   800  C CG2 . VAL A 1 153 ? -2.206  -10.122 -4.762  1.00 21.33  ? 152 VAL A CG2 1 
ATOM   801  N N   . GLU A 1 154 ? 2.263   -11.369 -4.831  1.00 22.50  ? 153 GLU A N   1 
ATOM   802  C CA  . GLU A 1 154 ? 3.533   -12.090 -5.161  1.00 22.94  ? 153 GLU A CA  1 
ATOM   803  C C   . GLU A 1 154 ? 4.009   -12.979 -4.029  1.00 22.91  ? 153 GLU A C   1 
ATOM   804  O O   . GLU A 1 154 ? 4.380   -14.145 -4.256  1.00 22.97  ? 153 GLU A O   1 
ATOM   805  C CB  . GLU A 1 154 ? 4.615   -11.054 -5.519  1.00 23.64  ? 153 GLU A CB  1 
ATOM   806  C CG  . GLU A 1 154 ? 4.307   -10.517 -6.924  1.00 30.64  ? 153 GLU A CG  1 
ATOM   807  C CD  . GLU A 1 154 ? 5.103   -9.260  -7.259  1.00 41.21  ? 153 GLU A CD  1 
ATOM   808  O OE1 . GLU A 1 154 ? 4.622   -8.480  -8.150  1.00 42.95  ? 153 GLU A OE1 1 
ATOM   809  O OE2 . GLU A 1 154 ? 6.196   -9.089  -6.633  1.00 42.11  ? 153 GLU A OE2 1 
ATOM   810  N N   . SER A 1 155 ? 3.922   -12.514 -2.793  1.00 22.86  ? 154 SER A N   1 
ATOM   811  C CA  . SER A 1 155 ? 4.411   -13.333 -1.652  1.00 22.06  ? 154 SER A CA  1 
ATOM   812  C C   . SER A 1 155 ? 3.605   -14.635 -1.603  1.00 20.79  ? 154 SER A C   1 
ATOM   813  O O   . SER A 1 155 ? 4.170   -15.727 -1.346  1.00 21.28  ? 154 SER A O   1 
ATOM   814  C CB  . SER A 1 155 ? 4.194   -12.548 -0.331  1.00 23.39  ? 154 SER A CB  1 
ATOM   815  O OG  . SER A 1 155 ? 5.162   -11.483 -0.307  1.00 26.21  ? 154 SER A OG  1 
ATOM   816  N N   . VAL A 1 156 ? 2.299   -14.529 -1.766  1.00 19.41  ? 155 VAL A N   1 
ATOM   817  C CA  . VAL A 1 156 ? 1.405   -15.726 -1.747  1.00 21.69  ? 155 VAL A CA  1 
ATOM   818  C C   . VAL A 1 156 ? 1.802   -16.636 -2.881  1.00 22.73  ? 155 VAL A C   1 
ATOM   819  O O   . VAL A 1 156 ? 1.978   -17.867 -2.681  1.00 23.45  ? 155 VAL A O   1 
ATOM   820  C CB  . VAL A 1 156 ? -0.031  -15.347 -1.825  1.00 23.50  ? 155 VAL A CB  1 
ATOM   821  C CG1 . VAL A 1 156 ? -0.885  -16.637 -1.780  1.00 25.14  ? 155 VAL A CG1 1 
ATOM   822  C CG2 . VAL A 1 156 ? -0.432  -14.545 -0.522  1.00 23.67  ? 155 VAL A CG2 1 
ATOM   823  N N   . ASP A 1 157 ? 1.989   -16.014 -4.054  1.00 21.83  ? 156 ASP A N   1 
ATOM   824  C CA  . ASP A 1 157 ? 2.406   -16.808 -5.239  1.00 24.02  ? 156 ASP A CA  1 
ATOM   825  C C   . ASP A 1 157 ? 3.785   -17.503 -5.113  1.00 24.45  ? 156 ASP A C   1 
ATOM   826  O O   . ASP A 1 157 ? 4.023   -18.496 -5.855  1.00 23.82  ? 156 ASP A O   1 
ATOM   827  C CB  . ASP A 1 157 ? 2.415   -15.949 -6.455  1.00 22.15  ? 156 ASP A CB  1 
ATOM   828  C CG  . ASP A 1 157 ? 0.956   -15.670 -6.969  1.00 26.86  ? 156 ASP A CG  1 
ATOM   829  O OD1 . ASP A 1 157 ? -0.045  -16.244 -6.446  1.00 25.56  ? 156 ASP A OD1 1 
ATOM   830  O OD2 . ASP A 1 157 ? 0.817   -14.850 -7.855  1.00 27.23  ? 156 ASP A OD2 1 
ATOM   831  N N   . LYS A 1 158 ? 4.663   -16.962 -4.259  1.00 22.36  ? 157 LYS A N   1 
ATOM   832  C CA  . LYS A 1 158 ? 5.996   -17.544 -3.988  1.00 23.76  ? 157 LYS A CA  1 
ATOM   833  C C   . LYS A 1 158 ? 6.009   -18.518 -2.855  1.00 22.74  ? 157 LYS A C   1 
ATOM   834  O O   . LYS A 1 158 ? 7.107   -18.949 -2.374  1.00 24.50  ? 157 LYS A O   1 
ATOM   835  C CB  . LYS A 1 158 ? 7.013   -16.407 -3.703  1.00 21.88  ? 157 LYS A CB  1 
ATOM   836  C CG  . LYS A 1 158 ? 7.233   -15.546 -4.969  1.00 23.77  ? 157 LYS A CG  1 
ATOM   837  C CD  . LYS A 1 158 ? 7.875   -14.187 -4.564  1.00 28.02  ? 157 LYS A CD  1 
ATOM   838  C CE  . LYS A 1 158 ? 9.275   -14.340 -4.391  1.00 28.01  ? 157 LYS A CE  1 
ATOM   839  N NZ  . LYS A 1 158 ? 9.985   -13.009 -4.139  1.00 31.65  ? 157 LYS A NZ  1 
ATOM   840  N N   . GLU A 1 159 ? 4.818   -18.858 -2.383  1.00 23.82  ? 158 GLU A N   1 
ATOM   841  C CA  . GLU A 1 159 ? 4.651   -19.729 -1.253  1.00 23.21  ? 158 GLU A CA  1 
ATOM   842  C C   . GLU A 1 159 ? 5.375   -19.114 -0.041  1.00 25.05  ? 158 GLU A C   1 
ATOM   843  O O   . GLU A 1 159 ? 5.994   -19.792 0.788   1.00 24.74  ? 158 GLU A O   1 
ATOM   844  C CB  . GLU A 1 159 ? 5.142   -21.175 -1.574  1.00 23.15  ? 158 GLU A CB  1 
ATOM   845  C CG  . GLU A 1 159 ? 4.197   -21.839 -2.557  1.00 22.63  ? 158 GLU A CG  1 
ATOM   846  C CD  . GLU A 1 159 ? 2.916   -22.251 -1.874  1.00 30.79  ? 158 GLU A CD  1 
ATOM   847  O OE1 . GLU A 1 159 ? 2.973   -22.850 -0.803  1.00 40.23  ? 158 GLU A OE1 1 
ATOM   848  O OE2 . GLU A 1 159 ? 1.841   -21.940 -2.335  1.00 30.45  ? 158 GLU A OE2 1 
ATOM   849  N N   . MET A 1 160 ? 5.240   -17.807 0.087   1.00 23.17  ? 159 MET A N   1 
ATOM   850  C CA  . MET A 1 160 ? 5.780   -17.114 1.257   1.00 26.52  ? 159 MET A CA  1 
ATOM   851  C C   . MET A 1 160 ? 4.700   -16.336 1.994   1.00 28.43  ? 159 MET A C   1 
ATOM   852  O O   . MET A 1 160 ? 4.816   -15.100 2.260   1.00 26.07  ? 159 MET A O   1 
ATOM   853  C CB  . MET A 1 160 ? 6.872   -16.178 0.799   1.00 25.16  ? 159 MET A CB  1 
ATOM   854  C CG  . MET A 1 160 ? 8.099   -16.864 0.321   1.00 22.65  ? 159 MET A CG  1 
ATOM   855  S SD  . MET A 1 160 ? 9.200   -15.659 -0.532  1.00 25.95  ? 159 MET A SD  1 
ATOM   856  C CE  . MET A 1 160 ? 10.400  -16.883 -1.157  1.00 30.45  ? 159 MET A CE  1 
ATOM   857  N N   . GLN A 1 161 ? 3.614   -17.037 2.280   1.00 30.44  ? 160 GLN A N   1 
ATOM   858  C CA  . GLN A 1 161 ? 2.448   -16.389 2.778   1.00 32.60  ? 160 GLN A CA  1 
ATOM   859  C C   . GLN A 1 161 ? 2.705   -15.699 4.152   1.00 32.72  ? 160 GLN A C   1 
ATOM   860  O O   . GLN A 1 161 ? 2.101   -14.668 4.430   1.00 31.45  ? 160 GLN A O   1 
ATOM   861  C CB  . GLN A 1 161 ? 1.234   -17.351 2.767   1.00 34.92  ? 160 GLN A CB  1 
ATOM   862  C CG  . GLN A 1 161 ? -0.053  -16.618 2.385   1.00 42.02  ? 160 GLN A CG  1 
ATOM   863  C CD  . GLN A 1 161 ? -1.349  -17.318 2.755   1.00 54.01  ? 160 GLN A CD  1 
ATOM   864  O OE1 . GLN A 1 161 ? -2.439  -16.723 2.628   1.00 54.49  ? 160 GLN A OE1 1 
ATOM   865  N NE2 . GLN A 1 161 ? -1.252  -18.581 3.221   1.00 53.09  ? 160 GLN A NE2 1 
ATOM   866  N N   . VAL A 1 162 ? 3.700   -16.136 4.912   1.00 32.95  ? 161 VAL A N   1 
ATOM   867  C CA  . VAL A 1 162 ? 4.046   -15.414 6.155   1.00 34.50  ? 161 VAL A CA  1 
ATOM   868  C C   . VAL A 1 162 ? 4.344   -13.909 5.957   1.00 32.77  ? 161 VAL A C   1 
ATOM   869  O O   . VAL A 1 162 ? 4.183   -13.148 6.885   1.00 33.42  ? 161 VAL A O   1 
ATOM   870  C CB  . VAL A 1 162 ? 5.274   -15.973 6.939   1.00 35.37  ? 161 VAL A CB  1 
ATOM   871  C CG1 . VAL A 1 162 ? 5.081   -17.431 7.248   1.00 41.15  ? 161 VAL A CG1 1 
ATOM   872  C CG2 . VAL A 1 162 ? 6.627   -15.694 6.204   1.00 35.03  ? 161 VAL A CG2 1 
ATOM   873  N N   . LEU A 1 163 ? 4.774   -13.474 4.752   1.00 29.52  ? 162 LEU A N   1 
ATOM   874  C CA  . LEU A 1 163 ? 5.194   -12.105 4.534   1.00 27.91  ? 162 LEU A CA  1 
ATOM   875  C C   . LEU A 1 163 ? 4.019   -11.145 4.493   1.00 26.23  ? 162 LEU A C   1 
ATOM   876  O O   . LEU A 1 163 ? 4.209   -9.928  4.538   1.00 25.78  ? 162 LEU A O   1 
ATOM   877  C CB  . LEU A 1 163 ? 5.944   -11.999 3.198   1.00 28.03  ? 162 LEU A CB  1 
ATOM   878  C CG  . LEU A 1 163 ? 7.322   -12.663 3.129   1.00 29.59  ? 162 LEU A CG  1 
ATOM   879  C CD1 . LEU A 1 163 ? 7.738   -12.555 1.722   1.00 30.38  ? 162 LEU A CD1 1 
ATOM   880  C CD2 . LEU A 1 163 ? 8.301   -11.837 3.956   1.00 33.19  ? 162 LEU A CD2 1 
ATOM   881  N N   . VAL A 1 164 ? 2.804   -11.656 4.283   1.00 24.54  ? 163 VAL A N   1 
ATOM   882  C CA  . VAL A 1 164 ? 1.671   -10.724 4.078   1.00 24.55  ? 163 VAL A CA  1 
ATOM   883  C C   . VAL A 1 164 ? 1.484   -9.791  5.275   1.00 25.80  ? 163 VAL A C   1 
ATOM   884  O O   . VAL A 1 164 ? 1.279   -8.565  5.159   1.00 22.71  ? 163 VAL A O   1 
ATOM   885  C CB  . VAL A 1 164 ? 0.376   -11.498 3.705   1.00 26.08  ? 163 VAL A CB  1 
ATOM   886  C CG1 . VAL A 1 164 ? -0.830  -10.508 3.710   1.00 28.29  ? 163 VAL A CG1 1 
ATOM   887  C CG2 . VAL A 1 164 ? 0.579   -12.181 2.265   1.00 23.36  ? 163 VAL A CG2 1 
ATOM   888  N N   . SER A 1 165 ? 1.461   -10.374 6.458   1.00 25.69  ? 164 SER A N   1 
ATOM   889  C CA  . SER A 1 165 ? 1.291   -9.528  7.624   1.00 26.43  ? 164 SER A CA  1 
ATOM   890  C C   . SER A 1 165 ? 2.526   -8.643  7.873   1.00 25.77  ? 164 SER A C   1 
ATOM   891  O O   . SER A 1 165 ? 2.395   -7.576  8.427   1.00 27.23  ? 164 SER A O   1 
ATOM   892  C CB  . SER A 1 165 ? 1.009   -10.431 8.837   1.00 27.02  ? 164 SER A CB  1 
ATOM   893  O OG  . SER A 1 165 ? 2.203   -11.252 9.004   1.00 34.45  ? 164 SER A OG  1 
ATOM   894  N N   . ARG A 1 166 ? 3.713   -9.071  7.438   1.00 25.47  ? 165 ARG A N   1 
ATOM   895  C CA  . ARG A 1 166 ? 4.918   -8.236  7.547   1.00 25.29  ? 165 ARG A CA  1 
ATOM   896  C C   . ARG A 1 166 ? 4.823   -7.015  6.614   1.00 24.84  ? 165 ARG A C   1 
ATOM   897  O O   . ARG A 1 166 ? 5.251   -5.863  6.941   1.00 23.71  ? 165 ARG A O   1 
ATOM   898  C CB  . ARG A 1 166 ? 6.178   -9.098  7.210   1.00 26.80  ? 165 ARG A CB  1 
ATOM   899  C CG  . ARG A 1 166 ? 7.486   -8.425  7.654   1.00 32.92  ? 165 ARG A CG  1 
ATOM   900  C CD  . ARG A 1 166 ? 8.766   -9.371  7.612   1.00 38.40  ? 165 ARG A CD  1 
ATOM   901  N NE  . ARG A 1 166 ? 8.542   -10.623 8.338   1.00 42.80  ? 165 ARG A NE  1 
ATOM   902  C CZ  . ARG A 1 166 ? 9.290   -11.738 8.251   1.00 46.59  ? 165 ARG A CZ  1 
ATOM   903  N NH1 . ARG A 1 166 ? 10.333  -11.811 7.434   1.00 47.92  ? 165 ARG A NH1 1 
ATOM   904  N NH2 . ARG A 1 166 ? 8.967   -12.803 8.981   1.00 48.76  ? 165 ARG A NH2 1 
ATOM   905  N N   . ILE A 1 167 ? 4.324   -7.286  5.400   1.00 24.52  ? 166 ILE A N   1 
ATOM   906  C CA  . ILE A 1 167 ? 4.205   -6.233  4.429   1.00 23.23  ? 166 ILE A CA  1 
ATOM   907  C C   . ILE A 1 167 ? 3.187   -5.214  4.953   1.00 22.99  ? 166 ILE A C   1 
ATOM   908  O O   . ILE A 1 167 ? 3.401   -4.019  4.800   1.00 23.16  ? 166 ILE A O   1 
ATOM   909  C CB  . ILE A 1 167 ? 3.831   -6.797  2.971   1.00 23.56  ? 166 ILE A CB  1 
ATOM   910  C CG1 . ILE A 1 167 ? 4.998   -7.523  2.315   1.00 21.88  ? 166 ILE A CG1 1 
ATOM   911  C CG2 . ILE A 1 167 ? 3.387   -5.648  2.096   1.00 21.56  ? 166 ILE A CG2 1 
ATOM   912  C CD1 . ILE A 1 167 ? 4.477   -8.609  1.358   1.00 24.47  ? 166 ILE A CD1 1 
ATOM   913  N N   . ALA A 1 168 ? 2.133   -5.635  5.676   1.00 22.00  ? 167 ALA A N   1 
ATOM   914  C CA  . ALA A 1 168 ? 1.120   -4.662  6.164   1.00 23.32  ? 167 ALA A CA  1 
ATOM   915  C C   . ALA A 1 168 ? 1.845   -3.819  7.227   1.00 22.99  ? 167 ALA A C   1 
ATOM   916  O O   . ALA A 1 168 ? 1.646   -2.596  7.329   1.00 22.69  ? 167 ALA A O   1 
ATOM   917  C CB  . ALA A 1 168 ? -0.060  -5.393  6.771   1.00 21.76  ? 167 ALA A CB  1 
ATOM   918  N N   . SER A 1 169 ? 2.701   -4.456  7.988   1.00 23.71  ? 168 SER A N   1 
ATOM   919  C CA  . SER A 1 169 ? 3.403   -3.684  9.083   1.00 24.76  ? 168 SER A CA  1 
ATOM   920  C C   . SER A 1 169 ? 4.424   -2.677  8.502   1.00 23.08  ? 168 SER A C   1 
ATOM   921  O O   . SER A 1 169 ? 4.413   -1.529  8.884   1.00 25.32  ? 168 SER A O   1 
ATOM   922  C CB  . SER A 1 169 ? 4.056   -4.679  10.057  1.00 25.12  ? 168 SER A CB  1 
ATOM   923  O OG  . SER A 1 169 ? 5.054   -4.011  10.745  1.00 33.76  ? 168 SER A OG  1 
ATOM   924  N N   . TRP A 1 170 ? 5.127   -3.066  7.431   1.00 21.61  ? 169 TRP A N   1 
ATOM   925  C CA  . TRP A 1 170 ? 6.097   -2.258  6.759   1.00 21.49  ? 169 TRP A CA  1 
ATOM   926  C C   . TRP A 1 170 ? 5.369   -1.085  6.113   1.00 20.51  ? 169 TRP A C   1 
ATOM   927  O O   . TRP A 1 170 ? 5.836   0.063   6.176   1.00 20.95  ? 169 TRP A O   1 
ATOM   928  C CB  . TRP A 1 170 ? 6.762   -3.077  5.673   1.00 23.58  ? 169 TRP A CB  1 
ATOM   929  C CG  . TRP A 1 170 ? 7.754   -4.024  6.157   1.00 23.27  ? 169 TRP A CG  1 
ATOM   930  C CD1 . TRP A 1 170 ? 8.196   -4.213  7.474   1.00 26.35  ? 169 TRP A CD1 1 
ATOM   931  C CD2 . TRP A 1 170 ? 8.425   -4.984  5.357   1.00 27.13  ? 169 TRP A CD2 1 
ATOM   932  N NE1 . TRP A 1 170 ? 9.145   -5.263  7.491   1.00 27.70  ? 169 TRP A NE1 1 
ATOM   933  C CE2 . TRP A 1 170 ? 9.313   -5.711  6.204   1.00 28.32  ? 169 TRP A CE2 1 
ATOM   934  C CE3 . TRP A 1 170 ? 8.403   -5.272  3.969   1.00 28.99  ? 169 TRP A CE3 1 
ATOM   935  C CZ2 . TRP A 1 170 ? 10.123  -6.722  5.711   1.00 32.78  ? 169 TRP A CZ2 1 
ATOM   936  C CZ3 . TRP A 1 170 ? 9.201   -6.282  3.483   1.00 34.05  ? 169 TRP A CZ3 1 
ATOM   937  C CH2 . TRP A 1 170 ? 10.040  -7.011  4.343   1.00 34.58  ? 169 TRP A CH2 1 
ATOM   938  N N   . MET A 1 171 ? 4.210   -1.369  5.556   1.00 21.01  ? 170 MET A N   1 
ATOM   939  C CA  . MET A 1 171 ? 3.464   -0.315  4.876   1.00 20.67  ? 170 MET A CA  1 
ATOM   940  C C   . MET A 1 171 ? 2.962   0.692   5.901   1.00 22.24  ? 170 MET A C   1 
ATOM   941  O O   . MET A 1 171 ? 2.979   1.887   5.655   1.00 22.88  ? 170 MET A O   1 
ATOM   942  C CB  . MET A 1 171 ? 2.242   -0.868  4.129   1.00 21.64  ? 170 MET A CB  1 
ATOM   943  C CG  . MET A 1 171 ? 2.591   -1.523  2.781   1.00 19.58  ? 170 MET A CG  1 
ATOM   944  S SD  . MET A 1 171 ? 1.225   -2.317  1.971   1.00 20.63  ? 170 MET A SD  1 
ATOM   945  C CE  . MET A 1 171 ? 0.363   -0.824  1.425   1.00 15.08  ? 170 MET A CE  1 
ATOM   946  N N   . ALA A 1 172 ? 2.492   0.204   7.054   1.00 20.28  ? 171 ALA A N   1 
ATOM   947  C CA  . ALA A 1 172 ? 2.003   1.188   8.041   1.00 22.56  ? 171 ALA A CA  1 
ATOM   948  C C   . ALA A 1 172 ? 3.131   2.066   8.565   1.00 22.22  ? 171 ALA A C   1 
ATOM   949  O O   . ALA A 1 172 ? 2.989   3.262   8.674   1.00 22.51  ? 171 ALA A O   1 
ATOM   950  C CB  . ALA A 1 172 ? 1.327   0.490   9.223   1.00 22.83  ? 171 ALA A CB  1 
ATOM   951  N N   . THR A 1 173 ? 4.284   1.478   8.802   1.00 21.74  ? 172 THR A N   1 
ATOM   952  C CA  . THR A 1 173 ? 5.463   2.207   9.292   1.00 21.25  ? 172 THR A CA  1 
ATOM   953  C C   . THR A 1 173 ? 5.828   3.250   8.248   1.00 22.05  ? 172 THR A C   1 
ATOM   954  O O   . THR A 1 173 ? 6.066   4.453   8.572   1.00 22.32  ? 172 THR A O   1 
ATOM   955  C CB  . THR A 1 173 ? 6.647   1.196   9.448   1.00 22.29  ? 172 THR A CB  1 
ATOM   956  O OG1 . THR A 1 173 ? 6.316   0.306   10.536  1.00 23.36  ? 172 THR A OG1 1 
ATOM   957  C CG2 . THR A 1 173 ? 7.935   1.941   9.773   1.00 24.23  ? 172 THR A CG2 1 
ATOM   958  N N   . TYR A 1 174 ? 5.818   2.828   6.972   1.00 19.06  ? 173 TYR A N   1 
ATOM   959  C CA  . TYR A 1 174 ? 6.329   3.758   5.980   1.00 18.93  ? 173 TYR A CA  1 
ATOM   960  C C   . TYR A 1 174 ? 5.346   4.913   5.792   1.00 20.68  ? 173 TYR A C   1 
ATOM   961  O O   . TYR A 1 174 ? 5.734   6.085   5.656   1.00 21.77  ? 173 TYR A O   1 
ATOM   962  C CB  . TYR A 1 174 ? 6.500   2.963   4.696   1.00 18.91  ? 173 TYR A CB  1 
ATOM   963  C CG  . TYR A 1 174 ? 7.200   3.752   3.567   1.00 19.28  ? 173 TYR A CG  1 
ATOM   964  C CD1 . TYR A 1 174 ? 6.447   4.696   2.835   1.00 22.56  ? 173 TYR A CD1 1 
ATOM   965  C CD2 . TYR A 1 174 ? 8.534   3.617   3.306   1.00 20.69  ? 173 TYR A CD2 1 
ATOM   966  C CE1 . TYR A 1 174 ? 7.020   5.461   1.792   1.00 21.28  ? 173 TYR A CE1 1 
ATOM   967  C CE2 . TYR A 1 174 ? 9.173   4.357   2.263   1.00 22.14  ? 173 TYR A CE2 1 
ATOM   968  C CZ  . TYR A 1 174 ? 8.413   5.271   1.532   1.00 21.57  ? 173 TYR A CZ  1 
ATOM   969  O OH  . TYR A 1 174 ? 9.095   5.933   0.559   1.00 20.80  ? 173 TYR A OH  1 
ATOM   970  N N   . LEU A 1 175 ? 4.060   4.560   5.758   1.00 22.35  ? 174 LEU A N   1 
ATOM   971  C CA  . LEU A 1 175 ? 3.013   5.546   5.567   1.00 22.57  ? 174 LEU A CA  1 
ATOM   972  C C   . LEU A 1 175 ? 3.099   6.536   6.757   1.00 23.59  ? 174 LEU A C   1 
ATOM   973  O O   . LEU A 1 175 ? 3.043   7.752   6.585   1.00 23.69  ? 174 LEU A O   1 
ATOM   974  C CB  . LEU A 1 175 ? 1.653   4.806   5.635   1.00 23.50  ? 174 LEU A CB  1 
ATOM   975  C CG  . LEU A 1 175 ? 0.342   5.606   5.641   1.00 24.98  ? 174 LEU A CG  1 
ATOM   976  C CD1 . LEU A 1 175 ? 0.232   6.625   4.554   1.00 28.70  ? 174 LEU A CD1 1 
ATOM   977  C CD2 . LEU A 1 175 ? -0.929  4.580   5.597   1.00 24.65  ? 174 LEU A CD2 1 
ATOM   978  N N   . ASN A 1 176 ? 3.144   6.009   7.989   1.00 22.98  ? 175 ASN A N   1 
ATOM   979  C CA  . ASN A 1 176 ? 3.174   6.922   9.121   1.00 24.56  ? 175 ASN A CA  1 
ATOM   980  C C   . ASN A 1 176 ? 4.440   7.820   9.183   1.00 25.67  ? 175 ASN A C   1 
ATOM   981  O O   . ASN A 1 176 ? 4.366   9.015   9.515   1.00 26.92  ? 175 ASN A O   1 
ATOM   982  C CB  . ASN A 1 176 ? 2.983   6.138   10.458  1.00 24.05  ? 175 ASN A CB  1 
ATOM   983  C CG  . ASN A 1 176 ? 1.547   5.698   10.640  1.00 25.26  ? 175 ASN A CG  1 
ATOM   984  O OD1 . ASN A 1 176 ? 1.248   4.551   11.063  1.00 34.62  ? 175 ASN A OD1 1 
ATOM   985  N ND2 . ASN A 1 176 ? 0.627   6.575   10.311  1.00 25.79  ? 175 ASN A ND2 1 
ATOM   986  N N   . ASP A 1 177 ? 5.585   7.269   8.837   1.00 24.63  ? 176 ASP A N   1 
ATOM   987  C CA  . ASP A 1 177 ? 6.852   8.003   8.872   1.00 25.90  ? 176 ASP A CA  1 
ATOM   988  C C   . ASP A 1 177 ? 6.939   8.989   7.699   1.00 24.35  ? 176 ASP A C   1 
ATOM   989  O O   . ASP A 1 177 ? 7.119   10.165  7.897   1.00 24.57  ? 176 ASP A O   1 
ATOM   990  C CB  . ASP A 1 177 ? 8.028   7.023   8.774   1.00 26.26  ? 176 ASP A CB  1 
ATOM   991  C CG  . ASP A 1 177 ? 9.382   7.725   8.823   1.00 33.85  ? 176 ASP A CG  1 
ATOM   992  O OD1 . ASP A 1 177 ? 9.449   8.871   9.373   1.00 32.94  ? 176 ASP A OD1 1 
ATOM   993  O OD2 . ASP A 1 177 ? 10.400  7.123   8.352   1.00 31.85  ? 176 ASP A OD2 1 
ATOM   994  N N   . HIS A 1 178 ? 6.792   8.512   6.473   1.00 21.81  ? 177 HIS A N   1 
ATOM   995  C CA  . HIS A 1 178 ? 7.216   9.289   5.315   1.00 20.92  ? 177 HIS A CA  1 
ATOM   996  C C   . HIS A 1 178 ? 6.047   9.976   4.551   1.00 22.39  ? 177 HIS A C   1 
ATOM   997  O O   . HIS A 1 178 ? 6.295   10.979  3.885   1.00 24.08  ? 177 HIS A O   1 
ATOM   998  C CB  . HIS A 1 178 ? 7.888   8.420   4.293   1.00 20.80  ? 177 HIS A CB  1 
ATOM   999  C CG  . HIS A 1 178 ? 9.240   7.931   4.736   1.00 18.50  ? 177 HIS A CG  1 
ATOM   1000 N ND1 . HIS A 1 178 ? 10.267  8.774   5.101   1.00 17.11  ? 177 HIS A ND1 1 
ATOM   1001 C CD2 . HIS A 1 178 ? 9.743   6.679   4.809   1.00 18.65  ? 177 HIS A CD2 1 
ATOM   1002 C CE1 . HIS A 1 178 ? 11.351  8.071   5.389   1.00 25.35  ? 177 HIS A CE1 1 
ATOM   1003 N NE2 . HIS A 1 178 ? 11.054  6.787   5.218   1.00 19.86  ? 177 HIS A NE2 1 
ATOM   1004 N N   . LEU A 1 179 ? 4.957   9.448   4.750   1.00 20.72  ? 178 LEU A N   1 
ATOM   1005 C CA  . LEU A 1 179 ? 3.853   9.952   3.866   1.00 21.52  ? 178 LEU A CA  1 
ATOM   1006 C C   . LEU A 1 179 ? 2.897   10.828  4.632   1.00 22.38  ? 178 LEU A C   1 
ATOM   1007 O O   . LEU A 1 179 ? 2.443   11.840  4.107   1.00 23.40  ? 178 LEU A O   1 
ATOM   1008 C CB  . LEU A 1 179 ? 3.101   8.780   3.230   1.00 20.00  ? 178 LEU A CB  1 
ATOM   1009 C CG  . LEU A 1 179 ? 3.900   7.909   2.257   1.00 20.00  ? 178 LEU A CG  1 
ATOM   1010 C CD1 . LEU A 1 179 ? 3.079   6.706   1.817   1.00 20.00  ? 178 LEU A CD1 1 
ATOM   1011 C CD2 . LEU A 1 179 ? 4.354   8.722   1.055   1.00 20.00  ? 178 LEU A CD2 1 
ATOM   1012 N N   . GLU A 1 180 ? 2.539   10.471  5.829   1.00 20.94  ? 179 GLU A N   1 
ATOM   1013 C CA  . GLU A 1 180 ? 1.619   11.293  6.578   1.00 23.81  ? 179 GLU A CA  1 
ATOM   1014 C C   . GLU A 1 180 ? 1.958   12.818  6.610   1.00 23.46  ? 179 GLU A C   1 
ATOM   1015 O O   . GLU A 1 180 ? 1.022   13.655  6.648   1.00 25.19  ? 179 GLU A O   1 
ATOM   1016 C CB  . GLU A 1 180 ? 1.572   10.697  7.967   1.00 24.45  ? 179 GLU A CB  1 
ATOM   1017 C CG  . GLU A 1 180 ? 0.646   11.410  8.966   1.00 31.65  ? 179 GLU A CG  1 
ATOM   1018 C CD  . GLU A 1 180 ? -0.831  11.395  8.552   1.00 37.49  ? 179 GLU A CD  1 
ATOM   1019 O OE1 . GLU A 1 180 ? -1.363  10.518  7.800   1.00 36.10  ? 179 GLU A OE1 1 
ATOM   1020 O OE2 . GLU A 1 180 ? -1.493  12.323  9.023   1.00 44.80  ? 179 GLU A OE2 1 
ATOM   1021 N N   . PRO A 1 181 ? 3.267   13.183  6.637   1.00 24.06  ? 180 PRO A N   1 
ATOM   1022 C CA  . PRO A 1 181 ? 3.562   14.635  6.797   1.00 22.42  ? 180 PRO A CA  1 
ATOM   1023 C C   . PRO A 1 181 ? 2.982   15.424  5.641   1.00 24.05  ? 180 PRO A C   1 
ATOM   1024 O O   . PRO A 1 181 ? 2.423   16.565  5.788   1.00 25.03  ? 180 PRO A O   1 
ATOM   1025 C CB  . PRO A 1 181 ? 5.114   14.686  6.764   1.00 22.14  ? 180 PRO A CB  1 
ATOM   1026 C CG  . PRO A 1 181 ? 5.558   13.280  7.415   1.00 23.28  ? 180 PRO A CG  1 
ATOM   1027 C CD  . PRO A 1 181 ? 4.462   12.319  6.950   1.00 23.10  ? 180 PRO A CD  1 
ATOM   1028 N N   . TRP A 1 182 ? 3.166   14.852  4.434   1.00 21.53  ? 181 TRP A N   1 
ATOM   1029 C CA  . TRP A 1 182 ? 2.626   15.472  3.236   1.00 22.49  ? 181 TRP A CA  1 
ATOM   1030 C C   . TRP A 1 182 ? 1.094   15.415  3.266   1.00 22.54  ? 181 TRP A C   1 
ATOM   1031 O O   . TRP A 1 182 ? 0.391   16.406  2.981   1.00 23.90  ? 181 TRP A O   1 
ATOM   1032 C CB  . TRP A 1 182 ? 3.217   14.792  1.965   1.00 20.60  ? 181 TRP A CB  1 
ATOM   1033 C CG  . TRP A 1 182 ? 2.780   15.559  0.683   1.00 25.16  ? 181 TRP A CG  1 
ATOM   1034 C CD1 . TRP A 1 182 ? 3.432   16.574  0.048   1.00 26.01  ? 181 TRP A CD1 1 
ATOM   1035 C CD2 . TRP A 1 182 ? 1.579   15.294  -0.070  1.00 26.38  ? 181 TRP A CD2 1 
ATOM   1036 N NE1 . TRP A 1 182 ? 2.655   17.016  -1.052  1.00 23.31  ? 181 TRP A NE1 1 
ATOM   1037 C CE2 . TRP A 1 182 ? 1.533   16.213  -1.132  1.00 24.76  ? 181 TRP A CE2 1 
ATOM   1038 C CE3 . TRP A 1 182 ? 0.496   14.411  0.116   1.00 25.39  ? 181 TRP A CE3 1 
ATOM   1039 C CZ2 . TRP A 1 182 ? 0.450   16.248  -2.070  1.00 25.58  ? 181 TRP A CZ2 1 
ATOM   1040 C CZ3 . TRP A 1 182 ? -0.602  14.451  -0.826  1.00 24.49  ? 181 TRP A CZ3 1 
ATOM   1041 C CH2 . TRP A 1 182 ? -0.591  15.359  -1.881  1.00 26.51  ? 181 TRP A CH2 1 
ATOM   1042 N N   . ILE A 1 183 ? 0.557   14.247  3.590   1.00 24.98  ? 182 ILE A N   1 
ATOM   1043 C CA  . ILE A 1 183 ? -0.922  14.074  3.646   1.00 25.25  ? 182 ILE A CA  1 
ATOM   1044 C C   . ILE A 1 183 ? -1.535  15.174  4.541   1.00 26.32  ? 182 ILE A C   1 
ATOM   1045 O O   . ILE A 1 183 ? -2.418  15.911  4.097   1.00 26.69  ? 182 ILE A O   1 
ATOM   1046 C CB  . ILE A 1 183 ? -1.263  12.682  4.102   1.00 24.77  ? 182 ILE A CB  1 
ATOM   1047 C CG1 . ILE A 1 183 ? -0.872  11.701  2.962   1.00 23.21  ? 182 ILE A CG1 1 
ATOM   1048 C CG2 . ILE A 1 183 ? -2.808  12.557  4.575   1.00 24.74  ? 182 ILE A CG2 1 
ATOM   1049 C CD1 . ILE A 1 183 ? -0.762  10.241  3.441   1.00 24.47  ? 182 ILE A CD1 1 
ATOM   1050 N N   . GLN A 1 184 ? -0.994  15.350  5.745   1.00 27.70  ? 183 GLN A N   1 
ATOM   1051 C CA  . GLN A 1 184 ? -1.531  16.328  6.663   1.00 30.45  ? 183 GLN A CA  1 
ATOM   1052 C C   . GLN A 1 184 ? -1.364  17.743  6.126   1.00 30.26  ? 183 GLN A C   1 
ATOM   1053 O O   . GLN A 1 184 ? -2.261  18.563  6.276   1.00 30.51  ? 183 GLN A O   1 
ATOM   1054 C CB  . GLN A 1 184 ? -0.862  16.190  8.029   1.00 29.78  ? 183 GLN A CB  1 
ATOM   1055 C CG  . GLN A 1 184 ? -1.343  14.925  8.685   1.00 39.14  ? 183 GLN A CG  1 
ATOM   1056 C CD  . GLN A 1 184 ? -2.884  14.871  8.781   1.00 45.34  ? 183 GLN A CD  1 
ATOM   1057 O OE1 . GLN A 1 184 ? -3.495  15.730  9.444   1.00 47.57  ? 183 GLN A OE1 1 
ATOM   1058 N NE2 . GLN A 1 184 ? -3.517  13.887  8.073   1.00 45.44  ? 183 GLN A NE2 1 
ATOM   1059 N N   . GLU A 1 185 ? -0.234  18.005  5.483   1.00 28.97  ? 184 GLU A N   1 
ATOM   1060 C CA  . GLU A 1 185 ? 0.035   19.331  5.008   1.00 28.14  ? 184 GLU A CA  1 
ATOM   1061 C C   . GLU A 1 185 ? -0.972  19.672  3.888   1.00 29.21  ? 184 GLU A C   1 
ATOM   1062 O O   . GLU A 1 185 ? -1.260  20.882  3.634   1.00 26.23  ? 184 GLU A O   1 
ATOM   1063 C CB  . GLU A 1 185 ? 1.483   19.432  4.548   1.00 27.90  ? 184 GLU A CB  1 
ATOM   1064 C CG  . GLU A 1 185 ? 1.857   20.755  3.859   1.00 29.27  ? 184 GLU A CG  1 
ATOM   1065 C CD  . GLU A 1 185 ? 2.169   21.934  4.839   1.00 37.08  ? 184 GLU A CD  1 
ATOM   1066 O OE1 . GLU A 1 185 ? 1.767   21.889  6.026   1.00 36.90  ? 184 GLU A OE1 1 
ATOM   1067 O OE2 . GLU A 1 185 ? 2.910   22.881  4.415   1.00 41.13  ? 184 GLU A OE2 1 
ATOM   1068 N N   . ASN A 1 186 ? -1.492  18.639  3.220   1.00 26.62  ? 185 ASN A N   1 
ATOM   1069 C CA  . ASN A 1 186 ? -2.333  18.876  2.070   1.00 27.93  ? 185 ASN A CA  1 
ATOM   1070 C C   . ASN A 1 186 ? -3.825  18.613  2.263   1.00 27.75  ? 185 ASN A C   1 
ATOM   1071 O O   . ASN A 1 186 ? -4.542  18.313  1.288   1.00 27.76  ? 185 ASN A O   1 
ATOM   1072 C CB  . ASN A 1 186 ? -1.746  18.173  0.839   1.00 26.84  ? 185 ASN A CB  1 
ATOM   1073 C CG  . ASN A 1 186 ? -0.504  18.873  0.317   1.00 28.91  ? 185 ASN A CG  1 
ATOM   1074 O OD1 . ASN A 1 186 ? -0.613  19.751  -0.516  1.00 31.27  ? 185 ASN A OD1 1 
ATOM   1075 N ND2 . ASN A 1 186 ? 0.706   18.510  0.825   1.00 25.97  ? 185 ASN A ND2 1 
ATOM   1076 N N   . GLY A 1 187 ? -4.262  18.678  3.532   1.00 29.77  ? 186 GLY A N   1 
ATOM   1077 C CA  . GLY A 1 187 ? -5.689  18.665  3.899   1.00 32.07  ? 186 GLY A CA  1 
ATOM   1078 C C   . GLY A 1 187 ? -6.153  17.346  4.474   1.00 32.79  ? 186 GLY A C   1 
ATOM   1079 O O   . GLY A 1 187 ? -7.360  17.140  4.726   1.00 34.68  ? 186 GLY A O   1 
ATOM   1080 N N   . GLY A 1 188 ? -5.216  16.432  4.691   1.00 31.70  ? 187 GLY A N   1 
ATOM   1081 C CA  . GLY A 1 188 ? -5.505  15.113  5.222   1.00 30.31  ? 187 GLY A CA  1 
ATOM   1082 C C   . GLY A 1 188 ? -6.284  14.207  4.273   1.00 30.78  ? 187 GLY A C   1 
ATOM   1083 O O   . GLY A 1 188 ? -6.478  14.532  3.069   1.00 28.56  ? 187 GLY A O   1 
ATOM   1084 N N   . TRP A 1 189 ? -6.695  13.049  4.783   1.00 28.19  ? 188 TRP A N   1 
ATOM   1085 C CA  . TRP A 1 189 ? -7.485  12.134  3.953   1.00 29.66  ? 188 TRP A CA  1 
ATOM   1086 C C   . TRP A 1 189 ? -8.825  12.706  3.419   1.00 29.67  ? 188 TRP A C   1 
ATOM   1087 O O   . TRP A 1 189 ? -9.363  12.191  2.454   1.00 31.28  ? 188 TRP A O   1 
ATOM   1088 C CB  . TRP A 1 189 ? -7.742  10.800  4.677   1.00 27.62  ? 188 TRP A CB  1 
ATOM   1089 C CG  . TRP A 1 189 ? -6.474  9.966   4.819   1.00 29.87  ? 188 TRP A CG  1 
ATOM   1090 C CD1 . TRP A 1 189 ? -5.769  9.751   5.972   1.00 32.96  ? 188 TRP A CD1 1 
ATOM   1091 C CD2 . TRP A 1 189 ? -5.781  9.260   3.780   1.00 26.22  ? 188 TRP A CD2 1 
ATOM   1092 N NE1 . TRP A 1 189 ? -4.694  8.925   5.728   1.00 27.03  ? 188 TRP A NE1 1 
ATOM   1093 C CE2 . TRP A 1 189 ? -4.665  8.619   4.390   1.00 29.33  ? 188 TRP A CE2 1 
ATOM   1094 C CE3 . TRP A 1 189 ? -6.015  9.070   2.407   1.00 26.24  ? 188 TRP A CE3 1 
ATOM   1095 C CZ2 . TRP A 1 189 ? -3.777  7.831   3.683   1.00 26.71  ? 188 TRP A CZ2 1 
ATOM   1096 C CZ3 . TRP A 1 189 ? -5.094  8.289   1.674   1.00 30.51  ? 188 TRP A CZ3 1 
ATOM   1097 C CH2 . TRP A 1 189 ? -3.995  7.659   2.337   1.00 27.08  ? 188 TRP A CH2 1 
ATOM   1098 N N   . ASP A 1 190 ? -9.343  13.781  4.024   1.00 31.41  ? 189 ASP A N   1 
ATOM   1099 C CA  . ASP A 1 190 ? -10.592 14.373  3.580   1.00 31.45  ? 189 ASP A CA  1 
ATOM   1100 C C   . ASP A 1 190 ? -10.400 14.921  2.222   1.00 29.97  ? 189 ASP A C   1 
ATOM   1101 O O   . ASP A 1 190 ? -11.291 14.814  1.396   1.00 29.92  ? 189 ASP A O   1 
ATOM   1102 C CB  . ASP A 1 190 ? -11.071 15.498  4.504   1.00 34.49  ? 189 ASP A CB  1 
ATOM   1103 C CG  . ASP A 1 190 ? -11.590 14.969  5.830   1.00 40.56  ? 189 ASP A CG  1 
ATOM   1104 O OD1 . ASP A 1 190 ? -11.821 13.753  5.996   1.00 50.52  ? 189 ASP A OD1 1 
ATOM   1105 O OD2 . ASP A 1 190 ? -11.769 15.791  6.745   1.00 49.39  ? 189 ASP A OD2 1 
ATOM   1106 N N   . THR A 1 191 ? -9.213  15.457  1.962   1.00 28.03  ? 190 THR A N   1 
ATOM   1107 C CA  . THR A 1 191 ? -8.923  15.992  0.644   1.00 27.58  ? 190 THR A CA  1 
ATOM   1108 C C   . THR A 1 191 ? -8.827  14.867  -0.405  1.00 27.67  ? 190 THR A C   1 
ATOM   1109 O O   . THR A 1 191 ? -9.229  15.025  -1.566  1.00 26.32  ? 190 THR A O   1 
ATOM   1110 C CB  . THR A 1 191 ? -7.600  16.787  0.686   1.00 28.38  ? 190 THR A CB  1 
ATOM   1111 O OG1 . THR A 1 191 ? -7.817  17.973  1.461   1.00 33.07  ? 190 THR A OG1 1 
ATOM   1112 C CG2 . THR A 1 191 ? -7.102  17.165  -0.717  1.00 27.09  ? 190 THR A CG2 1 
ATOM   1113 N N   . PHE A 1 192 ? -8.218  13.759  0.017   1.00 25.10  ? 191 PHE A N   1 
ATOM   1114 C CA  . PHE A 1 192 ? -8.194  12.565  -0.800  1.00 26.81  ? 191 PHE A CA  1 
ATOM   1115 C C   . PHE A 1 192 ? -9.616  12.172  -1.276  1.00 26.88  ? 191 PHE A C   1 
ATOM   1116 O O   . PHE A 1 192 ? -9.857  12.039  -2.471  1.00 25.79  ? 191 PHE A O   1 
ATOM   1117 C CB  . PHE A 1 192 ? -7.530  11.405  -0.048  1.00 27.53  ? 191 PHE A CB  1 
ATOM   1118 C CG  . PHE A 1 192 ? -7.412  10.161  -0.906  1.00 28.76  ? 191 PHE A CG  1 
ATOM   1119 C CD1 . PHE A 1 192 ? -6.356  10.016  -1.779  1.00 28.38  ? 191 PHE A CD1 1 
ATOM   1120 C CD2 . PHE A 1 192 ? -8.398  9.183   -0.866  1.00 30.42  ? 191 PHE A CD2 1 
ATOM   1121 C CE1 . PHE A 1 192 ? -6.265  8.868   -2.650  1.00 27.64  ? 191 PHE A CE1 1 
ATOM   1122 C CE2 . PHE A 1 192 ? -8.323  8.049   -1.685  1.00 34.29  ? 191 PHE A CE2 1 
ATOM   1123 C CZ  . PHE A 1 192 ? -7.257  7.904   -2.592  1.00 29.80  ? 191 PHE A CZ  1 
ATOM   1124 N N   . VAL A 1 193 ? -10.541 12.072  -0.334  1.00 28.03  ? 192 VAL A N   1 
ATOM   1125 C CA  . VAL A 1 193 ? -11.958 11.868  -0.678  1.00 31.29  ? 192 VAL A CA  1 
ATOM   1126 C C   . VAL A 1 193 ? -12.524 12.942  -1.611  1.00 32.41  ? 192 VAL A C   1 
ATOM   1127 O O   . VAL A 1 193 ? -13.297 12.613  -2.538  1.00 34.36  ? 192 VAL A O   1 
ATOM   1128 C CB  . VAL A 1 193 ? -12.789 11.737  0.574   1.00 30.94  ? 192 VAL A CB  1 
ATOM   1129 C CG1 . VAL A 1 193 ? -14.278 11.349  0.223   1.00 34.16  ? 192 VAL A CG1 1 
ATOM   1130 C CG2 . VAL A 1 193 ? -12.228 10.702  1.432   1.00 31.28  ? 192 VAL A CG2 1 
ATOM   1131 N N   . ASP A 1 194 ? -12.167 14.213  -1.398  1.00 32.76  ? 193 ASP A N   1 
ATOM   1132 C CA  . ASP A 1 194 ? -12.649 15.278  -2.272  1.00 33.40  ? 193 ASP A CA  1 
ATOM   1133 C C   . ASP A 1 194 ? -12.159 15.114  -3.691  1.00 35.83  ? 193 ASP A C   1 
ATOM   1134 O O   . ASP A 1 194 ? -12.819 15.604  -4.621  1.00 37.44  ? 193 ASP A O   1 
ATOM   1135 C CB  . ASP A 1 194 ? -12.215 16.677  -1.817  1.00 33.42  ? 193 ASP A CB  1 
ATOM   1136 C CG  . ASP A 1 194 ? -12.918 17.126  -0.557  1.00 33.46  ? 193 ASP A CG  1 
ATOM   1137 O OD1 . ASP A 1 194 ? -13.988 16.578  -0.229  1.00 38.22  ? 193 ASP A OD1 1 
ATOM   1138 O OD2 . ASP A 1 194 ? -12.366 18.018  0.120   1.00 39.50  ? 193 ASP A OD2 1 
ATOM   1139 N N   . LEU A 1 195 ? -11.016 14.492  -3.889  1.00 32.61  ? 194 LEU A N   1 
ATOM   1140 C CA  . LEU A 1 195 ? -10.458 14.437  -5.224  1.00 33.65  ? 194 LEU A CA  1 
ATOM   1141 C C   . LEU A 1 195 ? -10.863 13.175  -5.930  1.00 32.27  ? 194 LEU A C   1 
ATOM   1142 O O   . LEU A 1 195 ? -10.951 13.163  -7.117  1.00 33.75  ? 194 LEU A O   1 
ATOM   1143 C CB  . LEU A 1 195 ? -8.930  14.513  -5.214  1.00 33.73  ? 194 LEU A CB  1 
ATOM   1144 C CG  . LEU A 1 195 ? -8.155  15.669  -4.620  1.00 37.90  ? 194 LEU A CG  1 
ATOM   1145 C CD1 . LEU A 1 195 ? -6.794  15.833  -5.208  1.00 35.69  ? 194 LEU A CD1 1 
ATOM   1146 C CD2 . LEU A 1 195 ? -8.897  16.915  -4.630  1.00 35.54  ? 194 LEU A CD2 1 
ATOM   1147 N N   . TYR A 1 196 ? -11.058 12.120  -5.170  1.00 30.57  ? 195 TYR A N   1 
ATOM   1148 C CA  . TYR A 1 196 ? -11.237 10.797  -5.723  1.00 33.40  ? 195 TYR A CA  1 
ATOM   1149 C C   . TYR A 1 196 ? -12.609 10.222  -5.530  1.00 37.00  ? 195 TYR A C   1 
ATOM   1150 O O   . TYR A 1 196 ? -13.098 9.527   -6.360  1.00 36.11  ? 195 TYR A O   1 
ATOM   1151 C CB  . TYR A 1 196 ? -10.307 9.829   -5.040  1.00 29.77  ? 195 TYR A CB  1 
ATOM   1152 C CG  . TYR A 1 196 ? -8.896  9.886   -5.524  1.00 31.10  ? 195 TYR A CG  1 
ATOM   1153 C CD1 . TYR A 1 196 ? -7.996  10.781  -5.001  1.00 26.57  ? 195 TYR A CD1 1 
ATOM   1154 C CD2 . TYR A 1 196 ? -8.459  9.040   -6.491  1.00 29.88  ? 195 TYR A CD2 1 
ATOM   1155 C CE1 . TYR A 1 196 ? -6.726  10.833  -5.453  1.00 27.22  ? 195 TYR A CE1 1 
ATOM   1156 C CE2 . TYR A 1 196 ? -7.197  9.078   -6.916  1.00 24.74  ? 195 TYR A CE2 1 
ATOM   1157 C CZ  . TYR A 1 196 ? -6.331  9.970   -6.400  1.00 23.16  ? 195 TYR A CZ  1 
ATOM   1158 O OH  . TYR A 1 196 ? -5.099  9.960   -6.876  1.00 26.82  ? 195 TYR A OH  1 
ATOM   1159 N N   . GLY A 1 197 ? -13.151 10.469  -4.356  1.00 40.89  ? 196 GLY A N   1 
ATOM   1160 C CA  . GLY A 1 197 ? -14.246 9.731   -3.809  1.00 43.32  ? 196 GLY A CA  1 
ATOM   1161 C C   . GLY A 1 197 ? -15.508 10.259  -4.379  1.00 45.83  ? 196 GLY A C   1 
ATOM   1162 O O   . GLY A 1 197 ? -16.421 9.486   -4.408  1.00 47.91  ? 196 GLY A O   1 
ATOM   1163 O OXT . GLY A 1 197 ? -15.622 11.055  -4.874  1.00 47.18  ? 196 GLY A OXT 1 
HETATM 1164 O O   . HOH B 2 .   ? -11.367 -8.804  2.513   1.00 26.19  ? 197 HOH A O   1 
HETATM 1165 O O   . HOH B 2 .   ? -11.220 6.004   -8.523  1.00 33.46  ? 198 HOH A O   1 
HETATM 1166 O O   . HOH B 2 .   ? -0.416  -2.494  -11.290 1.00 44.99  ? 199 HOH A O   1 
HETATM 1167 O O   . HOH B 2 .   ? -0.398  -3.727  -8.924  1.00 49.73  ? 200 HOH A O   1 
HETATM 1168 O O   . HOH B 2 .   ? 1.294   -8.970  -8.039  1.00 39.53  ? 201 HOH A O   1 
HETATM 1169 O O   . HOH B 2 .   ? -4.402  -18.720 -2.224  1.00 39.28  ? 202 HOH A O   1 
HETATM 1170 O O   . HOH B 2 .   ? 2.502   -19.297 6.876   1.00 67.86  ? 203 HOH A O   1 
HETATM 1171 O O   . HOH B 2 .   ? 9.365   11.963  7.746   1.00 31.08  ? 204 HOH A O   1 
HETATM 1172 O O   . HOH B 2 .   ? -11.880 18.318  3.110   1.00 52.57  ? 205 HOH A O   1 
HETATM 1173 O O   . HOH B 2 .   ? -8.556  0.987   1.690   1.00 39.02  ? 206 HOH A O   1 
HETATM 1174 O O   . HOH B 2 .   ? -7.603  -1.383  -4.979  1.00 23.08  ? 207 HOH A O   1 
HETATM 1175 O O   . HOH B 2 .   ? -2.501  -4.119  -5.785  1.00 23.30  ? 208 HOH A O   1 
HETATM 1176 O O   . HOH B 2 .   ? -9.407  -7.905  6.868   1.00 36.18  ? 209 HOH A O   1 
HETATM 1177 O O   . HOH B 2 .   ? -11.961 -2.495  6.906   1.00 41.73  ? 210 HOH A O   1 
HETATM 1178 O O   . HOH B 2 .   ? -10.547 -14.257 -2.489  1.00 23.39  ? 211 HOH A O   1 
HETATM 1179 O O   . HOH B 2 .   ? -10.598 -12.966 -8.906  1.00 25.69  ? 212 HOH A O   1 
HETATM 1180 O O   . HOH B 2 .   ? -13.701 -5.826  -7.033  1.00 23.05  ? 213 HOH A O   1 
HETATM 1181 O O   . HOH B 2 .   ? -9.619  -15.376 4.068   1.00 26.86  ? 214 HOH A O   1 
HETATM 1182 O O   . HOH B 2 .   ? -15.566 7.735   -0.975  1.00 37.76  ? 215 HOH A O   1 
HETATM 1183 O O   . HOH B 2 .   ? -16.299 12.841  -2.449  1.00 60.97  ? 216 HOH A O   1 
HETATM 1184 O O   . HOH B 2 .   ? -9.012  -2.342  8.290   1.00 36.84  ? 217 HOH A O   1 
HETATM 1185 O O   . HOH B 2 .   ? -11.502 6.509   -5.928  1.00 29.75  ? 218 HOH A O   1 
HETATM 1186 O O   . HOH B 2 .   ? -9.055  7.376   -9.465  1.00 33.45  ? 219 HOH A O   1 
HETATM 1187 O O   . HOH B 2 .   ? -6.395  6.100   -9.401  1.00 28.13  ? 220 HOH A O   1 
HETATM 1188 O O   . HOH B 2 .   ? -4.309  7.825   -8.630  1.00 25.43  ? 221 HOH A O   1 
HETATM 1189 O O   . HOH B 2 .   ? -2.731  7.576   -10.968 1.00 28.78  ? 222 HOH A O   1 
HETATM 1190 O O   . HOH B 2 .   ? -2.670  6.133   -9.147  1.00 84.33  ? 223 HOH A O   1 
HETATM 1191 O O   . HOH B 2 .   ? 2.247   6.729   -10.842 1.00 44.01  ? 224 HOH A O   1 
HETATM 1192 O O   . HOH B 2 .   ? 6.221   7.351   -8.801  1.00 32.38  ? 225 HOH A O   1 
HETATM 1193 O O   . HOH B 2 .   ? 8.355   10.520  -7.541  1.00 24.56  ? 226 HOH A O   1 
HETATM 1194 O O   . HOH B 2 .   ? -11.406 2.262   -14.104 1.00 46.57  ? 227 HOH A O   1 
HETATM 1195 O O   . HOH B 2 .   ? 9.906   -8.499  -4.610  1.00 32.64  ? 228 HOH A O   1 
HETATM 1196 O O   . HOH B 2 .   ? 12.614  -14.274 -3.736  1.00 34.21  ? 229 HOH A O   1 
HETATM 1197 O O   . HOH B 2 .   ? 0.467   -19.965 -1.795  1.00 33.96  ? 230 HOH A O   1 
HETATM 1198 O O   . HOH B 2 .   ? -0.334  6.792   -9.773  1.00 39.63  ? 231 HOH A O   1 
HETATM 1199 O O   . HOH B 2 .   ? 0.183   -23.317 -0.055  1.00 53.02  ? 232 HOH A O   1 
HETATM 1200 O O   . HOH B 2 .   ? 15.893  -11.679 0.314   1.00 43.27  ? 233 HOH A O   1 
HETATM 1201 O O   . HOH B 2 .   ? 14.065  6.702   3.749   1.00 35.30  ? 234 HOH A O   1 
HETATM 1202 O O   . HOH B 2 .   ? 5.283   15.903  -2.240  1.00 500.00 ? 235 HOH A O   1 
HETATM 1203 O O   . HOH B 2 .   ? 2.480   -12.983 -8.396  1.00 41.39  ? 236 HOH A O   1 
HETATM 1204 O O   . HOH B 2 .   ? 10.738  -10.488 5.319   1.00 40.27  ? 237 HOH A O   1 
HETATM 1205 O O   . HOH B 2 .   ? 3.799   -0.841  11.687  1.00 32.22  ? 238 HOH A O   1 
HETATM 1206 O O   . HOH B 2 .   ? 7.313   -2.064  10.294  1.00 37.02  ? 239 HOH A O   1 
HETATM 1207 O O   . HOH B 2 .   ? 10.572  4.544   7.957   1.00 27.36  ? 240 HOH A O   1 
HETATM 1208 O O   . HOH B 2 .   ? 2.560   16.402  -7.699  1.00 25.04  ? 241 HOH A O   1 
HETATM 1209 O O   . HOH B 2 .   ? 2.750   -19.636 1.710   1.00 35.78  ? 242 HOH A O   1 
HETATM 1210 O O   . HOH B 2 .   ? 0.696   -6.753  10.379  1.00 37.22  ? 243 HOH A O   1 
HETATM 1211 O O   . HOH B 2 .   ? 0.829   20.174  8.183   1.00 34.26  ? 244 HOH A O   1 
HETATM 1212 O O   . HOH B 2 .   ? -6.127  12.636  7.632   1.00 36.94  ? 245 HOH A O   1 
HETATM 1213 O O   . HOH B 2 .   ? -8.688  15.058  6.631   1.00 38.04  ? 246 HOH A O   1 
HETATM 1214 O O   . HOH B 2 .   ? -5.902  -13.021 -9.566  1.00 41.46  ? 247 HOH A O   1 
HETATM 1215 O O   . HOH B 2 .   ? 15.251  -9.111  0.004   1.00 41.29  ? 248 HOH A O   1 
HETATM 1216 O O   . HOH B 2 .   ? 16.818  -6.920  3.480   1.00 39.50  ? 249 HOH A O   1 
HETATM 1217 O O   . HOH B 2 .   ? 12.337  -5.429  9.911   1.00 46.45  ? 250 HOH A O   1 
HETATM 1218 O O   . HOH B 2 .   ? 14.751  1.802   8.845   1.00 44.30  ? 251 HOH A O   1 
HETATM 1219 O O   . HOH B 2 .   ? 15.792  4.792   -2.818  1.00 36.97  ? 252 HOH A O   1 
HETATM 1220 O O   . HOH B 2 .   ? -4.369  -17.075 -0.367  1.00 34.17  ? 253 HOH A O   1 
HETATM 1221 O O   . HOH B 2 .   ? 2.897   2.057   12.351  1.00 47.00  ? 254 HOH A O   1 
HETATM 1222 O O   . HOH B 2 .   ? -10.161 -9.289  15.299  1.00 42.93  ? 255 HOH A O   1 
HETATM 1223 O O   . HOH B 2 .   ? -6.887  -4.528  -10.514 1.00 35.16  ? 256 HOH A O   1 
HETATM 1224 O O   . HOH B 2 .   ? -9.746  -4.647  -11.049 1.00 57.92  ? 257 HOH A O   1 
HETATM 1225 O O   . HOH B 2 .   ? -5.864  -16.492 -6.966  1.00 38.27  ? 258 HOH A O   1 
HETATM 1226 O O   . HOH B 2 .   ? -10.117 -15.222 -8.625  1.00 38.35  ? 259 HOH A O   1 
HETATM 1227 O O   . HOH B 2 .   ? -3.168  -14.534 1.988   1.00 48.00  ? 260 HOH A O   1 
HETATM 1228 O O   . HOH B 2 .   ? -4.158  -6.167  11.681  1.00 41.81  ? 261 HOH A O   1 
HETATM 1229 O O   . HOH B 2 .   ? -9.603  9.819   8.728   1.00 59.43  ? 262 HOH A O   1 
HETATM 1230 O O   . HOH B 2 .   ? -16.303 5.661   9.350   1.00 49.57  ? 263 HOH A O   1 
HETATM 1231 O O   . HOH B 2 .   ? -11.582 0.695   -11.860 1.00 48.59  ? 264 HOH A O   1 
HETATM 1232 O O   . HOH B 2 .   ? -8.921  2.602   -15.168 1.00 32.55  ? 265 HOH A O   1 
HETATM 1233 O O   . HOH B 2 .   ? -4.157  7.582   -19.648 1.00 51.38  ? 266 HOH A O   1 
HETATM 1234 O O   . HOH B 2 .   ? 16.019  5.918   -0.003  1.00 51.17  ? 267 HOH A O   1 
HETATM 1235 O O   . HOH B 2 .   ? 6.103   16.964  -5.401  1.00 39.98  ? 268 HOH A O   1 
HETATM 1236 O O   . HOH B 2 .   ? 3.512   17.027  -5.060  1.00 43.01  ? 269 HOH A O   1 
HETATM 1237 O O   . HOH B 2 .   ? 2.959   22.772  1.383   1.00 48.48  ? 270 HOH A O   1 
HETATM 1238 O O   . HOH B 2 .   ? 5.656   9.351   -10.325 1.00 39.20  ? 271 HOH A O   1 
HETATM 1239 O O   . HOH B 2 .   ? 8.471   10.605  -10.330 1.00 42.98  ? 272 HOH A O   1 
HETATM 1240 O O   . HOH B 2 .   ? 6.373   16.092  -8.173  1.00 35.44  ? 273 HOH A O   1 
HETATM 1241 O O   . HOH B 2 .   ? 7.993   -10.283 -5.294  1.00 34.64  ? 274 HOH A O   1 
HETATM 1242 O O   . HOH B 2 .   ? -4.433  18.123  -3.112  1.00 37.20  ? 275 HOH A O   1 
HETATM 1243 O O   . HOH B 2 .   ? -6.700  19.875  -3.226  1.00 35.22  ? 276 HOH A O   1 
HETATM 1244 O O   . HOH B 2 .   ? -9.405  18.939  4.180   1.00 46.78  ? 277 HOH A O   1 
HETATM 1245 O O   . HOH B 2 .   ? 16.190  -15.006 2.989   1.00 44.54  ? 278 HOH A O   1 
HETATM 1246 O O   . HOH B 2 .   ? 7.432   -22.288 1.526   1.00 35.99  ? 279 HOH A O   1 
HETATM 1247 O O   . HOH B 2 .   ? 1.586   -2.034  12.064  1.00 40.69  ? 280 HOH A O   1 
HETATM 1248 O O   . HOH B 2 .   ? 6.371   5.026   11.439  1.00 34.23  ? 281 HOH A O   1 
HETATM 1249 O O   . HOH B 2 .   ? 10.367  -6.640  9.899   1.00 48.22  ? 282 HOH A O   1 
# 
loop_
_pdbx_poly_seq_scheme.asym_id 
_pdbx_poly_seq_scheme.entity_id 
_pdbx_poly_seq_scheme.seq_id 
_pdbx_poly_seq_scheme.mon_id 
_pdbx_poly_seq_scheme.ndb_seq_num 
_pdbx_poly_seq_scheme.pdb_seq_num 
_pdbx_poly_seq_scheme.auth_seq_num 
_pdbx_poly_seq_scheme.pdb_mon_id 
_pdbx_poly_seq_scheme.auth_mon_id 
_pdbx_poly_seq_scheme.pdb_strand_id 
_pdbx_poly_seq_scheme.pdb_ins_code 
_pdbx_poly_seq_scheme.hetero 
A 1 1   HIS 1   0   0   HIS HIS A . n 
A 1 2   MET 2   1   1   MET MET A . n 
A 1 3   SER 3   2   2   SER SER A . n 
A 1 4   GLN 4   3   3   GLN GLN A . n 
A 1 5   SER 5   4   4   SER SER A . n 
A 1 6   ASN 6   5   5   ASN ASN A . n 
A 1 7   ARG 7   6   6   ARG ARG A . n 
A 1 8   GLU 8   7   7   GLU GLU A . n 
A 1 9   LEU 9   8   8   LEU LEU A . n 
A 1 10  VAL 10  9   9   VAL VAL A . n 
A 1 11  VAL 11  10  10  VAL VAL A . n 
A 1 12  ASP 12  11  11  ASP ASP A . n 
A 1 13  PHE 13  12  12  PHE PHE A . n 
A 1 14  LEU 14  13  13  LEU LEU A . n 
A 1 15  SER 15  14  14  SER SER A . n 
A 1 16  TYR 16  15  15  TYR TYR A . n 
A 1 17  LYS 17  16  16  LYS LYS A . n 
A 1 18  LEU 18  17  17  LEU LEU A . n 
A 1 19  SER 19  18  18  SER SER A . n 
A 1 20  GLN 20  19  19  GLN GLN A . n 
A 1 21  LYS 21  20  20  LYS LYS A . n 
A 1 22  GLY 22  21  21  GLY GLY A . n 
A 1 23  TYR 23  22  22  TYR TYR A . n 
A 1 24  SER 24  23  23  SER SER A . n 
A 1 25  TRP 25  24  24  TRP TRP A . n 
A 1 26  SER 26  25  25  SER SER A . n 
A 1 27  GLN 27  26  26  GLN GLN A . n 
A 1 28  PHE 28  27  27  PHE PHE A . n 
A 1 29  SER 29  28  28  SER SER A . n 
A 1 30  ASP 30  29  ?   ?   ?   A . n 
A 1 31  VAL 31  30  ?   ?   ?   A . n 
A 1 32  GLU 32  31  ?   ?   ?   A . n 
A 1 33  GLU 33  32  ?   ?   ?   A . n 
A 1 34  ASN 34  33  ?   ?   ?   A . n 
A 1 35  ARG 35  34  ?   ?   ?   A . n 
A 1 36  THR 36  35  ?   ?   ?   A . n 
A 1 37  GLU 37  36  ?   ?   ?   A . n 
A 1 38  ALA 38  37  ?   ?   ?   A . n 
A 1 39  PRO 39  38  ?   ?   ?   A . n 
A 1 40  GLU 40  39  ?   ?   ?   A . n 
A 1 41  GLU 41  40  ?   ?   ?   A . n 
A 1 42  THR 42  41  ?   ?   ?   A . n 
A 1 43  GLU 43  42  ?   ?   ?   A . n 
A 1 44  ALA 44  43  ?   ?   ?   A . n 
A 1 45  GLU 45  44  ?   ?   ?   A . n 
A 1 46  ARG 46  45  ?   ?   ?   A . n 
A 1 47  GLU 47  46  ?   ?   ?   A . n 
A 1 48  THR 48  47  ?   ?   ?   A . n 
A 1 49  PRO 49  48  ?   ?   ?   A . n 
A 1 50  SER 50  49  ?   ?   ?   A . n 
A 1 51  ALA 51  50  ?   ?   ?   A . n 
A 1 52  ILE 52  51  ?   ?   ?   A . n 
A 1 53  ASN 53  52  ?   ?   ?   A . n 
A 1 54  GLY 54  53  ?   ?   ?   A . n 
A 1 55  ASN 55  54  ?   ?   ?   A . n 
A 1 56  PRO 56  55  ?   ?   ?   A . n 
A 1 57  SER 57  56  ?   ?   ?   A . n 
A 1 58  TRP 58  57  ?   ?   ?   A . n 
A 1 59  HIS 59  58  ?   ?   ?   A . n 
A 1 60  LEU 60  59  ?   ?   ?   A . n 
A 1 61  ALA 61  60  ?   ?   ?   A . n 
A 1 62  ASP 62  61  ?   ?   ?   A . n 
A 1 63  SER 63  62  ?   ?   ?   A . n 
A 1 64  PRO 64  63  ?   ?   ?   A . n 
A 1 65  ALA 65  64  ?   ?   ?   A . n 
A 1 66  VAL 66  65  ?   ?   ?   A . n 
A 1 67  ASN 67  66  ?   ?   ?   A . n 
A 1 68  GLY 68  67  ?   ?   ?   A . n 
A 1 69  ALA 69  68  ?   ?   ?   A . n 
A 1 70  THR 70  69  ?   ?   ?   A . n 
A 1 71  GLY 71  70  ?   ?   ?   A . n 
A 1 72  HIS 72  71  ?   ?   ?   A . n 
A 1 73  SER 73  72  ?   ?   ?   A . n 
A 1 74  SER 74  73  ?   ?   ?   A . n 
A 1 75  SER 75  74  ?   ?   ?   A . n 
A 1 76  LEU 76  75  ?   ?   ?   A . n 
A 1 77  ASP 77  76  ?   ?   ?   A . n 
A 1 78  ALA 78  77  ?   ?   ?   A . n 
A 1 79  ARG 79  78  ?   ?   ?   A . n 
A 1 80  GLU 80  79  ?   ?   ?   A . n 
A 1 81  VAL 81  80  ?   ?   ?   A . n 
A 1 82  ILE 82  81  ?   ?   ?   A . n 
A 1 83  PRO 83  82  82  PRO PRO A . n 
A 1 84  MET 84  83  83  MET MET A . n 
A 1 85  ALA 85  84  84  ALA ALA A . n 
A 1 86  ALA 86  85  85  ALA ALA A . n 
A 1 87  VAL 87  86  86  VAL VAL A . n 
A 1 88  LYS 88  87  87  LYS LYS A . n 
A 1 89  GLN 89  88  88  GLN GLN A . n 
A 1 90  ALA 90  89  89  ALA ALA A . n 
A 1 91  LEU 91  90  90  LEU LEU A . n 
A 1 92  ARG 92  91  91  ARG ARG A . n 
A 1 93  GLU 93  92  92  GLU GLU A . n 
A 1 94  ALA 94  93  93  ALA ALA A . n 
A 1 95  GLY 95  94  94  GLY GLY A . n 
A 1 96  ASP 96  95  95  ASP ASP A . n 
A 1 97  GLU 97  96  96  GLU GLU A . n 
A 1 98  PHE 98  97  97  PHE PHE A . n 
A 1 99  GLU 99  98  98  GLU GLU A . n 
A 1 100 LEU 100 99  99  LEU LEU A . n 
A 1 101 ARG 101 100 100 ARG ARG A . n 
A 1 102 ALA 102 101 101 ALA ALA A . n 
A 1 103 ARG 103 102 102 ARG ARG A . n 
A 1 104 ARG 104 103 103 ARG ARG A . n 
A 1 105 ALA 105 104 104 ALA ALA A . n 
A 1 106 PHE 106 105 105 PHE PHE A . n 
A 1 107 SER 107 106 106 SER SER A . n 
A 1 108 ASP 108 107 107 ASP ASP A . n 
A 1 109 LEU 109 108 108 LEU LEU A . n 
A 1 110 THR 110 109 109 THR THR A . n 
A 1 111 SER 111 110 110 SER SER A . n 
A 1 112 GLN 112 111 111 GLN GLN A . n 
A 1 113 LEU 113 112 112 LEU LEU A . n 
A 1 114 HIS 114 113 113 HIS HIS A . n 
A 1 115 ILE 115 114 114 ILE ILE A . n 
A 1 116 THR 116 115 115 THR THR A . n 
A 1 117 PRO 117 116 116 PRO PRO A . n 
A 1 118 GLY 118 117 117 GLY GLY A . n 
A 1 119 THR 119 118 118 THR THR A . n 
A 1 120 ALA 120 119 119 ALA ALA A . n 
A 1 121 TYR 121 120 120 TYR TYR A . n 
A 1 122 GLN 122 121 121 GLN GLN A . n 
A 1 123 SER 123 122 122 SER SER A . n 
A 1 124 PHE 124 123 123 PHE PHE A . n 
A 1 125 GLU 125 124 124 GLU GLU A . n 
A 1 126 GLN 126 125 125 GLN GLN A . n 
A 1 127 VAL 127 126 126 VAL VAL A . n 
A 1 128 VAL 128 127 127 VAL VAL A . n 
A 1 129 ASN 129 128 128 ASN ASN A . n 
A 1 130 GLU 130 129 129 GLU GLU A . n 
A 1 131 LEU 131 130 130 LEU LEU A . n 
A 1 132 PHE 132 131 131 PHE PHE A . n 
A 1 133 ARG 133 132 132 ARG ARG A . n 
A 1 134 ASP 134 133 133 ASP ASP A . n 
A 1 135 GLY 135 134 134 GLY GLY A . n 
A 1 136 VAL 136 135 135 VAL VAL A . n 
A 1 137 ASN 137 136 136 ASN ASN A . n 
A 1 138 TRP 138 137 137 TRP TRP A . n 
A 1 139 GLY 139 138 138 GLY GLY A . n 
A 1 140 ARG 140 139 139 ARG ARG A . n 
A 1 141 ILE 141 140 140 ILE ILE A . n 
A 1 142 VAL 142 141 141 VAL VAL A . n 
A 1 143 ALA 143 142 142 ALA ALA A . n 
A 1 144 PHE 144 143 143 PHE PHE A . n 
A 1 145 PHE 145 144 144 PHE PHE A . n 
A 1 146 SER 146 145 145 SER SER A . n 
A 1 147 PHE 147 146 146 PHE PHE A . n 
A 1 148 GLY 148 147 147 GLY GLY A . n 
A 1 149 GLY 149 148 148 GLY GLY A . n 
A 1 150 ALA 150 149 149 ALA ALA A . n 
A 1 151 LEU 151 150 150 LEU LEU A . n 
A 1 152 CYS 152 151 151 CYS CYS A . n 
A 1 153 VAL 153 152 152 VAL VAL A . n 
A 1 154 GLU 154 153 153 GLU GLU A . n 
A 1 155 SER 155 154 154 SER SER A . n 
A 1 156 VAL 156 155 155 VAL VAL A . n 
A 1 157 ASP 157 156 156 ASP ASP A . n 
A 1 158 LYS 158 157 157 LYS LYS A . n 
A 1 159 GLU 159 158 158 GLU GLU A . n 
A 1 160 MET 160 159 159 MET MET A . n 
A 1 161 GLN 161 160 160 GLN GLN A . n 
A 1 162 VAL 162 161 161 VAL VAL A . n 
A 1 163 LEU 163 162 162 LEU LEU A . n 
A 1 164 VAL 164 163 163 VAL VAL A . n 
A 1 165 SER 165 164 164 SER SER A . n 
A 1 166 ARG 166 165 165 ARG ARG A . n 
A 1 167 ILE 167 166 166 ILE ILE A . n 
A 1 168 ALA 168 167 167 ALA ALA A . n 
A 1 169 SER 169 168 168 SER SER A . n 
A 1 170 TRP 170 169 169 TRP TRP A . n 
A 1 171 MET 171 170 170 MET MET A . n 
A 1 172 ALA 172 171 171 ALA ALA A . n 
A 1 173 THR 173 172 172 THR THR A . n 
A 1 174 TYR 174 173 173 TYR TYR A . n 
A 1 175 LEU 175 174 174 LEU LEU A . n 
A 1 176 ASN 176 175 175 ASN ASN A . n 
A 1 177 ASP 177 176 176 ASP ASP A . n 
A 1 178 HIS 178 177 177 HIS HIS A . n 
A 1 179 LEU 179 178 178 LEU LEU A . n 
A 1 180 GLU 180 179 179 GLU GLU A . n 
A 1 181 PRO 181 180 180 PRO PRO A . n 
A 1 182 TRP 182 181 181 TRP TRP A . n 
A 1 183 ILE 183 182 182 ILE ILE A . n 
A 1 184 GLN 184 183 183 GLN GLN A . n 
A 1 185 GLU 185 184 184 GLU GLU A . n 
A 1 186 ASN 186 185 185 ASN ASN A . n 
A 1 187 GLY 187 186 186 GLY GLY A . n 
A 1 188 GLY 188 187 187 GLY GLY A . n 
A 1 189 TRP 189 188 188 TRP TRP A . n 
A 1 190 ASP 190 189 189 ASP ASP A . n 
A 1 191 THR 191 190 190 THR THR A . n 
A 1 192 PHE 192 191 191 PHE PHE A . n 
A 1 193 VAL 193 192 192 VAL VAL A . n 
A 1 194 ASP 194 193 193 ASP ASP A . n 
A 1 195 LEU 195 194 194 LEU LEU A . n 
A 1 196 TYR 196 195 195 TYR TYR A . n 
A 1 197 GLY 197 196 196 GLY GLY A . n 
# 
loop_
_pdbx_nonpoly_scheme.asym_id 
_pdbx_nonpoly_scheme.entity_id 
_pdbx_nonpoly_scheme.mon_id 
_pdbx_nonpoly_scheme.ndb_seq_num 
_pdbx_nonpoly_scheme.pdb_seq_num 
_pdbx_nonpoly_scheme.auth_seq_num 
_pdbx_nonpoly_scheme.pdb_mon_id 
_pdbx_nonpoly_scheme.auth_mon_id 
_pdbx_nonpoly_scheme.pdb_strand_id 
_pdbx_nonpoly_scheme.pdb_ins_code 
B 2 HOH 1  197 1  HOH HOH A . 
B 2 HOH 2  198 1  HOH HOH A . 
B 2 HOH 3  199 1  HOH HOH A . 
B 2 HOH 4  200 1  HOH HOH A . 
B 2 HOH 5  201 1  HOH HOH A . 
B 2 HOH 6  202 1  HOH HOH A . 
B 2 HOH 7  203 1  HOH HOH A . 
B 2 HOH 8  204 1  HOH HOH A . 
B 2 HOH 9  205 1  HOH HOH A . 
B 2 HOH 10 206 1  HOH HOH A . 
B 2 HOH 11 207 2  HOH HOH A . 
B 2 HOH 12 208 3  HOH HOH A . 
B 2 HOH 13 209 4  HOH HOH A . 
B 2 HOH 14 210 5  HOH HOH A . 
B 2 HOH 15 211 6  HOH HOH A . 
B 2 HOH 16 212 7  HOH HOH A . 
B 2 HOH 17 213 8  HOH HOH A . 
B 2 HOH 18 214 9  HOH HOH A . 
B 2 HOH 19 215 10 HOH HOH A . 
B 2 HOH 20 216 11 HOH HOH A . 
B 2 HOH 21 217 12 HOH HOH A . 
B 2 HOH 22 218 13 HOH HOH A . 
B 2 HOH 23 219 14 HOH HOH A . 
B 2 HOH 24 220 16 HOH HOH A . 
B 2 HOH 25 221 17 HOH HOH A . 
B 2 HOH 26 222 18 HOH HOH A . 
B 2 HOH 27 223 19 HOH HOH A . 
B 2 HOH 28 224 20 HOH HOH A . 
B 2 HOH 29 225 21 HOH HOH A . 
B 2 HOH 30 226 22 HOH HOH A . 
B 2 HOH 31 227 23 HOH HOH A . 
B 2 HOH 32 228 24 HOH HOH A . 
B 2 HOH 33 229 25 HOH HOH A . 
B 2 HOH 34 230 27 HOH HOH A . 
B 2 HOH 35 231 28 HOH HOH A . 
B 2 HOH 36 232 29 HOH HOH A . 
B 2 HOH 37 233 30 HOH HOH A . 
B 2 HOH 38 234 31 HOH HOH A . 
B 2 HOH 39 235 32 HOH HOH A . 
B 2 HOH 40 236 33 HOH HOH A . 
B 2 HOH 41 237 35 HOH HOH A . 
B 2 HOH 42 238 36 HOH HOH A . 
B 2 HOH 43 239 37 HOH HOH A . 
B 2 HOH 44 240 38 HOH HOH A . 
B 2 HOH 45 241 1  HOH HOH A . 
B 2 HOH 46 242 3  HOH HOH A . 
B 2 HOH 47 243 4  HOH HOH A . 
B 2 HOH 48 244 5  HOH HOH A . 
B 2 HOH 49 245 6  HOH HOH A . 
B 2 HOH 50 246 7  HOH HOH A . 
B 2 HOH 51 247 1  HOH HOH A . 
B 2 HOH 52 248 2  HOH HOH A . 
B 2 HOH 53 249 3  HOH HOH A . 
B 2 HOH 54 250 4  HOH HOH A . 
B 2 HOH 55 251 5  HOH HOH A . 
B 2 HOH 56 252 6  HOH HOH A . 
B 2 HOH 57 253 1  HOH HOH A . 
B 2 HOH 58 254 1  HOH HOH A . 
B 2 HOH 59 255 2  HOH HOH A . 
B 2 HOH 60 256 3  HOH HOH A . 
B 2 HOH 61 257 4  HOH HOH A . 
B 2 HOH 62 258 5  HOH HOH A . 
B 2 HOH 63 259 6  HOH HOH A . 
B 2 HOH 64 260 7  HOH HOH A . 
B 2 HOH 65 261 9  HOH HOH A . 
B 2 HOH 66 262 10 HOH HOH A . 
B 2 HOH 67 263 11 HOH HOH A . 
B 2 HOH 68 264 12 HOH HOH A . 
B 2 HOH 69 265 13 HOH HOH A . 
B 2 HOH 70 266 14 HOH HOH A . 
B 2 HOH 71 267 15 HOH HOH A . 
B 2 HOH 72 268 16 HOH HOH A . 
B 2 HOH 73 269 17 HOH HOH A . 
B 2 HOH 74 270 19 HOH HOH A . 
B 2 HOH 75 271 20 HOH HOH A . 
B 2 HOH 76 272 21 HOH HOH A . 
B 2 HOH 77 273 22 HOH HOH A . 
B 2 HOH 78 274 23 HOH HOH A . 
B 2 HOH 79 275 24 HOH HOH A . 
B 2 HOH 80 276 25 HOH HOH A . 
B 2 HOH 81 277 26 HOH HOH A . 
B 2 HOH 82 278 27 HOH HOH A . 
B 2 HOH 83 279 28 HOH HOH A . 
B 2 HOH 84 280 29 HOH HOH A . 
B 2 HOH 85 281 30 HOH HOH A . 
B 2 HOH 86 282 31 HOH HOH A . 
# 
_pdbx_struct_assembly.id                   1 
_pdbx_struct_assembly.details              author_and_software_defined_assembly 
_pdbx_struct_assembly.method_details       PISA 
_pdbx_struct_assembly.oligomeric_details   monomeric 
_pdbx_struct_assembly.oligomeric_count     1 
# 
_pdbx_struct_assembly_gen.assembly_id       1 
_pdbx_struct_assembly_gen.oper_expression   1 
_pdbx_struct_assembly_gen.asym_id_list      A,B 
# 
_pdbx_struct_oper_list.id                   1 
_pdbx_struct_oper_list.type                 'identity operation' 
_pdbx_struct_oper_list.name                 1_555 
_pdbx_struct_oper_list.symmetry_operation   x,y,z 
_pdbx_struct_oper_list.matrix[1][1]         1.0000000000 
_pdbx_struct_oper_list.matrix[1][2]         0.0000000000 
_pdbx_struct_oper_list.matrix[1][3]         0.0000000000 
_pdbx_struct_oper_list.vector[1]            0.0000000000 
_pdbx_struct_oper_list.matrix[2][1]         0.0000000000 
_pdbx_struct_oper_list.matrix[2][2]         1.0000000000 
_pdbx_struct_oper_list.matrix[2][3]         0.0000000000 
_pdbx_struct_oper_list.vector[2]            0.0000000000 
_pdbx_struct_oper_list.matrix[3][1]         0.0000000000 
_pdbx_struct_oper_list.matrix[3][2]         0.0000000000 
_pdbx_struct_oper_list.matrix[3][3]         1.0000000000 
_pdbx_struct_oper_list.vector[3]            0.0000000000 
# 
loop_
_pdbx_audit_revision_history.ordinal 
_pdbx_audit_revision_history.data_content_type 
_pdbx_audit_revision_history.major_revision 
_pdbx_audit_revision_history.minor_revision 
_pdbx_audit_revision_history.revision_date 
1 'Structure model' 1 0 2010-04-14 
2 'Structure model' 1 1 2011-07-13 
3 'Structure model' 1 2 2021-11-10 
4 'Structure model' 1 3 2023-11-01 
# 
_pdbx_audit_revision_details.ordinal             1 
_pdbx_audit_revision_details.revision_ordinal    1 
_pdbx_audit_revision_details.data_content_type   'Structure model' 
_pdbx_audit_revision_details.provider            repository 
_pdbx_audit_revision_details.type                'Initial release' 
_pdbx_audit_revision_details.description         ? 
_pdbx_audit_revision_details.details             ? 
# 
loop_
_pdbx_audit_revision_group.ordinal 
_pdbx_audit_revision_group.revision_ordinal 
_pdbx_audit_revision_group.data_content_type 
_pdbx_audit_revision_group.group 
1 2 'Structure model' 'Version format compliance' 
2 3 'Structure model' 'Database references'       
3 4 'Structure model' 'Data collection'           
4 4 'Structure model' 'Refinement description'    
# 
loop_
_pdbx_audit_revision_category.ordinal 
_pdbx_audit_revision_category.revision_ordinal 
_pdbx_audit_revision_category.data_content_type 
_pdbx_audit_revision_category.category 
1 3 'Structure model' database_2                    
2 3 'Structure model' struct_ref_seq_dif            
3 4 'Structure model' chem_comp_atom                
4 4 'Structure model' chem_comp_bond                
5 4 'Structure model' pdbx_initial_refinement_model 
# 
loop_
_pdbx_audit_revision_item.ordinal 
_pdbx_audit_revision_item.revision_ordinal 
_pdbx_audit_revision_item.data_content_type 
_pdbx_audit_revision_item.item 
1 3 'Structure model' '_database_2.pdbx_DOI'                
2 3 'Structure model' '_database_2.pdbx_database_accession' 
3 3 'Structure model' '_struct_ref_seq_dif.details'         
# 
loop_
_software.name 
_software.classification 
_software.version 
_software.citation_id 
_software.pdbx_ordinal 
HKL-2000 'data collection' .        ? 1 
MOLREP   phasing           .        ? 2 
REFMAC   refinement        5.5.0072 ? 3 
HKL-2000 'data reduction'  .        ? 4 
HKL-2000 'data scaling'    .        ? 5 
# 
_pdbx_validate_rmsd_bond.id                        1 
_pdbx_validate_rmsd_bond.PDB_model_num             1 
_pdbx_validate_rmsd_bond.auth_atom_id_1            C 
_pdbx_validate_rmsd_bond.auth_asym_id_1            A 
_pdbx_validate_rmsd_bond.auth_comp_id_1            GLY 
_pdbx_validate_rmsd_bond.auth_seq_id_1             196 
_pdbx_validate_rmsd_bond.PDB_ins_code_1            ? 
_pdbx_validate_rmsd_bond.label_alt_id_1            ? 
_pdbx_validate_rmsd_bond.auth_atom_id_2            OXT 
_pdbx_validate_rmsd_bond.auth_asym_id_2            A 
_pdbx_validate_rmsd_bond.auth_comp_id_2            GLY 
_pdbx_validate_rmsd_bond.auth_seq_id_2             196 
_pdbx_validate_rmsd_bond.PDB_ins_code_2            ? 
_pdbx_validate_rmsd_bond.label_alt_id_2            ? 
_pdbx_validate_rmsd_bond.bond_value                0.945 
_pdbx_validate_rmsd_bond.bond_target_value         1.229 
_pdbx_validate_rmsd_bond.bond_deviation            -0.284 
_pdbx_validate_rmsd_bond.bond_standard_deviation   0.019 
_pdbx_validate_rmsd_bond.linker_flag               N 
# 
_pdbx_validate_torsion.id              1 
_pdbx_validate_torsion.PDB_model_num   1 
_pdbx_validate_torsion.auth_comp_id    HIS 
_pdbx_validate_torsion.auth_asym_id    A 
_pdbx_validate_torsion.auth_seq_id     113 
_pdbx_validate_torsion.PDB_ins_code    ? 
_pdbx_validate_torsion.label_alt_id    ? 
_pdbx_validate_torsion.phi             39.64 
_pdbx_validate_torsion.psi             58.60 
# 
loop_
_pdbx_unobs_or_zero_occ_residues.id 
_pdbx_unobs_or_zero_occ_residues.PDB_model_num 
_pdbx_unobs_or_zero_occ_residues.polymer_flag 
_pdbx_unobs_or_zero_occ_residues.occupancy_flag 
_pdbx_unobs_or_zero_occ_residues.auth_asym_id 
_pdbx_unobs_or_zero_occ_residues.auth_comp_id 
_pdbx_unobs_or_zero_occ_residues.auth_seq_id 
_pdbx_unobs_or_zero_occ_residues.PDB_ins_code 
_pdbx_unobs_or_zero_occ_residues.label_asym_id 
_pdbx_unobs_or_zero_occ_residues.label_comp_id 
_pdbx_unobs_or_zero_occ_residues.label_seq_id 
1  1 Y 1 A ASP 29 ? A ASP 30 
2  1 Y 1 A VAL 30 ? A VAL 31 
3  1 Y 1 A GLU 31 ? A GLU 32 
4  1 Y 1 A GLU 32 ? A GLU 33 
5  1 Y 1 A ASN 33 ? A ASN 34 
6  1 Y 1 A ARG 34 ? A ARG 35 
7  1 Y 1 A THR 35 ? A THR 36 
8  1 Y 1 A GLU 36 ? A GLU 37 
9  1 Y 1 A ALA 37 ? A ALA 38 
10 1 Y 1 A PRO 38 ? A PRO 39 
11 1 Y 1 A GLU 39 ? A GLU 40 
12 1 Y 1 A GLU 40 ? A GLU 41 
13 1 Y 1 A THR 41 ? A THR 42 
14 1 Y 1 A GLU 42 ? A GLU 43 
15 1 Y 1 A ALA 43 ? A ALA 44 
16 1 Y 1 A GLU 44 ? A GLU 45 
17 1 Y 1 A ARG 45 ? A ARG 46 
18 1 Y 1 A GLU 46 ? A GLU 47 
19 1 Y 1 A THR 47 ? A THR 48 
20 1 Y 1 A PRO 48 ? A PRO 49 
21 1 Y 1 A SER 49 ? A SER 50 
22 1 Y 1 A ALA 50 ? A ALA 51 
23 1 Y 1 A ILE 51 ? A ILE 52 
24 1 Y 1 A ASN 52 ? A ASN 53 
25 1 Y 1 A GLY 53 ? A GLY 54 
26 1 Y 1 A ASN 54 ? A ASN 55 
27 1 Y 1 A PRO 55 ? A PRO 56 
28 1 Y 1 A SER 56 ? A SER 57 
29 1 Y 1 A TRP 57 ? A TRP 58 
30 1 Y 1 A HIS 58 ? A HIS 59 
31 1 Y 1 A LEU 59 ? A LEU 60 
32 1 Y 1 A ALA 60 ? A ALA 61 
33 1 Y 1 A ASP 61 ? A ASP 62 
34 1 Y 1 A SER 62 ? A SER 63 
35 1 Y 1 A PRO 63 ? A PRO 64 
36 1 Y 1 A ALA 64 ? A ALA 65 
37 1 Y 1 A VAL 65 ? A VAL 66 
38 1 Y 1 A ASN 66 ? A ASN 67 
39 1 Y 1 A GLY 67 ? A GLY 68 
40 1 Y 1 A ALA 68 ? A ALA 69 
41 1 Y 1 A THR 69 ? A THR 70 
42 1 Y 1 A GLY 70 ? A GLY 71 
43 1 Y 1 A HIS 71 ? A HIS 72 
44 1 Y 1 A SER 72 ? A SER 73 
45 1 Y 1 A SER 73 ? A SER 74 
46 1 Y 1 A SER 74 ? A SER 75 
47 1 Y 1 A LEU 75 ? A LEU 76 
48 1 Y 1 A ASP 76 ? A ASP 77 
49 1 Y 1 A ALA 77 ? A ALA 78 
50 1 Y 1 A ARG 78 ? A ARG 79 
51 1 Y 1 A GLU 79 ? A GLU 80 
52 1 Y 1 A VAL 80 ? A VAL 81 
53 1 Y 1 A ILE 81 ? A ILE 82 
# 
loop_
_chem_comp_atom.comp_id 
_chem_comp_atom.atom_id 
_chem_comp_atom.type_symbol 
_chem_comp_atom.pdbx_aromatic_flag 
_chem_comp_atom.pdbx_stereo_config 
_chem_comp_atom.pdbx_ordinal 
ALA N    N N N 1   
ALA CA   C N S 2   
ALA C    C N N 3   
ALA O    O N N 4   
ALA CB   C N N 5   
ALA OXT  O N N 6   
ALA H    H N N 7   
ALA H2   H N N 8   
ALA HA   H N N 9   
ALA HB1  H N N 10  
ALA HB2  H N N 11  
ALA HB3  H N N 12  
ALA HXT  H N N 13  
ARG N    N N N 14  
ARG CA   C N S 15  
ARG C    C N N 16  
ARG O    O N N 17  
ARG CB   C N N 18  
ARG CG   C N N 19  
ARG CD   C N N 20  
ARG NE   N N N 21  
ARG CZ   C N N 22  
ARG NH1  N N N 23  
ARG NH2  N N N 24  
ARG OXT  O N N 25  
ARG H    H N N 26  
ARG H2   H N N 27  
ARG HA   H N N 28  
ARG HB2  H N N 29  
ARG HB3  H N N 30  
ARG HG2  H N N 31  
ARG HG3  H N N 32  
ARG HD2  H N N 33  
ARG HD3  H N N 34  
ARG HE   H N N 35  
ARG HH11 H N N 36  
ARG HH12 H N N 37  
ARG HH21 H N N 38  
ARG HH22 H N N 39  
ARG HXT  H N N 40  
ASN N    N N N 41  
ASN CA   C N S 42  
ASN C    C N N 43  
ASN O    O N N 44  
ASN CB   C N N 45  
ASN CG   C N N 46  
ASN OD1  O N N 47  
ASN ND2  N N N 48  
ASN OXT  O N N 49  
ASN H    H N N 50  
ASN H2   H N N 51  
ASN HA   H N N 52  
ASN HB2  H N N 53  
ASN HB3  H N N 54  
ASN HD21 H N N 55  
ASN HD22 H N N 56  
ASN HXT  H N N 57  
ASP N    N N N 58  
ASP CA   C N S 59  
ASP C    C N N 60  
ASP O    O N N 61  
ASP CB   C N N 62  
ASP CG   C N N 63  
ASP OD1  O N N 64  
ASP OD2  O N N 65  
ASP OXT  O N N 66  
ASP H    H N N 67  
ASP H2   H N N 68  
ASP HA   H N N 69  
ASP HB2  H N N 70  
ASP HB3  H N N 71  
ASP HD2  H N N 72  
ASP HXT  H N N 73  
CYS N    N N N 74  
CYS CA   C N R 75  
CYS C    C N N 76  
CYS O    O N N 77  
CYS CB   C N N 78  
CYS SG   S N N 79  
CYS OXT  O N N 80  
CYS H    H N N 81  
CYS H2   H N N 82  
CYS HA   H N N 83  
CYS HB2  H N N 84  
CYS HB3  H N N 85  
CYS HG   H N N 86  
CYS HXT  H N N 87  
GLN N    N N N 88  
GLN CA   C N S 89  
GLN C    C N N 90  
GLN O    O N N 91  
GLN CB   C N N 92  
GLN CG   C N N 93  
GLN CD   C N N 94  
GLN OE1  O N N 95  
GLN NE2  N N N 96  
GLN OXT  O N N 97  
GLN H    H N N 98  
GLN H2   H N N 99  
GLN HA   H N N 100 
GLN HB2  H N N 101 
GLN HB3  H N N 102 
GLN HG2  H N N 103 
GLN HG3  H N N 104 
GLN HE21 H N N 105 
GLN HE22 H N N 106 
GLN HXT  H N N 107 
GLU N    N N N 108 
GLU CA   C N S 109 
GLU C    C N N 110 
GLU O    O N N 111 
GLU CB   C N N 112 
GLU CG   C N N 113 
GLU CD   C N N 114 
GLU OE1  O N N 115 
GLU OE2  O N N 116 
GLU OXT  O N N 117 
GLU H    H N N 118 
GLU H2   H N N 119 
GLU HA   H N N 120 
GLU HB2  H N N 121 
GLU HB3  H N N 122 
GLU HG2  H N N 123 
GLU HG3  H N N 124 
GLU HE2  H N N 125 
GLU HXT  H N N 126 
GLY N    N N N 127 
GLY CA   C N N 128 
GLY C    C N N 129 
GLY O    O N N 130 
GLY OXT  O N N 131 
GLY H    H N N 132 
GLY H2   H N N 133 
GLY HA2  H N N 134 
GLY HA3  H N N 135 
GLY HXT  H N N 136 
HIS N    N N N 137 
HIS CA   C N S 138 
HIS C    C N N 139 
HIS O    O N N 140 
HIS CB   C N N 141 
HIS CG   C Y N 142 
HIS ND1  N Y N 143 
HIS CD2  C Y N 144 
HIS CE1  C Y N 145 
HIS NE2  N Y N 146 
HIS OXT  O N N 147 
HIS H    H N N 148 
HIS H2   H N N 149 
HIS HA   H N N 150 
HIS HB2  H N N 151 
HIS HB3  H N N 152 
HIS HD1  H N N 153 
HIS HD2  H N N 154 
HIS HE1  H N N 155 
HIS HE2  H N N 156 
HIS HXT  H N N 157 
HOH O    O N N 158 
HOH H1   H N N 159 
HOH H2   H N N 160 
ILE N    N N N 161 
ILE CA   C N S 162 
ILE C    C N N 163 
ILE O    O N N 164 
ILE CB   C N S 165 
ILE CG1  C N N 166 
ILE CG2  C N N 167 
ILE CD1  C N N 168 
ILE OXT  O N N 169 
ILE H    H N N 170 
ILE H2   H N N 171 
ILE HA   H N N 172 
ILE HB   H N N 173 
ILE HG12 H N N 174 
ILE HG13 H N N 175 
ILE HG21 H N N 176 
ILE HG22 H N N 177 
ILE HG23 H N N 178 
ILE HD11 H N N 179 
ILE HD12 H N N 180 
ILE HD13 H N N 181 
ILE HXT  H N N 182 
LEU N    N N N 183 
LEU CA   C N S 184 
LEU C    C N N 185 
LEU O    O N N 186 
LEU CB   C N N 187 
LEU CG   C N N 188 
LEU CD1  C N N 189 
LEU CD2  C N N 190 
LEU OXT  O N N 191 
LEU H    H N N 192 
LEU H2   H N N 193 
LEU HA   H N N 194 
LEU HB2  H N N 195 
LEU HB3  H N N 196 
LEU HG   H N N 197 
LEU HD11 H N N 198 
LEU HD12 H N N 199 
LEU HD13 H N N 200 
LEU HD21 H N N 201 
LEU HD22 H N N 202 
LEU HD23 H N N 203 
LEU HXT  H N N 204 
LYS N    N N N 205 
LYS CA   C N S 206 
LYS C    C N N 207 
LYS O    O N N 208 
LYS CB   C N N 209 
LYS CG   C N N 210 
LYS CD   C N N 211 
LYS CE   C N N 212 
LYS NZ   N N N 213 
LYS OXT  O N N 214 
LYS H    H N N 215 
LYS H2   H N N 216 
LYS HA   H N N 217 
LYS HB2  H N N 218 
LYS HB3  H N N 219 
LYS HG2  H N N 220 
LYS HG3  H N N 221 
LYS HD2  H N N 222 
LYS HD3  H N N 223 
LYS HE2  H N N 224 
LYS HE3  H N N 225 
LYS HZ1  H N N 226 
LYS HZ2  H N N 227 
LYS HZ3  H N N 228 
LYS HXT  H N N 229 
MET N    N N N 230 
MET CA   C N S 231 
MET C    C N N 232 
MET O    O N N 233 
MET CB   C N N 234 
MET CG   C N N 235 
MET SD   S N N 236 
MET CE   C N N 237 
MET OXT  O N N 238 
MET H    H N N 239 
MET H2   H N N 240 
MET HA   H N N 241 
MET HB2  H N N 242 
MET HB3  H N N 243 
MET HG2  H N N 244 
MET HG3  H N N 245 
MET HE1  H N N 246 
MET HE2  H N N 247 
MET HE3  H N N 248 
MET HXT  H N N 249 
PHE N    N N N 250 
PHE CA   C N S 251 
PHE C    C N N 252 
PHE O    O N N 253 
PHE CB   C N N 254 
PHE CG   C Y N 255 
PHE CD1  C Y N 256 
PHE CD2  C Y N 257 
PHE CE1  C Y N 258 
PHE CE2  C Y N 259 
PHE CZ   C Y N 260 
PHE OXT  O N N 261 
PHE H    H N N 262 
PHE H2   H N N 263 
PHE HA   H N N 264 
PHE HB2  H N N 265 
PHE HB3  H N N 266 
PHE HD1  H N N 267 
PHE HD2  H N N 268 
PHE HE1  H N N 269 
PHE HE2  H N N 270 
PHE HZ   H N N 271 
PHE HXT  H N N 272 
PRO N    N N N 273 
PRO CA   C N S 274 
PRO C    C N N 275 
PRO O    O N N 276 
PRO CB   C N N 277 
PRO CG   C N N 278 
PRO CD   C N N 279 
PRO OXT  O N N 280 
PRO H    H N N 281 
PRO HA   H N N 282 
PRO HB2  H N N 283 
PRO HB3  H N N 284 
PRO HG2  H N N 285 
PRO HG3  H N N 286 
PRO HD2  H N N 287 
PRO HD3  H N N 288 
PRO HXT  H N N 289 
SER N    N N N 290 
SER CA   C N S 291 
SER C    C N N 292 
SER O    O N N 293 
SER CB   C N N 294 
SER OG   O N N 295 
SER OXT  O N N 296 
SER H    H N N 297 
SER H2   H N N 298 
SER HA   H N N 299 
SER HB2  H N N 300 
SER HB3  H N N 301 
SER HG   H N N 302 
SER HXT  H N N 303 
THR N    N N N 304 
THR CA   C N S 305 
THR C    C N N 306 
THR O    O N N 307 
THR CB   C N R 308 
THR OG1  O N N 309 
THR CG2  C N N 310 
THR OXT  O N N 311 
THR H    H N N 312 
THR H2   H N N 313 
THR HA   H N N 314 
THR HB   H N N 315 
THR HG1  H N N 316 
THR HG21 H N N 317 
THR HG22 H N N 318 
THR HG23 H N N 319 
THR HXT  H N N 320 
TRP N    N N N 321 
TRP CA   C N S 322 
TRP C    C N N 323 
TRP O    O N N 324 
TRP CB   C N N 325 
TRP CG   C Y N 326 
TRP CD1  C Y N 327 
TRP CD2  C Y N 328 
TRP NE1  N Y N 329 
TRP CE2  C Y N 330 
TRP CE3  C Y N 331 
TRP CZ2  C Y N 332 
TRP CZ3  C Y N 333 
TRP CH2  C Y N 334 
TRP OXT  O N N 335 
TRP H    H N N 336 
TRP H2   H N N 337 
TRP HA   H N N 338 
TRP HB2  H N N 339 
TRP HB3  H N N 340 
TRP HD1  H N N 341 
TRP HE1  H N N 342 
TRP HE3  H N N 343 
TRP HZ2  H N N 344 
TRP HZ3  H N N 345 
TRP HH2  H N N 346 
TRP HXT  H N N 347 
TYR N    N N N 348 
TYR CA   C N S 349 
TYR C    C N N 350 
TYR O    O N N 351 
TYR CB   C N N 352 
TYR CG   C Y N 353 
TYR CD1  C Y N 354 
TYR CD2  C Y N 355 
TYR CE1  C Y N 356 
TYR CE2  C Y N 357 
TYR CZ   C Y N 358 
TYR OH   O N N 359 
TYR OXT  O N N 360 
TYR H    H N N 361 
TYR H2   H N N 362 
TYR HA   H N N 363 
TYR HB2  H N N 364 
TYR HB3  H N N 365 
TYR HD1  H N N 366 
TYR HD2  H N N 367 
TYR HE1  H N N 368 
TYR HE2  H N N 369 
TYR HH   H N N 370 
TYR HXT  H N N 371 
VAL N    N N N 372 
VAL CA   C N S 373 
VAL C    C N N 374 
VAL O    O N N 375 
VAL CB   C N N 376 
VAL CG1  C N N 377 
VAL CG2  C N N 378 
VAL OXT  O N N 379 
VAL H    H N N 380 
VAL H2   H N N 381 
VAL HA   H N N 382 
VAL HB   H N N 383 
VAL HG11 H N N 384 
VAL HG12 H N N 385 
VAL HG13 H N N 386 
VAL HG21 H N N 387 
VAL HG22 H N N 388 
VAL HG23 H N N 389 
VAL HXT  H N N 390 
# 
loop_
_chem_comp_bond.comp_id 
_chem_comp_bond.atom_id_1 
_chem_comp_bond.atom_id_2 
_chem_comp_bond.value_order 
_chem_comp_bond.pdbx_aromatic_flag 
_chem_comp_bond.pdbx_stereo_config 
_chem_comp_bond.pdbx_ordinal 
ALA N   CA   sing N N 1   
ALA N   H    sing N N 2   
ALA N   H2   sing N N 3   
ALA CA  C    sing N N 4   
ALA CA  CB   sing N N 5   
ALA CA  HA   sing N N 6   
ALA C   O    doub N N 7   
ALA C   OXT  sing N N 8   
ALA CB  HB1  sing N N 9   
ALA CB  HB2  sing N N 10  
ALA CB  HB3  sing N N 11  
ALA OXT HXT  sing N N 12  
ARG N   CA   sing N N 13  
ARG N   H    sing N N 14  
ARG N   H2   sing N N 15  
ARG CA  C    sing N N 16  
ARG CA  CB   sing N N 17  
ARG CA  HA   sing N N 18  
ARG C   O    doub N N 19  
ARG C   OXT  sing N N 20  
ARG CB  CG   sing N N 21  
ARG CB  HB2  sing N N 22  
ARG CB  HB3  sing N N 23  
ARG CG  CD   sing N N 24  
ARG CG  HG2  sing N N 25  
ARG CG  HG3  sing N N 26  
ARG CD  NE   sing N N 27  
ARG CD  HD2  sing N N 28  
ARG CD  HD3  sing N N 29  
ARG NE  CZ   sing N N 30  
ARG NE  HE   sing N N 31  
ARG CZ  NH1  sing N N 32  
ARG CZ  NH2  doub N N 33  
ARG NH1 HH11 sing N N 34  
ARG NH1 HH12 sing N N 35  
ARG NH2 HH21 sing N N 36  
ARG NH2 HH22 sing N N 37  
ARG OXT HXT  sing N N 38  
ASN N   CA   sing N N 39  
ASN N   H    sing N N 40  
ASN N   H2   sing N N 41  
ASN CA  C    sing N N 42  
ASN CA  CB   sing N N 43  
ASN CA  HA   sing N N 44  
ASN C   O    doub N N 45  
ASN C   OXT  sing N N 46  
ASN CB  CG   sing N N 47  
ASN CB  HB2  sing N N 48  
ASN CB  HB3  sing N N 49  
ASN CG  OD1  doub N N 50  
ASN CG  ND2  sing N N 51  
ASN ND2 HD21 sing N N 52  
ASN ND2 HD22 sing N N 53  
ASN OXT HXT  sing N N 54  
ASP N   CA   sing N N 55  
ASP N   H    sing N N 56  
ASP N   H2   sing N N 57  
ASP CA  C    sing N N 58  
ASP CA  CB   sing N N 59  
ASP CA  HA   sing N N 60  
ASP C   O    doub N N 61  
ASP C   OXT  sing N N 62  
ASP CB  CG   sing N N 63  
ASP CB  HB2  sing N N 64  
ASP CB  HB3  sing N N 65  
ASP CG  OD1  doub N N 66  
ASP CG  OD2  sing N N 67  
ASP OD2 HD2  sing N N 68  
ASP OXT HXT  sing N N 69  
CYS N   CA   sing N N 70  
CYS N   H    sing N N 71  
CYS N   H2   sing N N 72  
CYS CA  C    sing N N 73  
CYS CA  CB   sing N N 74  
CYS CA  HA   sing N N 75  
CYS C   O    doub N N 76  
CYS C   OXT  sing N N 77  
CYS CB  SG   sing N N 78  
CYS CB  HB2  sing N N 79  
CYS CB  HB3  sing N N 80  
CYS SG  HG   sing N N 81  
CYS OXT HXT  sing N N 82  
GLN N   CA   sing N N 83  
GLN N   H    sing N N 84  
GLN N   H2   sing N N 85  
GLN CA  C    sing N N 86  
GLN CA  CB   sing N N 87  
GLN CA  HA   sing N N 88  
GLN C   O    doub N N 89  
GLN C   OXT  sing N N 90  
GLN CB  CG   sing N N 91  
GLN CB  HB2  sing N N 92  
GLN CB  HB3  sing N N 93  
GLN CG  CD   sing N N 94  
GLN CG  HG2  sing N N 95  
GLN CG  HG3  sing N N 96  
GLN CD  OE1  doub N N 97  
GLN CD  NE2  sing N N 98  
GLN NE2 HE21 sing N N 99  
GLN NE2 HE22 sing N N 100 
GLN OXT HXT  sing N N 101 
GLU N   CA   sing N N 102 
GLU N   H    sing N N 103 
GLU N   H2   sing N N 104 
GLU CA  C    sing N N 105 
GLU CA  CB   sing N N 106 
GLU CA  HA   sing N N 107 
GLU C   O    doub N N 108 
GLU C   OXT  sing N N 109 
GLU CB  CG   sing N N 110 
GLU CB  HB2  sing N N 111 
GLU CB  HB3  sing N N 112 
GLU CG  CD   sing N N 113 
GLU CG  HG2  sing N N 114 
GLU CG  HG3  sing N N 115 
GLU CD  OE1  doub N N 116 
GLU CD  OE2  sing N N 117 
GLU OE2 HE2  sing N N 118 
GLU OXT HXT  sing N N 119 
GLY N   CA   sing N N 120 
GLY N   H    sing N N 121 
GLY N   H2   sing N N 122 
GLY CA  C    sing N N 123 
GLY CA  HA2  sing N N 124 
GLY CA  HA3  sing N N 125 
GLY C   O    doub N N 126 
GLY C   OXT  sing N N 127 
GLY OXT HXT  sing N N 128 
HIS N   CA   sing N N 129 
HIS N   H    sing N N 130 
HIS N   H2   sing N N 131 
HIS CA  C    sing N N 132 
HIS CA  CB   sing N N 133 
HIS CA  HA   sing N N 134 
HIS C   O    doub N N 135 
HIS C   OXT  sing N N 136 
HIS CB  CG   sing N N 137 
HIS CB  HB2  sing N N 138 
HIS CB  HB3  sing N N 139 
HIS CG  ND1  sing Y N 140 
HIS CG  CD2  doub Y N 141 
HIS ND1 CE1  doub Y N 142 
HIS ND1 HD1  sing N N 143 
HIS CD2 NE2  sing Y N 144 
HIS CD2 HD2  sing N N 145 
HIS CE1 NE2  sing Y N 146 
HIS CE1 HE1  sing N N 147 
HIS NE2 HE2  sing N N 148 
HIS OXT HXT  sing N N 149 
HOH O   H1   sing N N 150 
HOH O   H2   sing N N 151 
ILE N   CA   sing N N 152 
ILE N   H    sing N N 153 
ILE N   H2   sing N N 154 
ILE CA  C    sing N N 155 
ILE CA  CB   sing N N 156 
ILE CA  HA   sing N N 157 
ILE C   O    doub N N 158 
ILE C   OXT  sing N N 159 
ILE CB  CG1  sing N N 160 
ILE CB  CG2  sing N N 161 
ILE CB  HB   sing N N 162 
ILE CG1 CD1  sing N N 163 
ILE CG1 HG12 sing N N 164 
ILE CG1 HG13 sing N N 165 
ILE CG2 HG21 sing N N 166 
ILE CG2 HG22 sing N N 167 
ILE CG2 HG23 sing N N 168 
ILE CD1 HD11 sing N N 169 
ILE CD1 HD12 sing N N 170 
ILE CD1 HD13 sing N N 171 
ILE OXT HXT  sing N N 172 
LEU N   CA   sing N N 173 
LEU N   H    sing N N 174 
LEU N   H2   sing N N 175 
LEU CA  C    sing N N 176 
LEU CA  CB   sing N N 177 
LEU CA  HA   sing N N 178 
LEU C   O    doub N N 179 
LEU C   OXT  sing N N 180 
LEU CB  CG   sing N N 181 
LEU CB  HB2  sing N N 182 
LEU CB  HB3  sing N N 183 
LEU CG  CD1  sing N N 184 
LEU CG  CD2  sing N N 185 
LEU CG  HG   sing N N 186 
LEU CD1 HD11 sing N N 187 
LEU CD1 HD12 sing N N 188 
LEU CD1 HD13 sing N N 189 
LEU CD2 HD21 sing N N 190 
LEU CD2 HD22 sing N N 191 
LEU CD2 HD23 sing N N 192 
LEU OXT HXT  sing N N 193 
LYS N   CA   sing N N 194 
LYS N   H    sing N N 195 
LYS N   H2   sing N N 196 
LYS CA  C    sing N N 197 
LYS CA  CB   sing N N 198 
LYS CA  HA   sing N N 199 
LYS C   O    doub N N 200 
LYS C   OXT  sing N N 201 
LYS CB  CG   sing N N 202 
LYS CB  HB2  sing N N 203 
LYS CB  HB3  sing N N 204 
LYS CG  CD   sing N N 205 
LYS CG  HG2  sing N N 206 
LYS CG  HG3  sing N N 207 
LYS CD  CE   sing N N 208 
LYS CD  HD2  sing N N 209 
LYS CD  HD3  sing N N 210 
LYS CE  NZ   sing N N 211 
LYS CE  HE2  sing N N 212 
LYS CE  HE3  sing N N 213 
LYS NZ  HZ1  sing N N 214 
LYS NZ  HZ2  sing N N 215 
LYS NZ  HZ3  sing N N 216 
LYS OXT HXT  sing N N 217 
MET N   CA   sing N N 218 
MET N   H    sing N N 219 
MET N   H2   sing N N 220 
MET CA  C    sing N N 221 
MET CA  CB   sing N N 222 
MET CA  HA   sing N N 223 
MET C   O    doub N N 224 
MET C   OXT  sing N N 225 
MET CB  CG   sing N N 226 
MET CB  HB2  sing N N 227 
MET CB  HB3  sing N N 228 
MET CG  SD   sing N N 229 
MET CG  HG2  sing N N 230 
MET CG  HG3  sing N N 231 
MET SD  CE   sing N N 232 
MET CE  HE1  sing N N 233 
MET CE  HE2  sing N N 234 
MET CE  HE3  sing N N 235 
MET OXT HXT  sing N N 236 
PHE N   CA   sing N N 237 
PHE N   H    sing N N 238 
PHE N   H2   sing N N 239 
PHE CA  C    sing N N 240 
PHE CA  CB   sing N N 241 
PHE CA  HA   sing N N 242 
PHE C   O    doub N N 243 
PHE C   OXT  sing N N 244 
PHE CB  CG   sing N N 245 
PHE CB  HB2  sing N N 246 
PHE CB  HB3  sing N N 247 
PHE CG  CD1  doub Y N 248 
PHE CG  CD2  sing Y N 249 
PHE CD1 CE1  sing Y N 250 
PHE CD1 HD1  sing N N 251 
PHE CD2 CE2  doub Y N 252 
PHE CD2 HD2  sing N N 253 
PHE CE1 CZ   doub Y N 254 
PHE CE1 HE1  sing N N 255 
PHE CE2 CZ   sing Y N 256 
PHE CE2 HE2  sing N N 257 
PHE CZ  HZ   sing N N 258 
PHE OXT HXT  sing N N 259 
PRO N   CA   sing N N 260 
PRO N   CD   sing N N 261 
PRO N   H    sing N N 262 
PRO CA  C    sing N N 263 
PRO CA  CB   sing N N 264 
PRO CA  HA   sing N N 265 
PRO C   O    doub N N 266 
PRO C   OXT  sing N N 267 
PRO CB  CG   sing N N 268 
PRO CB  HB2  sing N N 269 
PRO CB  HB3  sing N N 270 
PRO CG  CD   sing N N 271 
PRO CG  HG2  sing N N 272 
PRO CG  HG3  sing N N 273 
PRO CD  HD2  sing N N 274 
PRO CD  HD3  sing N N 275 
PRO OXT HXT  sing N N 276 
SER N   CA   sing N N 277 
SER N   H    sing N N 278 
SER N   H2   sing N N 279 
SER CA  C    sing N N 280 
SER CA  CB   sing N N 281 
SER CA  HA   sing N N 282 
SER C   O    doub N N 283 
SER C   OXT  sing N N 284 
SER CB  OG   sing N N 285 
SER CB  HB2  sing N N 286 
SER CB  HB3  sing N N 287 
SER OG  HG   sing N N 288 
SER OXT HXT  sing N N 289 
THR N   CA   sing N N 290 
THR N   H    sing N N 291 
THR N   H2   sing N N 292 
THR CA  C    sing N N 293 
THR CA  CB   sing N N 294 
THR CA  HA   sing N N 295 
THR C   O    doub N N 296 
THR C   OXT  sing N N 297 
THR CB  OG1  sing N N 298 
THR CB  CG2  sing N N 299 
THR CB  HB   sing N N 300 
THR OG1 HG1  sing N N 301 
THR CG2 HG21 sing N N 302 
THR CG2 HG22 sing N N 303 
THR CG2 HG23 sing N N 304 
THR OXT HXT  sing N N 305 
TRP N   CA   sing N N 306 
TRP N   H    sing N N 307 
TRP N   H2   sing N N 308 
TRP CA  C    sing N N 309 
TRP CA  CB   sing N N 310 
TRP CA  HA   sing N N 311 
TRP C   O    doub N N 312 
TRP C   OXT  sing N N 313 
TRP CB  CG   sing N N 314 
TRP CB  HB2  sing N N 315 
TRP CB  HB3  sing N N 316 
TRP CG  CD1  doub Y N 317 
TRP CG  CD2  sing Y N 318 
TRP CD1 NE1  sing Y N 319 
TRP CD1 HD1  sing N N 320 
TRP CD2 CE2  doub Y N 321 
TRP CD2 CE3  sing Y N 322 
TRP NE1 CE2  sing Y N 323 
TRP NE1 HE1  sing N N 324 
TRP CE2 CZ2  sing Y N 325 
TRP CE3 CZ3  doub Y N 326 
TRP CE3 HE3  sing N N 327 
TRP CZ2 CH2  doub Y N 328 
TRP CZ2 HZ2  sing N N 329 
TRP CZ3 CH2  sing Y N 330 
TRP CZ3 HZ3  sing N N 331 
TRP CH2 HH2  sing N N 332 
TRP OXT HXT  sing N N 333 
TYR N   CA   sing N N 334 
TYR N   H    sing N N 335 
TYR N   H2   sing N N 336 
TYR CA  C    sing N N 337 
TYR CA  CB   sing N N 338 
TYR CA  HA   sing N N 339 
TYR C   O    doub N N 340 
TYR C   OXT  sing N N 341 
TYR CB  CG   sing N N 342 
TYR CB  HB2  sing N N 343 
TYR CB  HB3  sing N N 344 
TYR CG  CD1  doub Y N 345 
TYR CG  CD2  sing Y N 346 
TYR CD1 CE1  sing Y N 347 
TYR CD1 HD1  sing N N 348 
TYR CD2 CE2  doub Y N 349 
TYR CD2 HD2  sing N N 350 
TYR CE1 CZ   doub Y N 351 
TYR CE1 HE1  sing N N 352 
TYR CE2 CZ   sing Y N 353 
TYR CE2 HE2  sing N N 354 
TYR CZ  OH   sing N N 355 
TYR OH  HH   sing N N 356 
TYR OXT HXT  sing N N 357 
VAL N   CA   sing N N 358 
VAL N   H    sing N N 359 
VAL N   H2   sing N N 360 
VAL CA  C    sing N N 361 
VAL CA  CB   sing N N 362 
VAL CA  HA   sing N N 363 
VAL C   O    doub N N 364 
VAL C   OXT  sing N N 365 
VAL CB  CG1  sing N N 366 
VAL CB  CG2  sing N N 367 
VAL CB  HB   sing N N 368 
VAL CG1 HG11 sing N N 369 
VAL CG1 HG12 sing N N 370 
VAL CG1 HG13 sing N N 371 
VAL CG2 HG21 sing N N 372 
VAL CG2 HG22 sing N N 373 
VAL CG2 HG23 sing N N 374 
VAL OXT HXT  sing N N 375 
# 
_pdbx_entity_nonpoly.entity_id   2 
_pdbx_entity_nonpoly.name        water 
_pdbx_entity_nonpoly.comp_id     HOH 
# 
_pdbx_initial_refinement_model.id               1 
_pdbx_initial_refinement_model.entity_id_list   ? 
_pdbx_initial_refinement_model.type             'experimental model' 
_pdbx_initial_refinement_model.source_name      PDB 
_pdbx_initial_refinement_model.accession_code   1PQ0 
_pdbx_initial_refinement_model.details          ? 
# 
